data_2HWX
# 
_entry.id   2HWX 
# 
_audit_conform.dict_name       mmcif_pdbx.dic 
_audit_conform.dict_version    5.387 
_audit_conform.dict_location   http://mmcif.pdb.org/dictionaries/ascii/mmcif_pdbx.dic 
# 
loop_
_database_2.database_id 
_database_2.database_code 
_database_2.pdbx_database_accession 
_database_2.pdbx_DOI 
PDB   2HWX         pdb_00002hwx 10.2210/pdb2hwx/pdb 
RCSB  RCSB038855   ?            ?                   
WWPDB D_1000038855 ?            ?                   
# 
loop_
_pdbx_audit_revision_history.ordinal 
_pdbx_audit_revision_history.data_content_type 
_pdbx_audit_revision_history.major_revision 
_pdbx_audit_revision_history.minor_revision 
_pdbx_audit_revision_history.revision_date 
1 'Structure model' 1 0 2006-11-14 
2 'Structure model' 1 1 2008-05-01 
3 'Structure model' 1 2 2011-07-13 
4 'Structure model' 1 3 2021-10-20 
5 'Structure model' 1 4 2024-02-14 
# 
_pdbx_audit_revision_details.ordinal             1 
_pdbx_audit_revision_details.revision_ordinal    1 
_pdbx_audit_revision_details.data_content_type   'Structure model' 
_pdbx_audit_revision_details.provider            repository 
_pdbx_audit_revision_details.type                'Initial release' 
_pdbx_audit_revision_details.description         ? 
_pdbx_audit_revision_details.details             ? 
# 
loop_
_pdbx_audit_revision_group.ordinal 
_pdbx_audit_revision_group.revision_ordinal 
_pdbx_audit_revision_group.data_content_type 
_pdbx_audit_revision_group.group 
1 2 'Structure model' 'Version format compliance' 
2 3 'Structure model' 'Version format compliance' 
3 4 'Structure model' 'Database references'       
4 5 'Structure model' 'Data collection'           
# 
loop_
_pdbx_audit_revision_category.ordinal 
_pdbx_audit_revision_category.revision_ordinal 
_pdbx_audit_revision_category.data_content_type 
_pdbx_audit_revision_category.category 
1 4 'Structure model' database_2         
2 4 'Structure model' struct_ref_seq_dif 
3 5 'Structure model' chem_comp_atom     
4 5 'Structure model' chem_comp_bond     
# 
loop_
_pdbx_audit_revision_item.ordinal 
_pdbx_audit_revision_item.revision_ordinal 
_pdbx_audit_revision_item.data_content_type 
_pdbx_audit_revision_item.item 
1 4 'Structure model' '_database_2.pdbx_DOI'                
2 4 'Structure model' '_database_2.pdbx_database_accession' 
3 4 'Structure model' '_struct_ref_seq_dif.details'         
# 
_pdbx_database_status.status_code                     REL 
_pdbx_database_status.entry_id                        2HWX 
_pdbx_database_status.recvd_initial_deposition_date   2006-08-02 
_pdbx_database_status.deposit_site                    RCSB 
_pdbx_database_status.process_site                    RCSB 
_pdbx_database_status.status_code_sf                  REL 
_pdbx_database_status.status_code_mr                  ? 
_pdbx_database_status.SG_entry                        ? 
_pdbx_database_status.pdb_format_compatible           Y 
_pdbx_database_status.status_code_cs                  ? 
_pdbx_database_status.status_code_nmr_data            ? 
_pdbx_database_status.methods_development_category    ? 
# 
_pdbx_database_related.db_name        PDB 
_pdbx_database_related.db_id          2HWW 
_pdbx_database_related.details        . 
_pdbx_database_related.content_type   unspecified 
# 
loop_
_audit_author.name 
_audit_author.pdbx_ordinal 
'Glavan, F.'       1 
'Behm-Ansmant, I.' 2 
'Izaurralde, E.'   3 
'Conti, E.'        4 
# 
_citation.id                        primary 
_citation.title                     
'Structures of the PIN domains of SMG6 and SMG5 reveal a nuclease within the mRNA surveillance complex.' 
_citation.journal_abbrev            'Embo J.' 
_citation.journal_volume            25 
_citation.page_first                5117 
_citation.page_last                 5125 
_citation.year                      2006 
_citation.journal_id_ASTM           EMJODG 
_citation.country                   UK 
_citation.journal_id_ISSN           0261-4189 
_citation.journal_id_CSD            0897 
_citation.book_publisher            ? 
_citation.pdbx_database_id_PubMed   17053788 
_citation.pdbx_database_id_DOI      10.1038/sj.emboj.7601377 
# 
loop_
_citation_author.citation_id 
_citation_author.name 
_citation_author.ordinal 
_citation_author.identifier_ORCID 
primary 'Glavan, F.'       1 ? 
primary 'Behm-Ansmant, I.' 2 ? 
primary 'Izaurralde, E.'   3 ? 
primary 'Conti, E.'        4 ? 
# 
loop_
_entity.id 
_entity.type 
_entity.src_method 
_entity.pdbx_description 
_entity.formula_weight 
_entity.pdbx_number_of_molecules 
_entity.pdbx_ec 
_entity.pdbx_mutation 
_entity.pdbx_fragment 
_entity.details 
1 polymer man 'Telomerase-binding protein EST1A' 20566.730 1   ? E1282C 'PIN domain' ? 
2 water   nat water                              18.015    178 ? ?      ?            ? 
# 
_entity_name_com.entity_id   1 
_entity_name_com.name        'Ever shorter telomeres 1A, Telomerase subunit EST1A, EST1-like protein A, hSmg5/7a' 
# 
_entity_poly.entity_id                      1 
_entity_poly.type                           'polypeptide(L)' 
_entity_poly.nstd_linkage                   no 
_entity_poly.nstd_monomer                   no 
_entity_poly.pdbx_seq_one_letter_code       
;MELEIRPLFLVPDTNGFIDHLASLARLLESRKYILVVPLIVINCLDGLAKGQETDHRAGGYARVVQEKARKSIEFLEQRF
ESRDSCLRALTSRGNELESIAFRSEDITGQLGNNDDLILSCCLHYCKDKAKDFMPASKEEPIRLLREVVLLTDDRNLRVK
ALTRNVPVRDIPAFLTWAQVG
;
_entity_poly.pdbx_seq_one_letter_code_can   
;MELEIRPLFLVPDTNGFIDHLASLARLLESRKYILVVPLIVINCLDGLAKGQETDHRAGGYARVVQEKARKSIEFLEQRF
ESRDSCLRALTSRGNELESIAFRSEDITGQLGNNDDLILSCCLHYCKDKAKDFMPASKEEPIRLLREVVLLTDDRNLRVK
ALTRNVPVRDIPAFLTWAQVG
;
_entity_poly.pdbx_strand_id                 A 
_entity_poly.pdbx_target_identifier         ? 
# 
_pdbx_entity_nonpoly.entity_id   2 
_pdbx_entity_nonpoly.name        water 
_pdbx_entity_nonpoly.comp_id     HOH 
# 
loop_
_entity_poly_seq.entity_id 
_entity_poly_seq.num 
_entity_poly_seq.mon_id 
_entity_poly_seq.hetero 
1 1   MET n 
1 2   GLU n 
1 3   LEU n 
1 4   GLU n 
1 5   ILE n 
1 6   ARG n 
1 7   PRO n 
1 8   LEU n 
1 9   PHE n 
1 10  LEU n 
1 11  VAL n 
1 12  PRO n 
1 13  ASP n 
1 14  THR n 
1 15  ASN n 
1 16  GLY n 
1 17  PHE n 
1 18  ILE n 
1 19  ASP n 
1 20  HIS n 
1 21  LEU n 
1 22  ALA n 
1 23  SER n 
1 24  LEU n 
1 25  ALA n 
1 26  ARG n 
1 27  LEU n 
1 28  LEU n 
1 29  GLU n 
1 30  SER n 
1 31  ARG n 
1 32  LYS n 
1 33  TYR n 
1 34  ILE n 
1 35  LEU n 
1 36  VAL n 
1 37  VAL n 
1 38  PRO n 
1 39  LEU n 
1 40  ILE n 
1 41  VAL n 
1 42  ILE n 
1 43  ASN n 
1 44  CYS n 
1 45  LEU n 
1 46  ASP n 
1 47  GLY n 
1 48  LEU n 
1 49  ALA n 
1 50  LYS n 
1 51  GLY n 
1 52  GLN n 
1 53  GLU n 
1 54  THR n 
1 55  ASP n 
1 56  HIS n 
1 57  ARG n 
1 58  ALA n 
1 59  GLY n 
1 60  GLY n 
1 61  TYR n 
1 62  ALA n 
1 63  ARG n 
1 64  VAL n 
1 65  VAL n 
1 66  GLN n 
1 67  GLU n 
1 68  LYS n 
1 69  ALA n 
1 70  ARG n 
1 71  LYS n 
1 72  SER n 
1 73  ILE n 
1 74  GLU n 
1 75  PHE n 
1 76  LEU n 
1 77  GLU n 
1 78  GLN n 
1 79  ARG n 
1 80  PHE n 
1 81  GLU n 
1 82  SER n 
1 83  ARG n 
1 84  ASP n 
1 85  SER n 
1 86  CYS n 
1 87  LEU n 
1 88  ARG n 
1 89  ALA n 
1 90  LEU n 
1 91  THR n 
1 92  SER n 
1 93  ARG n 
1 94  GLY n 
1 95  ASN n 
1 96  GLU n 
1 97  LEU n 
1 98  GLU n 
1 99  SER n 
1 100 ILE n 
1 101 ALA n 
1 102 PHE n 
1 103 ARG n 
1 104 SER n 
1 105 GLU n 
1 106 ASP n 
1 107 ILE n 
1 108 THR n 
1 109 GLY n 
1 110 GLN n 
1 111 LEU n 
1 112 GLY n 
1 113 ASN n 
1 114 ASN n 
1 115 ASP n 
1 116 ASP n 
1 117 LEU n 
1 118 ILE n 
1 119 LEU n 
1 120 SER n 
1 121 CYS n 
1 122 CYS n 
1 123 LEU n 
1 124 HIS n 
1 125 TYR n 
1 126 CYS n 
1 127 LYS n 
1 128 ASP n 
1 129 LYS n 
1 130 ALA n 
1 131 LYS n 
1 132 ASP n 
1 133 PHE n 
1 134 MET n 
1 135 PRO n 
1 136 ALA n 
1 137 SER n 
1 138 LYS n 
1 139 GLU n 
1 140 GLU n 
1 141 PRO n 
1 142 ILE n 
1 143 ARG n 
1 144 LEU n 
1 145 LEU n 
1 146 ARG n 
1 147 GLU n 
1 148 VAL n 
1 149 VAL n 
1 150 LEU n 
1 151 LEU n 
1 152 THR n 
1 153 ASP n 
1 154 ASP n 
1 155 ARG n 
1 156 ASN n 
1 157 LEU n 
1 158 ARG n 
1 159 VAL n 
1 160 LYS n 
1 161 ALA n 
1 162 LEU n 
1 163 THR n 
1 164 ARG n 
1 165 ASN n 
1 166 VAL n 
1 167 PRO n 
1 168 VAL n 
1 169 ARG n 
1 170 ASP n 
1 171 ILE n 
1 172 PRO n 
1 173 ALA n 
1 174 PHE n 
1 175 LEU n 
1 176 THR n 
1 177 TRP n 
1 178 ALA n 
1 179 GLN n 
1 180 VAL n 
1 181 GLY n 
# 
_entity_src_gen.entity_id                          1 
_entity_src_gen.pdbx_src_id                        1 
_entity_src_gen.pdbx_alt_source_flag               sample 
_entity_src_gen.pdbx_seq_type                      ? 
_entity_src_gen.pdbx_beg_seq_num                   ? 
_entity_src_gen.pdbx_end_seq_num                   ? 
_entity_src_gen.gene_src_common_name               human 
_entity_src_gen.gene_src_genus                     Homo 
_entity_src_gen.pdbx_gene_src_gene                 EST1A 
_entity_src_gen.gene_src_species                   ? 
_entity_src_gen.gene_src_strain                    ? 
_entity_src_gen.gene_src_tissue                    ? 
_entity_src_gen.gene_src_tissue_fraction           ? 
_entity_src_gen.gene_src_details                   ? 
_entity_src_gen.pdbx_gene_src_fragment             ? 
_entity_src_gen.pdbx_gene_src_scientific_name      'Homo sapiens' 
_entity_src_gen.pdbx_gene_src_ncbi_taxonomy_id     9606 
_entity_src_gen.pdbx_gene_src_variant              ? 
_entity_src_gen.pdbx_gene_src_cell_line            ? 
_entity_src_gen.pdbx_gene_src_atcc                 ? 
_entity_src_gen.pdbx_gene_src_organ                ? 
_entity_src_gen.pdbx_gene_src_organelle            ? 
_entity_src_gen.pdbx_gene_src_cell                 ? 
_entity_src_gen.pdbx_gene_src_cellular_location    ? 
_entity_src_gen.host_org_common_name               ? 
_entity_src_gen.pdbx_host_org_scientific_name      'Escherichia coli BL21' 
_entity_src_gen.pdbx_host_org_ncbi_taxonomy_id     511693 
_entity_src_gen.host_org_genus                     Escherichia 
_entity_src_gen.pdbx_host_org_gene                 ? 
_entity_src_gen.pdbx_host_org_organ                ? 
_entity_src_gen.host_org_species                   'Escherichia coli' 
_entity_src_gen.pdbx_host_org_tissue               ? 
_entity_src_gen.pdbx_host_org_tissue_fraction      ? 
_entity_src_gen.pdbx_host_org_strain               'BL 21' 
_entity_src_gen.pdbx_host_org_variant              ? 
_entity_src_gen.pdbx_host_org_cell_line            ? 
_entity_src_gen.pdbx_host_org_atcc                 ? 
_entity_src_gen.pdbx_host_org_culture_collection   ? 
_entity_src_gen.pdbx_host_org_cell                 ? 
_entity_src_gen.pdbx_host_org_organelle            ? 
_entity_src_gen.pdbx_host_org_cellular_location    ? 
_entity_src_gen.pdbx_host_org_vector_type          plasmid 
_entity_src_gen.pdbx_host_org_vector               ? 
_entity_src_gen.host_org_details                   ? 
_entity_src_gen.expression_system_id               ? 
_entity_src_gen.plasmid_name                       pGEXcs 
_entity_src_gen.plasmid_details                    ? 
_entity_src_gen.pdbx_description                   ? 
# 
loop_
_chem_comp.id 
_chem_comp.type 
_chem_comp.mon_nstd_flag 
_chem_comp.name 
_chem_comp.pdbx_synonyms 
_chem_comp.formula 
_chem_comp.formula_weight 
ALA 'L-peptide linking' y ALANINE         ? 'C3 H7 N O2'     89.093  
ARG 'L-peptide linking' y ARGININE        ? 'C6 H15 N4 O2 1' 175.209 
ASN 'L-peptide linking' y ASPARAGINE      ? 'C4 H8 N2 O3'    132.118 
ASP 'L-peptide linking' y 'ASPARTIC ACID' ? 'C4 H7 N O4'     133.103 
CYS 'L-peptide linking' y CYSTEINE        ? 'C3 H7 N O2 S'   121.158 
GLN 'L-peptide linking' y GLUTAMINE       ? 'C5 H10 N2 O3'   146.144 
GLU 'L-peptide linking' y 'GLUTAMIC ACID' ? 'C5 H9 N O4'     147.129 
GLY 'peptide linking'   y GLYCINE         ? 'C2 H5 N O2'     75.067  
HIS 'L-peptide linking' y HISTIDINE       ? 'C6 H10 N3 O2 1' 156.162 
HOH non-polymer         . WATER           ? 'H2 O'           18.015  
ILE 'L-peptide linking' y ISOLEUCINE      ? 'C6 H13 N O2'    131.173 
LEU 'L-peptide linking' y LEUCINE         ? 'C6 H13 N O2'    131.173 
LYS 'L-peptide linking' y LYSINE          ? 'C6 H15 N2 O2 1' 147.195 
MET 'L-peptide linking' y METHIONINE      ? 'C5 H11 N O2 S'  149.211 
PHE 'L-peptide linking' y PHENYLALANINE   ? 'C9 H11 N O2'    165.189 
PRO 'L-peptide linking' y PROLINE         ? 'C5 H9 N O2'     115.130 
SER 'L-peptide linking' y SERINE          ? 'C3 H7 N O3'     105.093 
THR 'L-peptide linking' y THREONINE       ? 'C4 H9 N O3'     119.119 
TRP 'L-peptide linking' y TRYPTOPHAN      ? 'C11 H12 N2 O2'  204.225 
TYR 'L-peptide linking' y TYROSINE        ? 'C9 H11 N O3'    181.189 
VAL 'L-peptide linking' y VALINE          ? 'C5 H11 N O2'    117.146 
# 
loop_
_pdbx_poly_seq_scheme.asym_id 
_pdbx_poly_seq_scheme.entity_id 
_pdbx_poly_seq_scheme.seq_id 
_pdbx_poly_seq_scheme.mon_id 
_pdbx_poly_seq_scheme.ndb_seq_num 
_pdbx_poly_seq_scheme.pdb_seq_num 
_pdbx_poly_seq_scheme.auth_seq_num 
_pdbx_poly_seq_scheme.pdb_mon_id 
_pdbx_poly_seq_scheme.auth_mon_id 
_pdbx_poly_seq_scheme.pdb_strand_id 
_pdbx_poly_seq_scheme.pdb_ins_code 
_pdbx_poly_seq_scheme.hetero 
A 1 1   MET 1   1239 1239 MET MET A . n 
A 1 2   GLU 2   1240 1240 GLU GLU A . n 
A 1 3   LEU 3   1241 1241 LEU LEU A . n 
A 1 4   GLU 4   1242 1242 GLU GLU A . n 
A 1 5   ILE 5   1243 1243 ILE ILE A . n 
A 1 6   ARG 6   1244 1244 ARG ARG A . n 
A 1 7   PRO 7   1245 1245 PRO PRO A . n 
A 1 8   LEU 8   1246 1246 LEU LEU A . n 
A 1 9   PHE 9   1247 1247 PHE PHE A . n 
A 1 10  LEU 10  1248 1248 LEU LEU A . n 
A 1 11  VAL 11  1249 1249 VAL VAL A . n 
A 1 12  PRO 12  1250 1250 PRO PRO A . n 
A 1 13  ASP 13  1251 1251 ASP ASP A . n 
A 1 14  THR 14  1252 1252 THR THR A . n 
A 1 15  ASN 15  1253 1253 ASN ASN A . n 
A 1 16  GLY 16  1254 1254 GLY GLY A . n 
A 1 17  PHE 17  1255 1255 PHE PHE A . n 
A 1 18  ILE 18  1256 1256 ILE ILE A . n 
A 1 19  ASP 19  1257 1257 ASP ASP A . n 
A 1 20  HIS 20  1258 1258 HIS HIS A . n 
A 1 21  LEU 21  1259 1259 LEU LEU A . n 
A 1 22  ALA 22  1260 1260 ALA ALA A . n 
A 1 23  SER 23  1261 1261 SER SER A . n 
A 1 24  LEU 24  1262 1262 LEU LEU A . n 
A 1 25  ALA 25  1263 1263 ALA ALA A . n 
A 1 26  ARG 26  1264 1264 ARG ARG A . n 
A 1 27  LEU 27  1265 1265 LEU LEU A . n 
A 1 28  LEU 28  1266 1266 LEU LEU A . n 
A 1 29  GLU 29  1267 1267 GLU GLU A . n 
A 1 30  SER 30  1268 1268 SER SER A . n 
A 1 31  ARG 31  1269 1269 ARG ARG A . n 
A 1 32  LYS 32  1270 1270 LYS LYS A . n 
A 1 33  TYR 33  1271 1271 TYR TYR A . n 
A 1 34  ILE 34  1272 1272 ILE ILE A . n 
A 1 35  LEU 35  1273 1273 LEU LEU A . n 
A 1 36  VAL 36  1274 1274 VAL VAL A . n 
A 1 37  VAL 37  1275 1275 VAL VAL A . n 
A 1 38  PRO 38  1276 1276 PRO PRO A . n 
A 1 39  LEU 39  1277 1277 LEU LEU A . n 
A 1 40  ILE 40  1278 1278 ILE ILE A . n 
A 1 41  VAL 41  1279 1279 VAL VAL A . n 
A 1 42  ILE 42  1280 1280 ILE ILE A . n 
A 1 43  ASN 43  1281 1281 ASN ASN A . n 
A 1 44  CYS 44  1282 1282 CYS CYS A . n 
A 1 45  LEU 45  1283 1283 LEU LEU A . n 
A 1 46  ASP 46  1284 1284 ASP ASP A . n 
A 1 47  GLY 47  1285 1285 GLY GLY A . n 
A 1 48  LEU 48  1286 1286 LEU LEU A . n 
A 1 49  ALA 49  1287 1287 ALA ALA A . n 
A 1 50  LYS 50  1288 1288 LYS LYS A . n 
A 1 51  GLY 51  1289 1289 GLY GLY A . n 
A 1 52  GLN 52  1290 1290 GLN GLN A . n 
A 1 53  GLU 53  1291 ?    ?   ?   A . n 
A 1 54  THR 54  1292 ?    ?   ?   A . n 
A 1 55  ASP 55  1293 ?    ?   ?   A . n 
A 1 56  HIS 56  1294 ?    ?   ?   A . n 
A 1 57  ARG 57  1295 ?    ?   ?   A . n 
A 1 58  ALA 58  1296 1296 ALA ALA A . n 
A 1 59  GLY 59  1297 1297 GLY GLY A . n 
A 1 60  GLY 60  1298 1298 GLY GLY A . n 
A 1 61  TYR 61  1299 1299 TYR TYR A . n 
A 1 62  ALA 62  1300 1300 ALA ALA A . n 
A 1 63  ARG 63  1301 1301 ARG ARG A . n 
A 1 64  VAL 64  1302 1302 VAL VAL A . n 
A 1 65  VAL 65  1303 1303 VAL VAL A . n 
A 1 66  GLN 66  1304 1304 GLN GLN A . n 
A 1 67  GLU 67  1305 1305 GLU GLU A . n 
A 1 68  LYS 68  1306 1306 LYS LYS A . n 
A 1 69  ALA 69  1307 1307 ALA ALA A . n 
A 1 70  ARG 70  1308 1308 ARG ARG A . n 
A 1 71  LYS 71  1309 1309 LYS LYS A . n 
A 1 72  SER 72  1310 1310 SER SER A . n 
A 1 73  ILE 73  1311 1311 ILE ILE A . n 
A 1 74  GLU 74  1312 1312 GLU GLU A . n 
A 1 75  PHE 75  1313 1313 PHE PHE A . n 
A 1 76  LEU 76  1314 1314 LEU LEU A . n 
A 1 77  GLU 77  1315 1315 GLU GLU A . n 
A 1 78  GLN 78  1316 1316 GLN GLN A . n 
A 1 79  ARG 79  1317 1317 ARG ARG A . n 
A 1 80  PHE 80  1318 1318 PHE PHE A . n 
A 1 81  GLU 81  1319 1319 GLU GLU A . n 
A 1 82  SER 82  1320 1320 SER SER A . n 
A 1 83  ARG 83  1321 1321 ARG ARG A . n 
A 1 84  ASP 84  1322 1322 ASP ASP A . n 
A 1 85  SER 85  1323 1323 SER SER A . n 
A 1 86  CYS 86  1324 1324 CYS CYS A . n 
A 1 87  LEU 87  1325 1325 LEU LEU A . n 
A 1 88  ARG 88  1326 1326 ARG ARG A . n 
A 1 89  ALA 89  1327 1327 ALA ALA A . n 
A 1 90  LEU 90  1328 1328 LEU LEU A . n 
A 1 91  THR 91  1329 1329 THR THR A . n 
A 1 92  SER 92  1330 1330 SER SER A . n 
A 1 93  ARG 93  1331 1331 ARG ARG A . n 
A 1 94  GLY 94  1332 1332 GLY GLY A . n 
A 1 95  ASN 95  1333 1333 ASN ASN A . n 
A 1 96  GLU 96  1334 1334 GLU GLU A . n 
A 1 97  LEU 97  1335 1335 LEU LEU A . n 
A 1 98  GLU 98  1336 1336 GLU GLU A . n 
A 1 99  SER 99  1337 1337 SER SER A . n 
A 1 100 ILE 100 1338 1338 ILE ILE A . n 
A 1 101 ALA 101 1339 1339 ALA ALA A . n 
A 1 102 PHE 102 1340 1340 PHE PHE A . n 
A 1 103 ARG 103 1341 1341 ARG ARG A . n 
A 1 104 SER 104 1342 1342 SER SER A . n 
A 1 105 GLU 105 1343 1343 GLU GLU A . n 
A 1 106 ASP 106 1344 1344 ASP ASP A . n 
A 1 107 ILE 107 1345 1345 ILE ILE A . n 
A 1 108 THR 108 1346 1346 THR THR A . n 
A 1 109 GLY 109 1347 1347 GLY GLY A . n 
A 1 110 GLN 110 1348 1348 GLN GLN A . n 
A 1 111 LEU 111 1349 ?    ?   ?   A . n 
A 1 112 GLY 112 1350 ?    ?   ?   A . n 
A 1 113 ASN 113 1351 1351 ASN ASN A . n 
A 1 114 ASN 114 1352 1352 ASN ASN A . n 
A 1 115 ASP 115 1353 1353 ASP ASP A . n 
A 1 116 ASP 116 1354 1354 ASP ASP A . n 
A 1 117 LEU 117 1355 1355 LEU LEU A . n 
A 1 118 ILE 118 1356 1356 ILE ILE A . n 
A 1 119 LEU 119 1357 1357 LEU LEU A . n 
A 1 120 SER 120 1358 1358 SER SER A . n 
A 1 121 CYS 121 1359 1359 CYS CYS A . n 
A 1 122 CYS 122 1360 1360 CYS CYS A . n 
A 1 123 LEU 123 1361 1361 LEU LEU A . n 
A 1 124 HIS 124 1362 1362 HIS HIS A . n 
A 1 125 TYR 125 1363 1363 TYR TYR A . n 
A 1 126 CYS 126 1364 1364 CYS CYS A . n 
A 1 127 LYS 127 1365 1365 LYS LYS A . n 
A 1 128 ASP 128 1366 1366 ASP ASP A . n 
A 1 129 LYS 129 1367 1367 LYS LYS A . n 
A 1 130 ALA 130 1368 1368 ALA ALA A . n 
A 1 131 LYS 131 1369 1369 LYS LYS A . n 
A 1 132 ASP 132 1370 1370 ASP ASP A . n 
A 1 133 PHE 133 1371 1371 PHE PHE A . n 
A 1 134 MET 134 1372 1372 MET MET A . n 
A 1 135 PRO 135 1373 ?    ?   ?   A . n 
A 1 136 ALA 136 1374 ?    ?   ?   A . n 
A 1 137 SER 137 1375 ?    ?   ?   A . n 
A 1 138 LYS 138 1376 ?    ?   ?   A . n 
A 1 139 GLU 139 1377 ?    ?   ?   A . n 
A 1 140 GLU 140 1378 ?    ?   ?   A . n 
A 1 141 PRO 141 1379 ?    ?   ?   A . n 
A 1 142 ILE 142 1380 1380 ILE ILE A . n 
A 1 143 ARG 143 1381 1381 ARG ARG A . n 
A 1 144 LEU 144 1382 1382 LEU LEU A . n 
A 1 145 LEU 145 1383 1383 LEU LEU A . n 
A 1 146 ARG 146 1384 1384 ARG ARG A . n 
A 1 147 GLU 147 1385 1385 GLU GLU A . n 
A 1 148 VAL 148 1386 1386 VAL VAL A . n 
A 1 149 VAL 149 1387 1387 VAL VAL A . n 
A 1 150 LEU 150 1388 1388 LEU LEU A . n 
A 1 151 LEU 151 1389 1389 LEU LEU A . n 
A 1 152 THR 152 1390 1390 THR THR A . n 
A 1 153 ASP 153 1391 1391 ASP ASP A . n 
A 1 154 ASP 154 1392 1392 ASP ASP A . n 
A 1 155 ARG 155 1393 1393 ARG ARG A . n 
A 1 156 ASN 156 1394 1394 ASN ASN A . n 
A 1 157 LEU 157 1395 1395 LEU LEU A . n 
A 1 158 ARG 158 1396 1396 ARG ARG A . n 
A 1 159 VAL 159 1397 1397 VAL VAL A . n 
A 1 160 LYS 160 1398 1398 LYS LYS A . n 
A 1 161 ALA 161 1399 1399 ALA ALA A . n 
A 1 162 LEU 162 1400 1400 LEU LEU A . n 
A 1 163 THR 163 1401 1401 THR THR A . n 
A 1 164 ARG 164 1402 1402 ARG ARG A . n 
A 1 165 ASN 165 1403 1403 ASN ASN A . n 
A 1 166 VAL 166 1404 1404 VAL VAL A . n 
A 1 167 PRO 167 1405 1405 PRO PRO A . n 
A 1 168 VAL 168 1406 1406 VAL VAL A . n 
A 1 169 ARG 169 1407 1407 ARG ARG A . n 
A 1 170 ASP 170 1408 1408 ASP ASP A . n 
A 1 171 ILE 171 1409 1409 ILE ILE A . n 
A 1 172 PRO 172 1410 1410 PRO PRO A . n 
A 1 173 ALA 173 1411 1411 ALA ALA A . n 
A 1 174 PHE 174 1412 1412 PHE PHE A . n 
A 1 175 LEU 175 1413 1413 LEU LEU A . n 
A 1 176 THR 176 1414 1414 THR THR A . n 
A 1 177 TRP 177 1415 1415 TRP TRP A . n 
A 1 178 ALA 178 1416 1416 ALA ALA A . n 
A 1 179 GLN 179 1417 1417 GLN GLN A . n 
A 1 180 VAL 180 1418 ?    ?   ?   A . n 
A 1 181 GLY 181 1419 ?    ?   ?   A . n 
# 
loop_
_pdbx_nonpoly_scheme.asym_id 
_pdbx_nonpoly_scheme.entity_id 
_pdbx_nonpoly_scheme.mon_id 
_pdbx_nonpoly_scheme.ndb_seq_num 
_pdbx_nonpoly_scheme.pdb_seq_num 
_pdbx_nonpoly_scheme.auth_seq_num 
_pdbx_nonpoly_scheme.pdb_mon_id 
_pdbx_nonpoly_scheme.auth_mon_id 
_pdbx_nonpoly_scheme.pdb_strand_id 
_pdbx_nonpoly_scheme.pdb_ins_code 
B 2 HOH 1   1   1   HOH HOH A . 
B 2 HOH 2   2   2   HOH HOH A . 
B 2 HOH 3   3   3   HOH HOH A . 
B 2 HOH 4   4   4   HOH HOH A . 
B 2 HOH 5   5   5   HOH HOH A . 
B 2 HOH 6   6   6   HOH HOH A . 
B 2 HOH 7   7   7   HOH HOH A . 
B 2 HOH 8   8   8   HOH HOH A . 
B 2 HOH 9   9   9   HOH HOH A . 
B 2 HOH 10  10  10  HOH HOH A . 
B 2 HOH 11  11  11  HOH HOH A . 
B 2 HOH 12  12  12  HOH HOH A . 
B 2 HOH 13  13  13  HOH HOH A . 
B 2 HOH 14  14  14  HOH HOH A . 
B 2 HOH 15  15  15  HOH HOH A . 
B 2 HOH 16  16  16  HOH HOH A . 
B 2 HOH 17  17  17  HOH HOH A . 
B 2 HOH 18  18  18  HOH HOH A . 
B 2 HOH 19  19  19  HOH HOH A . 
B 2 HOH 20  20  20  HOH HOH A . 
B 2 HOH 21  21  21  HOH HOH A . 
B 2 HOH 22  22  22  HOH HOH A . 
B 2 HOH 23  23  23  HOH HOH A . 
B 2 HOH 24  24  24  HOH HOH A . 
B 2 HOH 25  25  25  HOH HOH A . 
B 2 HOH 26  26  26  HOH HOH A . 
B 2 HOH 27  27  27  HOH HOH A . 
B 2 HOH 28  28  28  HOH HOH A . 
B 2 HOH 29  29  29  HOH HOH A . 
B 2 HOH 30  30  30  HOH HOH A . 
B 2 HOH 31  31  31  HOH HOH A . 
B 2 HOH 32  32  32  HOH HOH A . 
B 2 HOH 33  33  33  HOH HOH A . 
B 2 HOH 34  34  34  HOH HOH A . 
B 2 HOH 35  35  35  HOH HOH A . 
B 2 HOH 36  36  36  HOH HOH A . 
B 2 HOH 37  37  37  HOH HOH A . 
B 2 HOH 38  38  38  HOH HOH A . 
B 2 HOH 39  39  39  HOH HOH A . 
B 2 HOH 40  40  40  HOH HOH A . 
B 2 HOH 41  41  41  HOH HOH A . 
B 2 HOH 42  42  42  HOH HOH A . 
B 2 HOH 43  43  43  HOH HOH A . 
B 2 HOH 44  44  44  HOH HOH A . 
B 2 HOH 45  45  45  HOH HOH A . 
B 2 HOH 46  46  46  HOH HOH A . 
B 2 HOH 47  48  48  HOH HOH A . 
B 2 HOH 48  49  49  HOH HOH A . 
B 2 HOH 49  50  50  HOH HOH A . 
B 2 HOH 50  51  51  HOH HOH A . 
B 2 HOH 51  52  52  HOH HOH A . 
B 2 HOH 52  53  53  HOH HOH A . 
B 2 HOH 53  54  54  HOH HOH A . 
B 2 HOH 54  55  55  HOH HOH A . 
B 2 HOH 55  56  56  HOH HOH A . 
B 2 HOH 56  57  57  HOH HOH A . 
B 2 HOH 57  58  58  HOH HOH A . 
B 2 HOH 58  59  59  HOH HOH A . 
B 2 HOH 59  62  62  HOH HOH A . 
B 2 HOH 60  63  63  HOH HOH A . 
B 2 HOH 61  64  64  HOH HOH A . 
B 2 HOH 62  65  65  HOH HOH A . 
B 2 HOH 63  66  66  HOH HOH A . 
B 2 HOH 64  67  67  HOH HOH A . 
B 2 HOH 65  68  68  HOH HOH A . 
B 2 HOH 66  69  69  HOH HOH A . 
B 2 HOH 67  70  70  HOH HOH A . 
B 2 HOH 68  71  71  HOH HOH A . 
B 2 HOH 69  72  72  HOH HOH A . 
B 2 HOH 70  73  73  HOH HOH A . 
B 2 HOH 71  74  74  HOH HOH A . 
B 2 HOH 72  75  75  HOH HOH A . 
B 2 HOH 73  76  76  HOH HOH A . 
B 2 HOH 74  77  77  HOH HOH A . 
B 2 HOH 75  78  78  HOH HOH A . 
B 2 HOH 76  79  79  HOH HOH A . 
B 2 HOH 77  80  80  HOH HOH A . 
B 2 HOH 78  81  81  HOH HOH A . 
B 2 HOH 79  82  82  HOH HOH A . 
B 2 HOH 80  83  83  HOH HOH A . 
B 2 HOH 81  84  84  HOH HOH A . 
B 2 HOH 82  85  85  HOH HOH A . 
B 2 HOH 83  86  86  HOH HOH A . 
B 2 HOH 84  87  87  HOH HOH A . 
B 2 HOH 85  88  88  HOH HOH A . 
B 2 HOH 86  89  89  HOH HOH A . 
B 2 HOH 87  90  90  HOH HOH A . 
B 2 HOH 88  92  92  HOH HOH A . 
B 2 HOH 89  93  93  HOH HOH A . 
B 2 HOH 90  94  94  HOH HOH A . 
B 2 HOH 91  95  95  HOH HOH A . 
B 2 HOH 92  96  96  HOH HOH A . 
B 2 HOH 93  97  97  HOH HOH A . 
B 2 HOH 94  98  98  HOH HOH A . 
B 2 HOH 95  99  99  HOH HOH A . 
B 2 HOH 96  100 100 HOH HOH A . 
B 2 HOH 97  101 101 HOH HOH A . 
B 2 HOH 98  102 102 HOH HOH A . 
B 2 HOH 99  103 103 HOH HOH A . 
B 2 HOH 100 104 104 HOH HOH A . 
B 2 HOH 101 105 105 HOH HOH A . 
B 2 HOH 102 106 106 HOH HOH A . 
B 2 HOH 103 107 107 HOH HOH A . 
B 2 HOH 104 108 108 HOH HOH A . 
B 2 HOH 105 109 109 HOH HOH A . 
B 2 HOH 106 110 110 HOH HOH A . 
B 2 HOH 107 111 111 HOH HOH A . 
B 2 HOH 108 112 112 HOH HOH A . 
B 2 HOH 109 113 113 HOH HOH A . 
B 2 HOH 110 124 124 HOH HOH A . 
B 2 HOH 111 125 125 HOH HOH A . 
B 2 HOH 112 126 126 HOH HOH A . 
B 2 HOH 113 127 127 HOH HOH A . 
B 2 HOH 114 128 128 HOH HOH A . 
B 2 HOH 115 129 129 HOH HOH A . 
B 2 HOH 116 130 130 HOH HOH A . 
B 2 HOH 117 131 131 HOH HOH A . 
B 2 HOH 118 132 132 HOH HOH A . 
B 2 HOH 119 133 133 HOH HOH A . 
B 2 HOH 120 134 134 HOH HOH A . 
B 2 HOH 121 135 135 HOH HOH A . 
B 2 HOH 122 136 136 HOH HOH A . 
B 2 HOH 123 139 139 HOH HOH A . 
B 2 HOH 124 142 142 HOH HOH A . 
B 2 HOH 125 143 143 HOH HOH A . 
B 2 HOH 126 145 145 HOH HOH A . 
B 2 HOH 127 146 146 HOH HOH A . 
B 2 HOH 128 147 147 HOH HOH A . 
B 2 HOH 129 148 148 HOH HOH A . 
B 2 HOH 130 150 150 HOH HOH A . 
B 2 HOH 131 151 151 HOH HOH A . 
B 2 HOH 132 152 152 HOH HOH A . 
B 2 HOH 133 153 153 HOH HOH A . 
B 2 HOH 134 154 154 HOH HOH A . 
B 2 HOH 135 155 155 HOH HOH A . 
B 2 HOH 136 157 157 HOH HOH A . 
B 2 HOH 137 158 158 HOH HOH A . 
B 2 HOH 138 159 159 HOH HOH A . 
B 2 HOH 139 160 160 HOH HOH A . 
B 2 HOH 140 161 161 HOH HOH A . 
B 2 HOH 141 162 162 HOH HOH A . 
B 2 HOH 142 164 164 HOH HOH A . 
B 2 HOH 143 166 166 HOH HOH A . 
B 2 HOH 144 167 167 HOH HOH A . 
B 2 HOH 145 168 168 HOH HOH A . 
B 2 HOH 146 170 170 HOH HOH A . 
B 2 HOH 147 171 171 HOH HOH A . 
B 2 HOH 148 173 173 HOH HOH A . 
B 2 HOH 149 174 174 HOH HOH A . 
B 2 HOH 150 175 175 HOH HOH A . 
B 2 HOH 151 176 176 HOH HOH A . 
B 2 HOH 152 177 177 HOH HOH A . 
B 2 HOH 153 178 178 HOH HOH A . 
B 2 HOH 154 179 179 HOH HOH A . 
B 2 HOH 155 180 180 HOH HOH A . 
B 2 HOH 156 181 181 HOH HOH A . 
B 2 HOH 157 182 182 HOH HOH A . 
B 2 HOH 158 183 183 HOH HOH A . 
B 2 HOH 159 184 184 HOH HOH A . 
B 2 HOH 160 185 185 HOH HOH A . 
B 2 HOH 161 186 186 HOH HOH A . 
B 2 HOH 162 187 187 HOH HOH A . 
B 2 HOH 163 189 189 HOH HOH A . 
B 2 HOH 164 190 190 HOH HOH A . 
B 2 HOH 165 191 191 HOH HOH A . 
B 2 HOH 166 192 192 HOH HOH A . 
B 2 HOH 167 194 194 HOH HOH A . 
B 2 HOH 168 196 196 HOH HOH A . 
B 2 HOH 169 197 197 HOH HOH A . 
B 2 HOH 170 198 198 HOH HOH A . 
B 2 HOH 171 199 199 HOH HOH A . 
B 2 HOH 172 200 200 HOH HOH A . 
B 2 HOH 173 201 201 HOH HOH A . 
B 2 HOH 174 203 203 HOH HOH A . 
B 2 HOH 175 204 204 HOH HOH A . 
B 2 HOH 176 206 206 HOH HOH A . 
B 2 HOH 177 208 208 HOH HOH A . 
B 2 HOH 178 210 210 HOH HOH A . 
# 
loop_
_pdbx_unobs_or_zero_occ_atoms.id 
_pdbx_unobs_or_zero_occ_atoms.PDB_model_num 
_pdbx_unobs_or_zero_occ_atoms.polymer_flag 
_pdbx_unobs_or_zero_occ_atoms.occupancy_flag 
_pdbx_unobs_or_zero_occ_atoms.auth_asym_id 
_pdbx_unobs_or_zero_occ_atoms.auth_comp_id 
_pdbx_unobs_or_zero_occ_atoms.auth_seq_id 
_pdbx_unobs_or_zero_occ_atoms.PDB_ins_code 
_pdbx_unobs_or_zero_occ_atoms.auth_atom_id 
_pdbx_unobs_or_zero_occ_atoms.label_alt_id 
_pdbx_unobs_or_zero_occ_atoms.label_asym_id 
_pdbx_unobs_or_zero_occ_atoms.label_comp_id 
_pdbx_unobs_or_zero_occ_atoms.label_seq_id 
_pdbx_unobs_or_zero_occ_atoms.label_atom_id 
1  1 Y 0 A GLN 1290 ? CG  ? A GLN 52  CG  
2  1 Y 0 A GLN 1290 ? CD  ? A GLN 52  CD  
3  1 Y 0 A GLN 1290 ? OE1 ? A GLN 52  OE1 
4  1 Y 0 A GLN 1290 ? NE2 ? A GLN 52  NE2 
5  1 Y 0 A GLU 1319 ? CD  ? A GLU 81  CD  
6  1 Y 0 A GLU 1319 ? OE1 ? A GLU 81  OE1 
7  1 Y 0 A GLU 1319 ? OE2 ? A GLU 81  OE2 
8  1 Y 0 A ASN 1333 ? CB  ? A ASN 95  CB  
9  1 Y 0 A ASN 1333 ? CG  ? A ASN 95  CG  
10 1 Y 0 A ASN 1333 ? OD1 ? A ASN 95  OD1 
11 1 Y 0 A ASN 1333 ? ND2 ? A ASN 95  ND2 
12 1 Y 0 A GLN 1348 ? CB  ? A GLN 110 CB  
13 1 Y 0 A GLN 1348 ? CG  ? A GLN 110 CG  
14 1 Y 0 A GLN 1348 ? CD  ? A GLN 110 CD  
15 1 Y 0 A GLN 1348 ? OE1 ? A GLN 110 OE1 
16 1 Y 0 A GLN 1348 ? NE2 ? A GLN 110 NE2 
17 1 Y 0 A ASN 1351 ? CG  ? A ASN 113 CG  
18 1 Y 0 A ASN 1351 ? OD1 ? A ASN 113 OD1 
19 1 Y 0 A ASN 1351 ? ND2 ? A ASN 113 ND2 
20 1 Y 0 A LYS 1367 ? CG  ? A LYS 129 CG  
21 1 Y 0 A LYS 1367 ? CD  ? A LYS 129 CD  
22 1 Y 0 A LYS 1367 ? CE  ? A LYS 129 CE  
23 1 Y 0 A LYS 1367 ? NZ  ? A LYS 129 NZ  
24 1 Y 0 A LYS 1369 ? CB  ? A LYS 131 CB  
25 1 Y 0 A LYS 1369 ? CG  ? A LYS 131 CG  
26 1 Y 0 A LYS 1369 ? CD  ? A LYS 131 CD  
27 1 Y 0 A LYS 1369 ? CE  ? A LYS 131 CE  
28 1 Y 0 A LYS 1369 ? NZ  ? A LYS 131 NZ  
29 1 Y 0 A MET 1372 ? CB  ? A MET 134 CB  
30 1 Y 0 A MET 1372 ? CG  ? A MET 134 CG  
31 1 Y 0 A MET 1372 ? SD  ? A MET 134 SD  
32 1 Y 0 A MET 1372 ? CE  ? A MET 134 CE  
# 
loop_
_software.name 
_software.classification 
_software.version 
_software.citation_id 
_software.pdbx_ordinal 
REFMAC refinement       5.2.0005  ? 1 
MOSFLM 'data reduction' .         ? 2 
CCP4   'data scaling'   '(SCALA)' ? 3 
SHARP  phasing          .         ? 4 
# 
_cell.entry_id           2HWX 
_cell.length_a           69.360 
_cell.length_b           73.340 
_cell.length_c           37.309 
_cell.angle_alpha        90.00 
_cell.angle_beta         90.00 
_cell.angle_gamma        90.00 
_cell.Z_PDB              4 
_cell.pdbx_unique_axis   ? 
_cell.length_a_esd       ? 
_cell.length_b_esd       ? 
_cell.length_c_esd       ? 
_cell.angle_alpha_esd    ? 
_cell.angle_beta_esd     ? 
_cell.angle_gamma_esd    ? 
# 
_symmetry.entry_id                         2HWX 
_symmetry.space_group_name_H-M             'P 21 21 2' 
_symmetry.pdbx_full_space_group_name_H-M   ? 
_symmetry.cell_setting                     ? 
_symmetry.Int_Tables_number                18 
_symmetry.space_group_name_Hall            ? 
# 
_exptl.entry_id          2HWX 
_exptl.method            'X-RAY DIFFRACTION' 
_exptl.crystals_number   1 
# 
_exptl_crystal.id                    1 
_exptl_crystal.density_meas          ? 
_exptl_crystal.density_Matthews      2.31 
_exptl_crystal.density_percent_sol   46.66 
_exptl_crystal.description           ? 
_exptl_crystal.F_000                 ? 
_exptl_crystal.preparation           ? 
# 
_exptl_crystal_grow.crystal_id      1 
_exptl_crystal_grow.method          'VAPOR DIFFUSION, SITTING DROP' 
_exptl_crystal_grow.temp            291 
_exptl_crystal_grow.temp_details    ? 
_exptl_crystal_grow.pH              7.6 
_exptl_crystal_grow.pdbx_details    '20% Jeffamine 2000, 0.1M Hepes 7.6, VAPOR DIFFUSION, SITTING DROP, temperature 291K' 
_exptl_crystal_grow.pdbx_pH_range   . 
# 
_diffrn.id                     1 
_diffrn.ambient_temp           100.0 
_diffrn.ambient_temp_details   ? 
_diffrn.crystal_id             1 
# 
_diffrn_detector.diffrn_id              1 
_diffrn_detector.detector               'IMAGE PLATE' 
_diffrn_detector.type                   'MAR scanner 345 mm plate' 
_diffrn_detector.pdbx_collection_date   2005-10-06 
_diffrn_detector.details                ? 
# 
_diffrn_radiation.diffrn_id                        1 
_diffrn_radiation.wavelength_id                    1 
_diffrn_radiation.pdbx_monochromatic_or_laue_m_l   M 
_diffrn_radiation.monochromator                    ? 
_diffrn_radiation.pdbx_diffrn_protocol             'SINGLE WAVELENGTH' 
_diffrn_radiation.pdbx_scattering_type             x-ray 
# 
_diffrn_radiation_wavelength.id           1 
_diffrn_radiation_wavelength.wavelength   1.542 
_diffrn_radiation_wavelength.wt           1.0 
# 
_diffrn_source.diffrn_id                   1 
_diffrn_source.source                      'ROTATING ANODE' 
_diffrn_source.type                        RIGAKU 
_diffrn_source.pdbx_synchrotron_site       ? 
_diffrn_source.pdbx_synchrotron_beamline   ? 
_diffrn_source.pdbx_wavelength             ? 
_diffrn_source.pdbx_wavelength_list        1.542 
# 
_reflns.entry_id                     2HWX 
_reflns.observed_criterion_sigma_F   0 
_reflns.observed_criterion_sigma_I   6.5 
_reflns.d_resolution_high            1.9 
_reflns.d_resolution_low             30 
_reflns.number_all                   ? 
_reflns.number_obs                   15634 
_reflns.percent_possible_obs         99.9 
_reflns.pdbx_Rmerge_I_obs            ? 
_reflns.pdbx_Rsym_value              0.04 
_reflns.pdbx_netI_over_sigmaI        ? 
_reflns.B_iso_Wilson_estimate        ? 
_reflns.pdbx_redundancy              6.9 
_reflns.R_free_details               ? 
_reflns.limit_h_max                  ? 
_reflns.limit_h_min                  ? 
_reflns.limit_k_max                  ? 
_reflns.limit_k_min                  ? 
_reflns.limit_l_max                  ? 
_reflns.limit_l_min                  ? 
_reflns.observed_criterion_F_max     ? 
_reflns.observed_criterion_F_min     ? 
_reflns.pdbx_chi_squared             ? 
_reflns.pdbx_scaling_rejects         ? 
_reflns.pdbx_diffrn_id               1 
_reflns.pdbx_ordinal                 1 
# 
_reflns_shell.d_res_high             1.9 
_reflns_shell.d_res_low              2.0 
_reflns_shell.percent_possible_all   99.9 
_reflns_shell.Rmerge_I_obs           ? 
_reflns_shell.pdbx_Rsym_value        0.11 
_reflns_shell.meanI_over_sigI_obs    ? 
_reflns_shell.pdbx_redundancy        6.9 
_reflns_shell.percent_possible_obs   ? 
_reflns_shell.number_unique_all      ? 
_reflns_shell.number_measured_all    ? 
_reflns_shell.number_measured_obs    ? 
_reflns_shell.number_unique_obs      ? 
_reflns_shell.pdbx_chi_squared       ? 
_reflns_shell.pdbx_diffrn_id         ? 
_reflns_shell.pdbx_ordinal           1 
# 
_refine.entry_id                                 2HWX 
_refine.ls_number_reflns_obs                     14763 
_refine.ls_number_reflns_all                     15628 
_refine.pdbx_ls_sigma_I                          ? 
_refine.pdbx_ls_sigma_F                          0 
_refine.pdbx_data_cutoff_high_absF               ? 
_refine.pdbx_data_cutoff_low_absF                ? 
_refine.pdbx_data_cutoff_high_rms_absF           ? 
_refine.ls_d_res_low                             30 
_refine.ls_d_res_high                            1.90 
_refine.ls_percent_reflns_obs                    99.46 
_refine.ls_R_factor_obs                          0.19918 
_refine.ls_R_factor_all                          0.19708 
_refine.ls_R_factor_R_work                       0.19708 
_refine.ls_R_factor_R_free                       0.23883 
_refine.ls_R_factor_R_free_error                 ? 
_refine.ls_R_factor_R_free_error_details         ? 
_refine.ls_percent_reflns_R_free                 5.0 
_refine.ls_number_reflns_R_free                  778 
_refine.ls_number_parameters                     ? 
_refine.ls_number_restraints                     ? 
_refine.occupancy_min                            ? 
_refine.occupancy_max                            ? 
_refine.correlation_coeff_Fo_to_Fc               0.931 
_refine.correlation_coeff_Fo_to_Fc_free          0.887 
_refine.B_iso_mean                               12.924 
_refine.aniso_B[1][1]                            -0.34 
_refine.aniso_B[2][2]                            0.81 
_refine.aniso_B[3][3]                            -0.47 
_refine.aniso_B[1][2]                            0.00 
_refine.aniso_B[1][3]                            0.00 
_refine.aniso_B[2][3]                            0.00 
_refine.solvent_model_details                    MASK 
_refine.solvent_model_param_ksol                 ? 
_refine.solvent_model_param_bsol                 ? 
_refine.pdbx_solvent_vdw_probe_radii             1.20 
_refine.pdbx_solvent_ion_probe_radii             0.80 
_refine.pdbx_solvent_shrinkage_radii             0.80 
_refine.pdbx_ls_cross_valid_method               THROUGHOUT 
_refine.details                                  'HYDROGENS HAVE BEEN ADDED IN THE RIDING POSITIONS' 
_refine.pdbx_starting_model                      ? 
_refine.pdbx_method_to_determine_struct          SAD 
_refine.pdbx_isotropic_thermal_model             ? 
_refine.pdbx_stereochemistry_target_values       'MAXIMUM LIKELIHOOD' 
_refine.pdbx_stereochem_target_val_spec_case     ? 
_refine.pdbx_R_Free_selection_details            RANDOM 
_refine.pdbx_overall_ESU_R                       0.154 
_refine.pdbx_overall_ESU_R_Free                  0.145 
_refine.overall_SU_ML                            0.090 
_refine.overall_SU_B                             2.934 
_refine.ls_redundancy_reflns_obs                 ? 
_refine.B_iso_min                                ? 
_refine.B_iso_max                                ? 
_refine.overall_SU_R_Cruickshank_DPI             ? 
_refine.overall_SU_R_free                        ? 
_refine.ls_wR_factor_R_free                      ? 
_refine.ls_wR_factor_R_work                      ? 
_refine.overall_FOM_free_R_set                   ? 
_refine.overall_FOM_work_R_set                   ? 
_refine.pdbx_refine_id                           'X-RAY DIFFRACTION' 
_refine.pdbx_diffrn_id                           1 
_refine.pdbx_TLS_residual_ADP_flag               ? 
_refine.pdbx_overall_phase_error                 ? 
_refine.pdbx_overall_SU_R_free_Cruickshank_DPI   ? 
_refine.pdbx_overall_SU_R_Blow_DPI               ? 
_refine.pdbx_overall_SU_R_free_Blow_DPI          ? 
# 
_refine_hist.pdbx_refine_id                   'X-RAY DIFFRACTION' 
_refine_hist.cycle_id                         LAST 
_refine_hist.pdbx_number_atoms_protein        1329 
_refine_hist.pdbx_number_atoms_nucleic_acid   0 
_refine_hist.pdbx_number_atoms_ligand         0 
_refine_hist.number_atoms_solvent             178 
_refine_hist.number_atoms_total               1507 
_refine_hist.d_res_high                       1.90 
_refine_hist.d_res_low                        30 
# 
loop_
_refine_ls_restr.type 
_refine_ls_restr.dev_ideal 
_refine_ls_restr.dev_ideal_target 
_refine_ls_restr.weight 
_refine_ls_restr.number 
_refine_ls_restr.pdbx_refine_id 
_refine_ls_restr.pdbx_restraint_function 
r_bond_refined_d         0.011  0.022  ? 1303 'X-RAY DIFFRACTION' ? 
r_bond_other_d           0.008  0.020  ? 1259 'X-RAY DIFFRACTION' ? 
r_angle_refined_deg      1.302  1.988  ? 1753 'X-RAY DIFFRACTION' ? 
r_angle_other_deg        1.015  3.000  ? 2889 'X-RAY DIFFRACTION' ? 
r_dihedral_angle_1_deg   6.003  5.000  ? 161  'X-RAY DIFFRACTION' ? 
r_dihedral_angle_2_deg   29.401 22.373 ? 59   'X-RAY DIFFRACTION' ? 
r_dihedral_angle_3_deg   15.234 15.000 ? 236  'X-RAY DIFFRACTION' ? 
r_dihedral_angle_4_deg   17.744 15.000 ? 16   'X-RAY DIFFRACTION' ? 
r_chiral_restr           0.185  0.200  ? 205  'X-RAY DIFFRACTION' ? 
r_gen_planes_refined     0.005  0.020  ? 1427 'X-RAY DIFFRACTION' ? 
r_gen_planes_other       0.001  0.020  ? 276  'X-RAY DIFFRACTION' ? 
r_nbd_refined            0.219  0.200  ? 256  'X-RAY DIFFRACTION' ? 
r_nbd_other              0.206  0.200  ? 1220 'X-RAY DIFFRACTION' ? 
r_nbtor_refined          0.172  0.200  ? 633  'X-RAY DIFFRACTION' ? 
r_nbtor_other            0.081  0.200  ? 704  'X-RAY DIFFRACTION' ? 
r_xyhbond_nbd_refined    0.589  0.200  ? 121  'X-RAY DIFFRACTION' ? 
r_xyhbond_nbd_other      0.079  0.200  ? 1    'X-RAY DIFFRACTION' ? 
r_symmetry_vdw_refined   0.279  0.200  ? 14   'X-RAY DIFFRACTION' ? 
r_symmetry_vdw_other     0.334  0.200  ? 55   'X-RAY DIFFRACTION' ? 
r_symmetry_hbond_refined 0.265  0.200  ? 16   'X-RAY DIFFRACTION' ? 
r_symmetry_hbond_other   0.098  0.200  ? 1    'X-RAY DIFFRACTION' ? 
r_mcbond_it              1.525  1.500  ? 1061 'X-RAY DIFFRACTION' ? 
r_mcbond_other           0.160  1.500  ? 334  'X-RAY DIFFRACTION' ? 
r_mcangle_it             1.358  2.000  ? 1301 'X-RAY DIFFRACTION' ? 
r_scbond_it              2.388  3.000  ? 547  'X-RAY DIFFRACTION' ? 
r_scangle_it             3.558  4.500  ? 452  'X-RAY DIFFRACTION' ? 
# 
_refine_ls_shell.pdbx_total_number_of_bins_used   20 
_refine_ls_shell.d_res_high                       1.900 
_refine_ls_shell.d_res_low                        1.949 
_refine_ls_shell.number_reflns_R_work             1080 
_refine_ls_shell.R_factor_R_work                  0.213 
_refine_ls_shell.percent_reflns_obs               99.39 
_refine_ls_shell.R_factor_R_free                  0.311 
_refine_ls_shell.R_factor_R_free_error            ? 
_refine_ls_shell.percent_reflns_R_free            ? 
_refine_ls_shell.number_reflns_R_free             53 
_refine_ls_shell.number_reflns_all                ? 
_refine_ls_shell.R_factor_all                     ? 
_refine_ls_shell.number_reflns_obs                ? 
_refine_ls_shell.redundancy_reflns_obs            ? 
_refine_ls_shell.pdbx_refine_id                   'X-RAY DIFFRACTION' 
# 
_struct.entry_id                  2HWX 
_struct.title                     'Structure of human SMG6 E1282C PIN domain mutant.' 
_struct.pdbx_model_details        ? 
_struct.pdbx_CASP_flag            ? 
_struct.pdbx_model_type_details   ? 
# 
_struct_keywords.entry_id        2HWX 
_struct_keywords.pdbx_keywords   'RNA BINDING PROTEIN' 
_struct_keywords.text            'RNA degradation, decay, NMD, EST1A, P bodies, RNA BINDING PROTEIN' 
# 
loop_
_struct_asym.id 
_struct_asym.pdbx_blank_PDB_chainid_flag 
_struct_asym.pdbx_modified 
_struct_asym.entity_id 
_struct_asym.details 
A N N 1 ? 
B N N 2 ? 
# 
_struct_ref.id                         1 
_struct_ref.db_name                    UNP 
_struct_ref.db_code                    EST1A_HUMAN 
_struct_ref.pdbx_db_accession          Q86US8 
_struct_ref.entity_id                  1 
_struct_ref.pdbx_seq_one_letter_code   
;MELEIRPLFLVPDTNGFIDHLASLARLLESRKYILVVPLIVINELDGLAKGQETDHRAGGYARVVQEKARKSIEFLEQRF
ESRDSCLRALTSRGNELESIAFRSEDITGQLGNNDDLILSCCLHYCKDKAKDFMPASKEEPIRLLREVVLLTDDRNLRVK
ALTRNVPVRDIPAFLTWAQVG
;
_struct_ref.pdbx_align_begin           1239 
_struct_ref.pdbx_db_isoform            ? 
# 
_struct_ref_seq.align_id                      1 
_struct_ref_seq.ref_id                        1 
_struct_ref_seq.pdbx_PDB_id_code              2HWX 
_struct_ref_seq.pdbx_strand_id                A 
_struct_ref_seq.seq_align_beg                 1 
_struct_ref_seq.pdbx_seq_align_beg_ins_code   ? 
_struct_ref_seq.seq_align_end                 181 
_struct_ref_seq.pdbx_seq_align_end_ins_code   ? 
_struct_ref_seq.pdbx_db_accession             Q86US8 
_struct_ref_seq.db_align_beg                  1239 
_struct_ref_seq.pdbx_db_align_beg_ins_code    ? 
_struct_ref_seq.db_align_end                  1419 
_struct_ref_seq.pdbx_db_align_end_ins_code    ? 
_struct_ref_seq.pdbx_auth_seq_align_beg       1239 
_struct_ref_seq.pdbx_auth_seq_align_end       1419 
# 
_struct_ref_seq_dif.align_id                     1 
_struct_ref_seq_dif.pdbx_pdb_id_code             2HWX 
_struct_ref_seq_dif.mon_id                       CYS 
_struct_ref_seq_dif.pdbx_pdb_strand_id           A 
_struct_ref_seq_dif.seq_num                      44 
_struct_ref_seq_dif.pdbx_pdb_ins_code            ? 
_struct_ref_seq_dif.pdbx_seq_db_name             UNP 
_struct_ref_seq_dif.pdbx_seq_db_accession_code   Q86US8 
_struct_ref_seq_dif.db_mon_id                    GLU 
_struct_ref_seq_dif.pdbx_seq_db_seq_num          1282 
_struct_ref_seq_dif.details                      'engineered mutation' 
_struct_ref_seq_dif.pdbx_auth_seq_num            1282 
_struct_ref_seq_dif.pdbx_ordinal                 1 
# 
_pdbx_struct_assembly.id                   1 
_pdbx_struct_assembly.details              author_defined_assembly 
_pdbx_struct_assembly.method_details       ? 
_pdbx_struct_assembly.oligomeric_details   monomeric 
_pdbx_struct_assembly.oligomeric_count     1 
# 
_pdbx_struct_assembly_gen.assembly_id       1 
_pdbx_struct_assembly_gen.oper_expression   1 
_pdbx_struct_assembly_gen.asym_id_list      A,B 
# 
_pdbx_struct_oper_list.id                   1 
_pdbx_struct_oper_list.type                 'identity operation' 
_pdbx_struct_oper_list.name                 1_555 
_pdbx_struct_oper_list.symmetry_operation   x,y,z 
_pdbx_struct_oper_list.matrix[1][1]         1.0000000000 
_pdbx_struct_oper_list.matrix[1][2]         0.0000000000 
_pdbx_struct_oper_list.matrix[1][3]         0.0000000000 
_pdbx_struct_oper_list.vector[1]            0.0000000000 
_pdbx_struct_oper_list.matrix[2][1]         0.0000000000 
_pdbx_struct_oper_list.matrix[2][2]         1.0000000000 
_pdbx_struct_oper_list.matrix[2][3]         0.0000000000 
_pdbx_struct_oper_list.vector[2]            0.0000000000 
_pdbx_struct_oper_list.matrix[3][1]         0.0000000000 
_pdbx_struct_oper_list.matrix[3][2]         0.0000000000 
_pdbx_struct_oper_list.matrix[3][3]         1.0000000000 
_pdbx_struct_oper_list.vector[3]            0.0000000000 
# 
_struct_biol.id                    1 
_struct_biol.details               ? 
_struct_biol.pdbx_parent_biol_id   ? 
# 
loop_
_struct_conf.conf_type_id 
_struct_conf.id 
_struct_conf.pdbx_PDB_helix_id 
_struct_conf.beg_label_comp_id 
_struct_conf.beg_label_asym_id 
_struct_conf.beg_label_seq_id 
_struct_conf.pdbx_beg_PDB_ins_code 
_struct_conf.end_label_comp_id 
_struct_conf.end_label_asym_id 
_struct_conf.end_label_seq_id 
_struct_conf.pdbx_end_PDB_ins_code 
_struct_conf.beg_auth_comp_id 
_struct_conf.beg_auth_asym_id 
_struct_conf.beg_auth_seq_id 
_struct_conf.end_auth_comp_id 
_struct_conf.end_auth_asym_id 
_struct_conf.end_auth_seq_id 
_struct_conf.pdbx_PDB_helix_class 
_struct_conf.details 
_struct_conf.pdbx_PDB_helix_length 
HELX_P HELX_P1 1 ASP A 13  ? SER A 30  ? ASP A 1251 SER A 1268 1 ? 18 
HELX_P HELX_P2 2 LEU A 39  ? GLY A 51  ? LEU A 1277 GLY A 1289 1 ? 13 
HELX_P HELX_P3 3 GLY A 59  ? SER A 82  ? GLY A 1297 SER A 1320 1 ? 24 
HELX_P HELX_P4 4 ASN A 114 ? TYR A 125 ? ASN A 1352 TYR A 1363 1 ? 12 
HELX_P HELX_P5 5 LYS A 129 ? PHE A 133 ? LYS A 1367 PHE A 1371 5 ? 5  
HELX_P HELX_P6 6 ASP A 154 ? ARG A 164 ? ASP A 1392 ARG A 1402 1 ? 11 
HELX_P HELX_P7 7 ASP A 170 ? GLN A 179 ? ASP A 1408 GLN A 1417 1 ? 10 
# 
_struct_conf_type.id          HELX_P 
_struct_conf_type.criteria    ? 
_struct_conf_type.reference   ? 
# 
_struct_sheet.id               A 
_struct_sheet.type             ? 
_struct_sheet.number_strands   6 
_struct_sheet.details          ? 
# 
loop_
_struct_sheet_order.sheet_id 
_struct_sheet_order.range_id_1 
_struct_sheet_order.range_id_2 
_struct_sheet_order.offset 
_struct_sheet_order.sense 
A 1 2 ? anti-parallel 
A 2 3 ? parallel      
A 3 4 ? parallel      
A 4 5 ? parallel      
A 5 6 ? parallel      
# 
loop_
_struct_sheet_range.sheet_id 
_struct_sheet_range.id 
_struct_sheet_range.beg_label_comp_id 
_struct_sheet_range.beg_label_asym_id 
_struct_sheet_range.beg_label_seq_id 
_struct_sheet_range.pdbx_beg_PDB_ins_code 
_struct_sheet_range.end_label_comp_id 
_struct_sheet_range.end_label_asym_id 
_struct_sheet_range.end_label_seq_id 
_struct_sheet_range.pdbx_end_PDB_ins_code 
_struct_sheet_range.beg_auth_comp_id 
_struct_sheet_range.beg_auth_asym_id 
_struct_sheet_range.beg_auth_seq_id 
_struct_sheet_range.end_auth_comp_id 
_struct_sheet_range.end_auth_asym_id 
_struct_sheet_range.end_auth_seq_id 
A 1 GLU A 96  ? LEU A 97  ? GLU A 1334 LEU A 1335 
A 2 LEU A 87  ? LEU A 90  ? LEU A 1325 LEU A 1328 
A 3 ILE A 34  ? PRO A 38  ? ILE A 1272 PRO A 1276 
A 4 LEU A 3   ? PRO A 12  ? LEU A 1241 PRO A 1250 
A 5 LEU A 144 ? LEU A 151 ? LEU A 1382 LEU A 1389 
A 6 VAL A 168 ? ARG A 169 ? VAL A 1406 ARG A 1407 
# 
loop_
_pdbx_struct_sheet_hbond.sheet_id 
_pdbx_struct_sheet_hbond.range_id_1 
_pdbx_struct_sheet_hbond.range_id_2 
_pdbx_struct_sheet_hbond.range_1_label_atom_id 
_pdbx_struct_sheet_hbond.range_1_label_comp_id 
_pdbx_struct_sheet_hbond.range_1_label_asym_id 
_pdbx_struct_sheet_hbond.range_1_label_seq_id 
_pdbx_struct_sheet_hbond.range_1_PDB_ins_code 
_pdbx_struct_sheet_hbond.range_1_auth_atom_id 
_pdbx_struct_sheet_hbond.range_1_auth_comp_id 
_pdbx_struct_sheet_hbond.range_1_auth_asym_id 
_pdbx_struct_sheet_hbond.range_1_auth_seq_id 
_pdbx_struct_sheet_hbond.range_2_label_atom_id 
_pdbx_struct_sheet_hbond.range_2_label_comp_id 
_pdbx_struct_sheet_hbond.range_2_label_asym_id 
_pdbx_struct_sheet_hbond.range_2_label_seq_id 
_pdbx_struct_sheet_hbond.range_2_PDB_ins_code 
_pdbx_struct_sheet_hbond.range_2_auth_atom_id 
_pdbx_struct_sheet_hbond.range_2_auth_comp_id 
_pdbx_struct_sheet_hbond.range_2_auth_asym_id 
_pdbx_struct_sheet_hbond.range_2_auth_seq_id 
A 1 2 O LEU A 97  ? O LEU A 1335 N ALA A 89  ? N ALA A 1327 
A 2 3 O ARG A 88  ? O ARG A 1326 N VAL A 37  ? N VAL A 1275 
A 3 4 O ILE A 34  ? O ILE A 1272 N LEU A 10  ? N LEU A 1248 
A 4 5 N VAL A 11  ? N VAL A 1249 O LEU A 151 ? O LEU A 1389 
A 5 6 N LEU A 150 ? N LEU A 1388 O ARG A 169 ? O ARG A 1407 
# 
loop_
_pdbx_validate_close_contact.id 
_pdbx_validate_close_contact.PDB_model_num 
_pdbx_validate_close_contact.auth_atom_id_1 
_pdbx_validate_close_contact.auth_asym_id_1 
_pdbx_validate_close_contact.auth_comp_id_1 
_pdbx_validate_close_contact.auth_seq_id_1 
_pdbx_validate_close_contact.PDB_ins_code_1 
_pdbx_validate_close_contact.label_alt_id_1 
_pdbx_validate_close_contact.auth_atom_id_2 
_pdbx_validate_close_contact.auth_asym_id_2 
_pdbx_validate_close_contact.auth_comp_id_2 
_pdbx_validate_close_contact.auth_seq_id_2 
_pdbx_validate_close_contact.PDB_ins_code_2 
_pdbx_validate_close_contact.label_alt_id_2 
_pdbx_validate_close_contact.dist 
1 1 ND2 A ASN 1351 ? ? O A HOH 210 ? ? 1.16 
2 1 OE1 A GLU 1267 ? ? O A HOH 124 ? ? 1.72 
3 1 NE2 A GLN 1290 ? ? O A HOH 58  ? ? 1.76 
4 1 NH1 A ARG 1331 ? ? O A HOH 132 ? ? 1.97 
5 1 NH2 A ARG 1264 ? ? O A HOH 201 ? ? 2.11 
6 1 CA  A GLY 1347 ? ? O A HOH 200 ? ? 2.12 
# 
loop_
_pdbx_validate_symm_contact.id 
_pdbx_validate_symm_contact.PDB_model_num 
_pdbx_validate_symm_contact.auth_atom_id_1 
_pdbx_validate_symm_contact.auth_asym_id_1 
_pdbx_validate_symm_contact.auth_comp_id_1 
_pdbx_validate_symm_contact.auth_seq_id_1 
_pdbx_validate_symm_contact.PDB_ins_code_1 
_pdbx_validate_symm_contact.label_alt_id_1 
_pdbx_validate_symm_contact.site_symmetry_1 
_pdbx_validate_symm_contact.auth_atom_id_2 
_pdbx_validate_symm_contact.auth_asym_id_2 
_pdbx_validate_symm_contact.auth_comp_id_2 
_pdbx_validate_symm_contact.auth_seq_id_2 
_pdbx_validate_symm_contact.PDB_ins_code_2 
_pdbx_validate_symm_contact.label_alt_id_2 
_pdbx_validate_symm_contact.site_symmetry_2 
_pdbx_validate_symm_contact.dist 
1 1 OD1 A ASN 1394 ? ? 1_555 O   A HOH 152  ? ? 2_655 1.16 
2 1 NZ  A LYS 1367 ? ? 1_555 O   A HOH 178  ? ? 4_457 1.75 
3 1 OE1 A GLU 1240 ? ? 1_555 NE  A ARG 1331 ? ? 1_554 2.12 
4 1 OE2 A GLU 1240 ? ? 1_555 ND2 A ASN 1333 ? ? 1_554 2.13 
5 1 CB  A GLU 1240 ? ? 1_555 NH2 A ARG 1331 ? ? 1_554 2.16 
# 
_pdbx_validate_rmsd_bond.id                        1 
_pdbx_validate_rmsd_bond.PDB_model_num             1 
_pdbx_validate_rmsd_bond.auth_atom_id_1            CB 
_pdbx_validate_rmsd_bond.auth_asym_id_1            A 
_pdbx_validate_rmsd_bond.auth_comp_id_1            SER 
_pdbx_validate_rmsd_bond.auth_seq_id_1             1342 
_pdbx_validate_rmsd_bond.PDB_ins_code_1            ? 
_pdbx_validate_rmsd_bond.label_alt_id_1            ? 
_pdbx_validate_rmsd_bond.auth_atom_id_2            OG 
_pdbx_validate_rmsd_bond.auth_asym_id_2            A 
_pdbx_validate_rmsd_bond.auth_comp_id_2            SER 
_pdbx_validate_rmsd_bond.auth_seq_id_2             1342 
_pdbx_validate_rmsd_bond.PDB_ins_code_2            ? 
_pdbx_validate_rmsd_bond.label_alt_id_2            ? 
_pdbx_validate_rmsd_bond.bond_value                1.339 
_pdbx_validate_rmsd_bond.bond_target_value         1.418 
_pdbx_validate_rmsd_bond.bond_deviation            -0.079 
_pdbx_validate_rmsd_bond.bond_standard_deviation   0.013 
_pdbx_validate_rmsd_bond.linker_flag               N 
# 
loop_
_pdbx_validate_rmsd_angle.id 
_pdbx_validate_rmsd_angle.PDB_model_num 
_pdbx_validate_rmsd_angle.auth_atom_id_1 
_pdbx_validate_rmsd_angle.auth_asym_id_1 
_pdbx_validate_rmsd_angle.auth_comp_id_1 
_pdbx_validate_rmsd_angle.auth_seq_id_1 
_pdbx_validate_rmsd_angle.PDB_ins_code_1 
_pdbx_validate_rmsd_angle.label_alt_id_1 
_pdbx_validate_rmsd_angle.auth_atom_id_2 
_pdbx_validate_rmsd_angle.auth_asym_id_2 
_pdbx_validate_rmsd_angle.auth_comp_id_2 
_pdbx_validate_rmsd_angle.auth_seq_id_2 
_pdbx_validate_rmsd_angle.PDB_ins_code_2 
_pdbx_validate_rmsd_angle.label_alt_id_2 
_pdbx_validate_rmsd_angle.auth_atom_id_3 
_pdbx_validate_rmsd_angle.auth_asym_id_3 
_pdbx_validate_rmsd_angle.auth_comp_id_3 
_pdbx_validate_rmsd_angle.auth_seq_id_3 
_pdbx_validate_rmsd_angle.PDB_ins_code_3 
_pdbx_validate_rmsd_angle.label_alt_id_3 
_pdbx_validate_rmsd_angle.angle_value 
_pdbx_validate_rmsd_angle.angle_target_value 
_pdbx_validate_rmsd_angle.angle_deviation 
_pdbx_validate_rmsd_angle.angle_standard_deviation 
_pdbx_validate_rmsd_angle.linker_flag 
1 1 NE A ARG 1321 ? ? CZ A ARG 1321 ? ? NH2 A ARG 1321 ? ? 123.47 120.30 3.17  0.50 N 
2 1 NE A ARG 1331 ? ? CZ A ARG 1331 ? ? NH1 A ARG 1331 ? ? 123.44 120.30 3.14  0.50 N 
3 1 NE A ARG 1331 ? ? CZ A ARG 1331 ? ? NH2 A ARG 1331 ? ? 117.10 120.30 -3.20 0.50 N 
4 1 CB A ASP 1354 ? A CG A ASP 1354 ? A OD1 A ASP 1354 ? A 123.76 118.30 5.46  0.90 N 
# 
loop_
_pdbx_validate_torsion.id 
_pdbx_validate_torsion.PDB_model_num 
_pdbx_validate_torsion.auth_comp_id 
_pdbx_validate_torsion.auth_asym_id 
_pdbx_validate_torsion.auth_seq_id 
_pdbx_validate_torsion.PDB_ins_code 
_pdbx_validate_torsion.label_alt_id 
_pdbx_validate_torsion.phi 
_pdbx_validate_torsion.psi 
1 1 LEU A 1246 ? ? -132.82 -63.95 
2 1 LYS A 1365 ? ? -95.39  56.75  
# 
_pdbx_struct_special_symmetry.id              1 
_pdbx_struct_special_symmetry.PDB_model_num   1 
_pdbx_struct_special_symmetry.auth_asym_id    A 
_pdbx_struct_special_symmetry.auth_comp_id    HOH 
_pdbx_struct_special_symmetry.auth_seq_id     184 
_pdbx_struct_special_symmetry.PDB_ins_code    ? 
_pdbx_struct_special_symmetry.label_asym_id   B 
_pdbx_struct_special_symmetry.label_comp_id   HOH 
_pdbx_struct_special_symmetry.label_seq_id    . 
# 
loop_
_pdbx_unobs_or_zero_occ_residues.id 
_pdbx_unobs_or_zero_occ_residues.PDB_model_num 
_pdbx_unobs_or_zero_occ_residues.polymer_flag 
_pdbx_unobs_or_zero_occ_residues.occupancy_flag 
_pdbx_unobs_or_zero_occ_residues.auth_asym_id 
_pdbx_unobs_or_zero_occ_residues.auth_comp_id 
_pdbx_unobs_or_zero_occ_residues.auth_seq_id 
_pdbx_unobs_or_zero_occ_residues.PDB_ins_code 
_pdbx_unobs_or_zero_occ_residues.label_asym_id 
_pdbx_unobs_or_zero_occ_residues.label_comp_id 
_pdbx_unobs_or_zero_occ_residues.label_seq_id 
1  1 Y 1 A GLU 1291 ? A GLU 53  
2  1 Y 1 A THR 1292 ? A THR 54  
3  1 Y 1 A ASP 1293 ? A ASP 55  
4  1 Y 1 A HIS 1294 ? A HIS 56  
5  1 Y 1 A ARG 1295 ? A ARG 57  
6  1 Y 1 A LEU 1349 ? A LEU 111 
7  1 Y 1 A GLY 1350 ? A GLY 112 
8  1 Y 1 A PRO 1373 ? A PRO 135 
9  1 Y 1 A ALA 1374 ? A ALA 136 
10 1 Y 1 A SER 1375 ? A SER 137 
11 1 Y 1 A LYS 1376 ? A LYS 138 
12 1 Y 1 A GLU 1377 ? A GLU 139 
13 1 Y 1 A GLU 1378 ? A GLU 140 
14 1 Y 1 A PRO 1379 ? A PRO 141 
15 1 Y 1 A VAL 1418 ? A VAL 180 
16 1 Y 1 A GLY 1419 ? A GLY 181 
# 
loop_
_chem_comp_atom.comp_id 
_chem_comp_atom.atom_id 
_chem_comp_atom.type_symbol 
_chem_comp_atom.pdbx_aromatic_flag 
_chem_comp_atom.pdbx_stereo_config 
_chem_comp_atom.pdbx_ordinal 
ALA N    N N N 1   
ALA CA   C N S 2   
ALA C    C N N 3   
ALA O    O N N 4   
ALA CB   C N N 5   
ALA OXT  O N N 6   
ALA H    H N N 7   
ALA H2   H N N 8   
ALA HA   H N N 9   
ALA HB1  H N N 10  
ALA HB2  H N N 11  
ALA HB3  H N N 12  
ALA HXT  H N N 13  
ARG N    N N N 14  
ARG CA   C N S 15  
ARG C    C N N 16  
ARG O    O N N 17  
ARG CB   C N N 18  
ARG CG   C N N 19  
ARG CD   C N N 20  
ARG NE   N N N 21  
ARG CZ   C N N 22  
ARG NH1  N N N 23  
ARG NH2  N N N 24  
ARG OXT  O N N 25  
ARG H    H N N 26  
ARG H2   H N N 27  
ARG HA   H N N 28  
ARG HB2  H N N 29  
ARG HB3  H N N 30  
ARG HG2  H N N 31  
ARG HG3  H N N 32  
ARG HD2  H N N 33  
ARG HD3  H N N 34  
ARG HE   H N N 35  
ARG HH11 H N N 36  
ARG HH12 H N N 37  
ARG HH21 H N N 38  
ARG HH22 H N N 39  
ARG HXT  H N N 40  
ASN N    N N N 41  
ASN CA   C N S 42  
ASN C    C N N 43  
ASN O    O N N 44  
ASN CB   C N N 45  
ASN CG   C N N 46  
ASN OD1  O N N 47  
ASN ND2  N N N 48  
ASN OXT  O N N 49  
ASN H    H N N 50  
ASN H2   H N N 51  
ASN HA   H N N 52  
ASN HB2  H N N 53  
ASN HB3  H N N 54  
ASN HD21 H N N 55  
ASN HD22 H N N 56  
ASN HXT  H N N 57  
ASP N    N N N 58  
ASP CA   C N S 59  
ASP C    C N N 60  
ASP O    O N N 61  
ASP CB   C N N 62  
ASP CG   C N N 63  
ASP OD1  O N N 64  
ASP OD2  O N N 65  
ASP OXT  O N N 66  
ASP H    H N N 67  
ASP H2   H N N 68  
ASP HA   H N N 69  
ASP HB2  H N N 70  
ASP HB3  H N N 71  
ASP HD2  H N N 72  
ASP HXT  H N N 73  
CYS N    N N N 74  
CYS CA   C N R 75  
CYS C    C N N 76  
CYS O    O N N 77  
CYS CB   C N N 78  
CYS SG   S N N 79  
CYS OXT  O N N 80  
CYS H    H N N 81  
CYS H2   H N N 82  
CYS HA   H N N 83  
CYS HB2  H N N 84  
CYS HB3  H N N 85  
CYS HG   H N N 86  
CYS HXT  H N N 87  
GLN N    N N N 88  
GLN CA   C N S 89  
GLN C    C N N 90  
GLN O    O N N 91  
GLN CB   C N N 92  
GLN CG   C N N 93  
GLN CD   C N N 94  
GLN OE1  O N N 95  
GLN NE2  N N N 96  
GLN OXT  O N N 97  
GLN H    H N N 98  
GLN H2   H N N 99  
GLN HA   H N N 100 
GLN HB2  H N N 101 
GLN HB3  H N N 102 
GLN HG2  H N N 103 
GLN HG3  H N N 104 
GLN HE21 H N N 105 
GLN HE22 H N N 106 
GLN HXT  H N N 107 
GLU N    N N N 108 
GLU CA   C N S 109 
GLU C    C N N 110 
GLU O    O N N 111 
GLU CB   C N N 112 
GLU CG   C N N 113 
GLU CD   C N N 114 
GLU OE1  O N N 115 
GLU OE2  O N N 116 
GLU OXT  O N N 117 
GLU H    H N N 118 
GLU H2   H N N 119 
GLU HA   H N N 120 
GLU HB2  H N N 121 
GLU HB3  H N N 122 
GLU HG2  H N N 123 
GLU HG3  H N N 124 
GLU HE2  H N N 125 
GLU HXT  H N N 126 
GLY N    N N N 127 
GLY CA   C N N 128 
GLY C    C N N 129 
GLY O    O N N 130 
GLY OXT  O N N 131 
GLY H    H N N 132 
GLY H2   H N N 133 
GLY HA2  H N N 134 
GLY HA3  H N N 135 
GLY HXT  H N N 136 
HIS N    N N N 137 
HIS CA   C N S 138 
HIS C    C N N 139 
HIS O    O N N 140 
HIS CB   C N N 141 
HIS CG   C Y N 142 
HIS ND1  N Y N 143 
HIS CD2  C Y N 144 
HIS CE1  C Y N 145 
HIS NE2  N Y N 146 
HIS OXT  O N N 147 
HIS H    H N N 148 
HIS H2   H N N 149 
HIS HA   H N N 150 
HIS HB2  H N N 151 
HIS HB3  H N N 152 
HIS HD1  H N N 153 
HIS HD2  H N N 154 
HIS HE1  H N N 155 
HIS HE2  H N N 156 
HIS HXT  H N N 157 
HOH O    O N N 158 
HOH H1   H N N 159 
HOH H2   H N N 160 
ILE N    N N N 161 
ILE CA   C N S 162 
ILE C    C N N 163 
ILE O    O N N 164 
ILE CB   C N S 165 
ILE CG1  C N N 166 
ILE CG2  C N N 167 
ILE CD1  C N N 168 
ILE OXT  O N N 169 
ILE H    H N N 170 
ILE H2   H N N 171 
ILE HA   H N N 172 
ILE HB   H N N 173 
ILE HG12 H N N 174 
ILE HG13 H N N 175 
ILE HG21 H N N 176 
ILE HG22 H N N 177 
ILE HG23 H N N 178 
ILE HD11 H N N 179 
ILE HD12 H N N 180 
ILE HD13 H N N 181 
ILE HXT  H N N 182 
LEU N    N N N 183 
LEU CA   C N S 184 
LEU C    C N N 185 
LEU O    O N N 186 
LEU CB   C N N 187 
LEU CG   C N N 188 
LEU CD1  C N N 189 
LEU CD2  C N N 190 
LEU OXT  O N N 191 
LEU H    H N N 192 
LEU H2   H N N 193 
LEU HA   H N N 194 
LEU HB2  H N N 195 
LEU HB3  H N N 196 
LEU HG   H N N 197 
LEU HD11 H N N 198 
LEU HD12 H N N 199 
LEU HD13 H N N 200 
LEU HD21 H N N 201 
LEU HD22 H N N 202 
LEU HD23 H N N 203 
LEU HXT  H N N 204 
LYS N    N N N 205 
LYS CA   C N S 206 
LYS C    C N N 207 
LYS O    O N N 208 
LYS CB   C N N 209 
LYS CG   C N N 210 
LYS CD   C N N 211 
LYS CE   C N N 212 
LYS NZ   N N N 213 
LYS OXT  O N N 214 
LYS H    H N N 215 
LYS H2   H N N 216 
LYS HA   H N N 217 
LYS HB2  H N N 218 
LYS HB3  H N N 219 
LYS HG2  H N N 220 
LYS HG3  H N N 221 
LYS HD2  H N N 222 
LYS HD3  H N N 223 
LYS HE2  H N N 224 
LYS HE3  H N N 225 
LYS HZ1  H N N 226 
LYS HZ2  H N N 227 
LYS HZ3  H N N 228 
LYS HXT  H N N 229 
MET N    N N N 230 
MET CA   C N S 231 
MET C    C N N 232 
MET O    O N N 233 
MET CB   C N N 234 
MET CG   C N N 235 
MET SD   S N N 236 
MET CE   C N N 237 
MET OXT  O N N 238 
MET H    H N N 239 
MET H2   H N N 240 
MET HA   H N N 241 
MET HB2  H N N 242 
MET HB3  H N N 243 
MET HG2  H N N 244 
MET HG3  H N N 245 
MET HE1  H N N 246 
MET HE2  H N N 247 
MET HE3  H N N 248 
MET HXT  H N N 249 
PHE N    N N N 250 
PHE CA   C N S 251 
PHE C    C N N 252 
PHE O    O N N 253 
PHE CB   C N N 254 
PHE CG   C Y N 255 
PHE CD1  C Y N 256 
PHE CD2  C Y N 257 
PHE CE1  C Y N 258 
PHE CE2  C Y N 259 
PHE CZ   C Y N 260 
PHE OXT  O N N 261 
PHE H    H N N 262 
PHE H2   H N N 263 
PHE HA   H N N 264 
PHE HB2  H N N 265 
PHE HB3  H N N 266 
PHE HD1  H N N 267 
PHE HD2  H N N 268 
PHE HE1  H N N 269 
PHE HE2  H N N 270 
PHE HZ   H N N 271 
PHE HXT  H N N 272 
PRO N    N N N 273 
PRO CA   C N S 274 
PRO C    C N N 275 
PRO O    O N N 276 
PRO CB   C N N 277 
PRO CG   C N N 278 
PRO CD   C N N 279 
PRO OXT  O N N 280 
PRO H    H N N 281 
PRO HA   H N N 282 
PRO HB2  H N N 283 
PRO HB3  H N N 284 
PRO HG2  H N N 285 
PRO HG3  H N N 286 
PRO HD2  H N N 287 
PRO HD3  H N N 288 
PRO HXT  H N N 289 
SER N    N N N 290 
SER CA   C N S 291 
SER C    C N N 292 
SER O    O N N 293 
SER CB   C N N 294 
SER OG   O N N 295 
SER OXT  O N N 296 
SER H    H N N 297 
SER H2   H N N 298 
SER HA   H N N 299 
SER HB2  H N N 300 
SER HB3  H N N 301 
SER HG   H N N 302 
SER HXT  H N N 303 
THR N    N N N 304 
THR CA   C N S 305 
THR C    C N N 306 
THR O    O N N 307 
THR CB   C N R 308 
THR OG1  O N N 309 
THR CG2  C N N 310 
THR OXT  O N N 311 
THR H    H N N 312 
THR H2   H N N 313 
THR HA   H N N 314 
THR HB   H N N 315 
THR HG1  H N N 316 
THR HG21 H N N 317 
THR HG22 H N N 318 
THR HG23 H N N 319 
THR HXT  H N N 320 
TRP N    N N N 321 
TRP CA   C N S 322 
TRP C    C N N 323 
TRP O    O N N 324 
TRP CB   C N N 325 
TRP CG   C Y N 326 
TRP CD1  C Y N 327 
TRP CD2  C Y N 328 
TRP NE1  N Y N 329 
TRP CE2  C Y N 330 
TRP CE3  C Y N 331 
TRP CZ2  C Y N 332 
TRP CZ3  C Y N 333 
TRP CH2  C Y N 334 
TRP OXT  O N N 335 
TRP H    H N N 336 
TRP H2   H N N 337 
TRP HA   H N N 338 
TRP HB2  H N N 339 
TRP HB3  H N N 340 
TRP HD1  H N N 341 
TRP HE1  H N N 342 
TRP HE3  H N N 343 
TRP HZ2  H N N 344 
TRP HZ3  H N N 345 
TRP HH2  H N N 346 
TRP HXT  H N N 347 
TYR N    N N N 348 
TYR CA   C N S 349 
TYR C    C N N 350 
TYR O    O N N 351 
TYR CB   C N N 352 
TYR CG   C Y N 353 
TYR CD1  C Y N 354 
TYR CD2  C Y N 355 
TYR CE1  C Y N 356 
TYR CE2  C Y N 357 
TYR CZ   C Y N 358 
TYR OH   O N N 359 
TYR OXT  O N N 360 
TYR H    H N N 361 
TYR H2   H N N 362 
TYR HA   H N N 363 
TYR HB2  H N N 364 
TYR HB3  H N N 365 
TYR HD1  H N N 366 
TYR HD2  H N N 367 
TYR HE1  H N N 368 
TYR HE2  H N N 369 
TYR HH   H N N 370 
TYR HXT  H N N 371 
VAL N    N N N 372 
VAL CA   C N S 373 
VAL C    C N N 374 
VAL O    O N N 375 
VAL CB   C N N 376 
VAL CG1  C N N 377 
VAL CG2  C N N 378 
VAL OXT  O N N 379 
VAL H    H N N 380 
VAL H2   H N N 381 
VAL HA   H N N 382 
VAL HB   H N N 383 
VAL HG11 H N N 384 
VAL HG12 H N N 385 
VAL HG13 H N N 386 
VAL HG21 H N N 387 
VAL HG22 H N N 388 
VAL HG23 H N N 389 
VAL HXT  H N N 390 
# 
loop_
_chem_comp_bond.comp_id 
_chem_comp_bond.atom_id_1 
_chem_comp_bond.atom_id_2 
_chem_comp_bond.value_order 
_chem_comp_bond.pdbx_aromatic_flag 
_chem_comp_bond.pdbx_stereo_config 
_chem_comp_bond.pdbx_ordinal 
ALA N   CA   sing N N 1   
ALA N   H    sing N N 2   
ALA N   H2   sing N N 3   
ALA CA  C    sing N N 4   
ALA CA  CB   sing N N 5   
ALA CA  HA   sing N N 6   
ALA C   O    doub N N 7   
ALA C   OXT  sing N N 8   
ALA CB  HB1  sing N N 9   
ALA CB  HB2  sing N N 10  
ALA CB  HB3  sing N N 11  
ALA OXT HXT  sing N N 12  
ARG N   CA   sing N N 13  
ARG N   H    sing N N 14  
ARG N   H2   sing N N 15  
ARG CA  C    sing N N 16  
ARG CA  CB   sing N N 17  
ARG CA  HA   sing N N 18  
ARG C   O    doub N N 19  
ARG C   OXT  sing N N 20  
ARG CB  CG   sing N N 21  
ARG CB  HB2  sing N N 22  
ARG CB  HB3  sing N N 23  
ARG CG  CD   sing N N 24  
ARG CG  HG2  sing N N 25  
ARG CG  HG3  sing N N 26  
ARG CD  NE   sing N N 27  
ARG CD  HD2  sing N N 28  
ARG CD  HD3  sing N N 29  
ARG NE  CZ   sing N N 30  
ARG NE  HE   sing N N 31  
ARG CZ  NH1  sing N N 32  
ARG CZ  NH2  doub N N 33  
ARG NH1 HH11 sing N N 34  
ARG NH1 HH12 sing N N 35  
ARG NH2 HH21 sing N N 36  
ARG NH2 HH22 sing N N 37  
ARG OXT HXT  sing N N 38  
ASN N   CA   sing N N 39  
ASN N   H    sing N N 40  
ASN N   H2   sing N N 41  
ASN CA  C    sing N N 42  
ASN CA  CB   sing N N 43  
ASN CA  HA   sing N N 44  
ASN C   O    doub N N 45  
ASN C   OXT  sing N N 46  
ASN CB  CG   sing N N 47  
ASN CB  HB2  sing N N 48  
ASN CB  HB3  sing N N 49  
ASN CG  OD1  doub N N 50  
ASN CG  ND2  sing N N 51  
ASN ND2 HD21 sing N N 52  
ASN ND2 HD22 sing N N 53  
ASN OXT HXT  sing N N 54  
ASP N   CA   sing N N 55  
ASP N   H    sing N N 56  
ASP N   H2   sing N N 57  
ASP CA  C    sing N N 58  
ASP CA  CB   sing N N 59  
ASP CA  HA   sing N N 60  
ASP C   O    doub N N 61  
ASP C   OXT  sing N N 62  
ASP CB  CG   sing N N 63  
ASP CB  HB2  sing N N 64  
ASP CB  HB3  sing N N 65  
ASP CG  OD1  doub N N 66  
ASP CG  OD2  sing N N 67  
ASP OD2 HD2  sing N N 68  
ASP OXT HXT  sing N N 69  
CYS N   CA   sing N N 70  
CYS N   H    sing N N 71  
CYS N   H2   sing N N 72  
CYS CA  C    sing N N 73  
CYS CA  CB   sing N N 74  
CYS CA  HA   sing N N 75  
CYS C   O    doub N N 76  
CYS C   OXT  sing N N 77  
CYS CB  SG   sing N N 78  
CYS CB  HB2  sing N N 79  
CYS CB  HB3  sing N N 80  
CYS SG  HG   sing N N 81  
CYS OXT HXT  sing N N 82  
GLN N   CA   sing N N 83  
GLN N   H    sing N N 84  
GLN N   H2   sing N N 85  
GLN CA  C    sing N N 86  
GLN CA  CB   sing N N 87  
GLN CA  HA   sing N N 88  
GLN C   O    doub N N 89  
GLN C   OXT  sing N N 90  
GLN CB  CG   sing N N 91  
GLN CB  HB2  sing N N 92  
GLN CB  HB3  sing N N 93  
GLN CG  CD   sing N N 94  
GLN CG  HG2  sing N N 95  
GLN CG  HG3  sing N N 96  
GLN CD  OE1  doub N N 97  
GLN CD  NE2  sing N N 98  
GLN NE2 HE21 sing N N 99  
GLN NE2 HE22 sing N N 100 
GLN OXT HXT  sing N N 101 
GLU N   CA   sing N N 102 
GLU N   H    sing N N 103 
GLU N   H2   sing N N 104 
GLU CA  C    sing N N 105 
GLU CA  CB   sing N N 106 
GLU CA  HA   sing N N 107 
GLU C   O    doub N N 108 
GLU C   OXT  sing N N 109 
GLU CB  CG   sing N N 110 
GLU CB  HB2  sing N N 111 
GLU CB  HB3  sing N N 112 
GLU CG  CD   sing N N 113 
GLU CG  HG2  sing N N 114 
GLU CG  HG3  sing N N 115 
GLU CD  OE1  doub N N 116 
GLU CD  OE2  sing N N 117 
GLU OE2 HE2  sing N N 118 
GLU OXT HXT  sing N N 119 
GLY N   CA   sing N N 120 
GLY N   H    sing N N 121 
GLY N   H2   sing N N 122 
GLY CA  C    sing N N 123 
GLY CA  HA2  sing N N 124 
GLY CA  HA3  sing N N 125 
GLY C   O    doub N N 126 
GLY C   OXT  sing N N 127 
GLY OXT HXT  sing N N 128 
HIS N   CA   sing N N 129 
HIS N   H    sing N N 130 
HIS N   H2   sing N N 131 
HIS CA  C    sing N N 132 
HIS CA  CB   sing N N 133 
HIS CA  HA   sing N N 134 
HIS C   O    doub N N 135 
HIS C   OXT  sing N N 136 
HIS CB  CG   sing N N 137 
HIS CB  HB2  sing N N 138 
HIS CB  HB3  sing N N 139 
HIS CG  ND1  sing Y N 140 
HIS CG  CD2  doub Y N 141 
HIS ND1 CE1  doub Y N 142 
HIS ND1 HD1  sing N N 143 
HIS CD2 NE2  sing Y N 144 
HIS CD2 HD2  sing N N 145 
HIS CE1 NE2  sing Y N 146 
HIS CE1 HE1  sing N N 147 
HIS NE2 HE2  sing N N 148 
HIS OXT HXT  sing N N 149 
HOH O   H1   sing N N 150 
HOH O   H2   sing N N 151 
ILE N   CA   sing N N 152 
ILE N   H    sing N N 153 
ILE N   H2   sing N N 154 
ILE CA  C    sing N N 155 
ILE CA  CB   sing N N 156 
ILE CA  HA   sing N N 157 
ILE C   O    doub N N 158 
ILE C   OXT  sing N N 159 
ILE CB  CG1  sing N N 160 
ILE CB  CG2  sing N N 161 
ILE CB  HB   sing N N 162 
ILE CG1 CD1  sing N N 163 
ILE CG1 HG12 sing N N 164 
ILE CG1 HG13 sing N N 165 
ILE CG2 HG21 sing N N 166 
ILE CG2 HG22 sing N N 167 
ILE CG2 HG23 sing N N 168 
ILE CD1 HD11 sing N N 169 
ILE CD1 HD12 sing N N 170 
ILE CD1 HD13 sing N N 171 
ILE OXT HXT  sing N N 172 
LEU N   CA   sing N N 173 
LEU N   H    sing N N 174 
LEU N   H2   sing N N 175 
LEU CA  C    sing N N 176 
LEU CA  CB   sing N N 177 
LEU CA  HA   sing N N 178 
LEU C   O    doub N N 179 
LEU C   OXT  sing N N 180 
LEU CB  CG   sing N N 181 
LEU CB  HB2  sing N N 182 
LEU CB  HB3  sing N N 183 
LEU CG  CD1  sing N N 184 
LEU CG  CD2  sing N N 185 
LEU CG  HG   sing N N 186 
LEU CD1 HD11 sing N N 187 
LEU CD1 HD12 sing N N 188 
LEU CD1 HD13 sing N N 189 
LEU CD2 HD21 sing N N 190 
LEU CD2 HD22 sing N N 191 
LEU CD2 HD23 sing N N 192 
LEU OXT HXT  sing N N 193 
LYS N   CA   sing N N 194 
LYS N   H    sing N N 195 
LYS N   H2   sing N N 196 
LYS CA  C    sing N N 197 
LYS CA  CB   sing N N 198 
LYS CA  HA   sing N N 199 
LYS C   O    doub N N 200 
LYS C   OXT  sing N N 201 
LYS CB  CG   sing N N 202 
LYS CB  HB2  sing N N 203 
LYS CB  HB3  sing N N 204 
LYS CG  CD   sing N N 205 
LYS CG  HG2  sing N N 206 
LYS CG  HG3  sing N N 207 
LYS CD  CE   sing N N 208 
LYS CD  HD2  sing N N 209 
LYS CD  HD3  sing N N 210 
LYS CE  NZ   sing N N 211 
LYS CE  HE2  sing N N 212 
LYS CE  HE3  sing N N 213 
LYS NZ  HZ1  sing N N 214 
LYS NZ  HZ2  sing N N 215 
LYS NZ  HZ3  sing N N 216 
LYS OXT HXT  sing N N 217 
MET N   CA   sing N N 218 
MET N   H    sing N N 219 
MET N   H2   sing N N 220 
MET CA  C    sing N N 221 
MET CA  CB   sing N N 222 
MET CA  HA   sing N N 223 
MET C   O    doub N N 224 
MET C   OXT  sing N N 225 
MET CB  CG   sing N N 226 
MET CB  HB2  sing N N 227 
MET CB  HB3  sing N N 228 
MET CG  SD   sing N N 229 
MET CG  HG2  sing N N 230 
MET CG  HG3  sing N N 231 
MET SD  CE   sing N N 232 
MET CE  HE1  sing N N 233 
MET CE  HE2  sing N N 234 
MET CE  HE3  sing N N 235 
MET OXT HXT  sing N N 236 
PHE N   CA   sing N N 237 
PHE N   H    sing N N 238 
PHE N   H2   sing N N 239 
PHE CA  C    sing N N 240 
PHE CA  CB   sing N N 241 
PHE CA  HA   sing N N 242 
PHE C   O    doub N N 243 
PHE C   OXT  sing N N 244 
PHE CB  CG   sing N N 245 
PHE CB  HB2  sing N N 246 
PHE CB  HB3  sing N N 247 
PHE CG  CD1  doub Y N 248 
PHE CG  CD2  sing Y N 249 
PHE CD1 CE1  sing Y N 250 
PHE CD1 HD1  sing N N 251 
PHE CD2 CE2  doub Y N 252 
PHE CD2 HD2  sing N N 253 
PHE CE1 CZ   doub Y N 254 
PHE CE1 HE1  sing N N 255 
PHE CE2 CZ   sing Y N 256 
PHE CE2 HE2  sing N N 257 
PHE CZ  HZ   sing N N 258 
PHE OXT HXT  sing N N 259 
PRO N   CA   sing N N 260 
PRO N   CD   sing N N 261 
PRO N   H    sing N N 262 
PRO CA  C    sing N N 263 
PRO CA  CB   sing N N 264 
PRO CA  HA   sing N N 265 
PRO C   O    doub N N 266 
PRO C   OXT  sing N N 267 
PRO CB  CG   sing N N 268 
PRO CB  HB2  sing N N 269 
PRO CB  HB3  sing N N 270 
PRO CG  CD   sing N N 271 
PRO CG  HG2  sing N N 272 
PRO CG  HG3  sing N N 273 
PRO CD  HD2  sing N N 274 
PRO CD  HD3  sing N N 275 
PRO OXT HXT  sing N N 276 
SER N   CA   sing N N 277 
SER N   H    sing N N 278 
SER N   H2   sing N N 279 
SER CA  C    sing N N 280 
SER CA  CB   sing N N 281 
SER CA  HA   sing N N 282 
SER C   O    doub N N 283 
SER C   OXT  sing N N 284 
SER CB  OG   sing N N 285 
SER CB  HB2  sing N N 286 
SER CB  HB3  sing N N 287 
SER OG  HG   sing N N 288 
SER OXT HXT  sing N N 289 
THR N   CA   sing N N 290 
THR N   H    sing N N 291 
THR N   H2   sing N N 292 
THR CA  C    sing N N 293 
THR CA  CB   sing N N 294 
THR CA  HA   sing N N 295 
THR C   O    doub N N 296 
THR C   OXT  sing N N 297 
THR CB  OG1  sing N N 298 
THR CB  CG2  sing N N 299 
THR CB  HB   sing N N 300 
THR OG1 HG1  sing N N 301 
THR CG2 HG21 sing N N 302 
THR CG2 HG22 sing N N 303 
THR CG2 HG23 sing N N 304 
THR OXT HXT  sing N N 305 
TRP N   CA   sing N N 306 
TRP N   H    sing N N 307 
TRP N   H2   sing N N 308 
TRP CA  C    sing N N 309 
TRP CA  CB   sing N N 310 
TRP CA  HA   sing N N 311 
TRP C   O    doub N N 312 
TRP C   OXT  sing N N 313 
TRP CB  CG   sing N N 314 
TRP CB  HB2  sing N N 315 
TRP CB  HB3  sing N N 316 
TRP CG  CD1  doub Y N 317 
TRP CG  CD2  sing Y N 318 
TRP CD1 NE1  sing Y N 319 
TRP CD1 HD1  sing N N 320 
TRP CD2 CE2  doub Y N 321 
TRP CD2 CE3  sing Y N 322 
TRP NE1 CE2  sing Y N 323 
TRP NE1 HE1  sing N N 324 
TRP CE2 CZ2  sing Y N 325 
TRP CE3 CZ3  doub Y N 326 
TRP CE3 HE3  sing N N 327 
TRP CZ2 CH2  doub Y N 328 
TRP CZ2 HZ2  sing N N 329 
TRP CZ3 CH2  sing Y N 330 
TRP CZ3 HZ3  sing N N 331 
TRP CH2 HH2  sing N N 332 
TRP OXT HXT  sing N N 333 
TYR N   CA   sing N N 334 
TYR N   H    sing N N 335 
TYR N   H2   sing N N 336 
TYR CA  C    sing N N 337 
TYR CA  CB   sing N N 338 
TYR CA  HA   sing N N 339 
TYR C   O    doub N N 340 
TYR C   OXT  sing N N 341 
TYR CB  CG   sing N N 342 
TYR CB  HB2  sing N N 343 
TYR CB  HB3  sing N N 344 
TYR CG  CD1  doub Y N 345 
TYR CG  CD2  sing Y N 346 
TYR CD1 CE1  sing Y N 347 
TYR CD1 HD1  sing N N 348 
TYR CD2 CE2  doub Y N 349 
TYR CD2 HD2  sing N N 350 
TYR CE1 CZ   doub Y N 351 
TYR CE1 HE1  sing N N 352 
TYR CE2 CZ   sing Y N 353 
TYR CE2 HE2  sing N N 354 
TYR CZ  OH   sing N N 355 
TYR OH  HH   sing N N 356 
TYR OXT HXT  sing N N 357 
VAL N   CA   sing N N 358 
VAL N   H    sing N N 359 
VAL N   H2   sing N N 360 
VAL CA  C    sing N N 361 
VAL CA  CB   sing N N 362 
VAL CA  HA   sing N N 363 
VAL C   O    doub N N 364 
VAL C   OXT  sing N N 365 
VAL CB  CG1  sing N N 366 
VAL CB  CG2  sing N N 367 
VAL CB  HB   sing N N 368 
VAL CG1 HG11 sing N N 369 
VAL CG1 HG12 sing N N 370 
VAL CG1 HG13 sing N N 371 
VAL CG2 HG21 sing N N 372 
VAL CG2 HG22 sing N N 373 
VAL CG2 HG23 sing N N 374 
VAL OXT HXT  sing N N 375 
# 
_atom_sites.entry_id                    2HWX 
_atom_sites.fract_transf_matrix[1][1]   0.00392728 
_atom_sites.fract_transf_matrix[1][2]   -0.00308679 
_atom_sites.fract_transf_matrix[1][3]   0.01352505 
_atom_sites.fract_transf_matrix[2][1]   -0.01027639 
_atom_sites.fract_transf_matrix[2][2]   0.00761639 
_atom_sites.fract_transf_matrix[2][3]   0.00472224 
_atom_sites.fract_transf_matrix[3][1]   -0.01603203 
_atom_sites.fract_transf_matrix[3][2]   -0.02147822 
_atom_sites.fract_transf_matrix[3][3]   -0.00024670 
_atom_sites.fract_transf_vector[1]      0.598609 
_atom_sites.fract_transf_vector[2]      0.174669 
_atom_sites.fract_transf_vector[3]      0.945973 
# 
loop_
_atom_type.symbol 
C 
N 
O 
S 
# 
loop_
_atom_site.group_PDB 
_atom_site.id 
_atom_site.type_symbol 
_atom_site.label_atom_id 
_atom_site.label_alt_id 
_atom_site.label_comp_id 
_atom_site.label_asym_id 
_atom_site.label_entity_id 
_atom_site.label_seq_id 
_atom_site.pdbx_PDB_ins_code 
_atom_site.Cartn_x 
_atom_site.Cartn_y 
_atom_site.Cartn_z 
_atom_site.occupancy 
_atom_site.B_iso_or_equiv 
_atom_site.pdbx_formal_charge 
_atom_site.auth_seq_id 
_atom_site.auth_comp_id 
_atom_site.auth_asym_id 
_atom_site.auth_atom_id 
_atom_site.pdbx_PDB_model_num 
ATOM   1    N N   . MET A 1 1   ? 18.799  11.880  -13.297 1.00 28.02 ? 1239 MET A N   1 
ATOM   2    C CA  . MET A 1 1   ? 17.702  12.823  -13.452 1.00 27.61 ? 1239 MET A CA  1 
ATOM   3    C C   . MET A 1 1   ? 17.137  13.213  -12.071 1.00 26.75 ? 1239 MET A C   1 
ATOM   4    O O   . MET A 1 1   ? 16.929  12.342  -11.285 1.00 26.74 ? 1239 MET A O   1 
ATOM   5    C CB  . MET A 1 1   ? 16.543  12.167  -14.208 1.00 28.21 ? 1239 MET A CB  1 
ATOM   6    C CG  . MET A 1 1   ? 16.771  11.825  -15.633 1.00 29.64 ? 1239 MET A CG  1 
ATOM   7    S SD  . MET A 1 1   ? 15.437  11.001  -16.534 1.00 30.55 ? 1239 MET A SD  1 
ATOM   8    C CE  . MET A 1 1   ? 14.413  12.424  -16.557 1.00 31.05 ? 1239 MET A CE  1 
ATOM   9    N N   . GLU A 1 2   ? 16.611  14.378  -11.921 1.00 25.39 ? 1240 GLU A N   1 
ATOM   10   C CA  . GLU A 1 2   ? 15.983  14.851  -10.676 1.00 24.61 ? 1240 GLU A CA  1 
ATOM   11   C C   . GLU A 1 2   ? 14.480  14.588  -10.705 1.00 22.17 ? 1240 GLU A C   1 
ATOM   12   O O   . GLU A 1 2   ? 13.887  14.638  -11.742 1.00 21.46 ? 1240 GLU A O   1 
ATOM   13   C CB  . GLU A 1 2   ? 16.254  16.328  -10.407 1.00 25.38 ? 1240 GLU A CB  1 
ATOM   14   C CG  . GLU A 1 2   ? 15.569  17.278  -11.333 1.00 28.27 ? 1240 GLU A CG  1 
ATOM   15   C CD  . GLU A 1 2   ? 16.345  18.636  -11.617 1.00 32.08 ? 1240 GLU A CD  1 
ATOM   16   O OE1 . GLU A 1 2   ? 17.218  18.980  -10.870 1.00 34.14 ? 1240 GLU A OE1 1 
ATOM   17   O OE2 . GLU A 1 2   ? 16.014  19.394  -12.542 1.00 35.91 ? 1240 GLU A OE2 1 
ATOM   18   N N   . LEU A 1 3   ? 13.903  14.292  -9.551  1.00 19.83 ? 1241 LEU A N   1 
ATOM   19   C CA  . LEU A 1 3   ? 12.479  14.008  -9.428  1.00 18.51 ? 1241 LEU A CA  1 
ATOM   20   C C   . LEU A 1 3   ? 11.654  15.264  -9.107  1.00 17.23 ? 1241 LEU A C   1 
ATOM   21   O O   . LEU A 1 3   ? 12.024  16.008  -8.309  1.00 16.97 ? 1241 LEU A O   1 
ATOM   22   C CB  . LEU A 1 3   ? 12.261  13.016  -8.354  1.00 18.43 ? 1241 LEU A CB  1 
ATOM   23   C CG  . LEU A 1 3   ? 12.385  11.535  -8.707  1.00 19.95 ? 1241 LEU A CG  1 
ATOM   24   C CD1 . LEU A 1 3   ? 13.205  11.167  -9.852  1.00 19.33 ? 1241 LEU A CD1 1 
ATOM   25   C CD2 . LEU A 1 3   ? 12.425  10.605  -7.529  1.00 19.46 ? 1241 LEU A CD2 1 
ATOM   26   N N   . GLU A 1 4   ? 10.531  15.393  -9.735  1.00 15.66 ? 1242 GLU A N   1 
ATOM   27   C CA  . GLU A 1 4   ? 9.508   16.280  -9.330  1.00 15.21 ? 1242 GLU A CA  1 
ATOM   28   C C   . GLU A 1 4   ? 8.292   15.535  -8.742  1.00 13.92 ? 1242 GLU A C   1 
ATOM   29   O O   . GLU A 1 4   ? 7.569   14.904  -9.424  1.00 12.47 ? 1242 GLU A O   1 
ATOM   30   C CB  . GLU A 1 4   ? 9.087   17.125  -10.483 1.00 15.99 ? 1242 GLU A CB  1 
ATOM   31   C CG  . GLU A 1 4   ? 7.950   18.058  -10.152 1.00 18.88 ? 1242 GLU A CG  1 
ATOM   32   C CD  . GLU A 1 4   ? 7.372   18.842  -11.345 1.00 23.63 ? 1242 GLU A CD  1 
ATOM   33   O OE1 . GLU A 1 4   ? 7.869   18.764  -12.464 1.00 29.63 ? 1242 GLU A OE1 1 
ATOM   34   O OE2 . GLU A 1 4   ? 6.409   19.554  -11.124 1.00 28.82 ? 1242 GLU A OE2 1 
ATOM   35   N N   . ILE A 1 5   ? 8.125   15.649  -7.451  1.00 12.33 ? 1243 ILE A N   1 
ATOM   36   C CA  . ILE A 1 5   ? 7.245   14.748  -6.750  1.00 11.66 ? 1243 ILE A CA  1 
ATOM   37   C C   . ILE A 1 5   ? 5.953   15.438  -6.344  1.00 11.40 ? 1243 ILE A C   1 
ATOM   38   O O   . ILE A 1 5   ? 5.986   16.388  -5.709  1.00 9.71  ? 1243 ILE A O   1 
ATOM   39   C CB  . ILE A 1 5   ? 7.890   14.074  -5.568  1.00 11.62 ? 1243 ILE A CB  1 
ATOM   40   C CG1 . ILE A 1 5   ? 9.162   13.329  -5.940  1.00 10.94 ? 1243 ILE A CG1 1 
ATOM   41   C CG2 . ILE A 1 5   ? 6.855   13.215  -4.845  1.00 11.25 ? 1243 ILE A CG2 1 
ATOM   42   C CD1 . ILE A 1 5   ? 10.007  13.139  -4.775  1.00 10.96 ? 1243 ILE A CD1 1 
ATOM   43   N N   . ARG A 1 6   ? 4.836   14.892  -6.771  1.00 11.33 ? 1244 ARG A N   1 
ATOM   44   C CA  . ARG A 1 6   ? 3.552   15.408  -6.433  1.00 12.04 ? 1244 ARG A CA  1 
ATOM   45   C C   . ARG A 1 6   ? 2.603   14.309  -5.998  1.00 11.28 ? 1244 ARG A C   1 
ATOM   46   O O   . ARG A 1 6   ? 1.930   13.800  -6.783  1.00 11.06 ? 1244 ARG A O   1 
ATOM   47   C CB  . ARG A 1 6   ? 2.893   16.289  -7.516  1.00 12.90 ? 1244 ARG A CB  1 
ATOM   48   C CG  . ARG A 1 6   ? 3.755   17.094  -8.421  1.00 17.01 ? 1244 ARG A CG  1 
ATOM   49   C CD  . ARG A 1 6   ? 2.886   18.010  -9.220  1.00 22.46 ? 1244 ARG A CD  1 
ATOM   50   N NE  . ARG A 1 6   ? 3.423   18.428  -10.496 1.00 26.03 ? 1244 ARG A NE  1 
ATOM   51   C CZ  . ARG A 1 6   ? 2.943   18.045  -11.663 1.00 29.21 ? 1244 ARG A CZ  1 
ATOM   52   N NH1 . ARG A 1 6   ? 1.864   17.223  -11.733 1.00 32.35 ? 1244 ARG A NH1 1 
ATOM   53   N NH2 . ARG A 1 6   ? 3.536   18.477  -12.731 1.00 30.00 ? 1244 ARG A NH2 1 
ATOM   54   N N   . PRO A 1 7   ? 2.597   13.980  -4.720  1.00 10.43 ? 1245 PRO A N   1 
ATOM   55   C CA  . PRO A 1 7   ? 1.920   12.764  -4.267  1.00 10.25 ? 1245 PRO A CA  1 
ATOM   56   C C   . PRO A 1 7   ? 0.432   12.669  -4.661  1.00 9.90  ? 1245 PRO A C   1 
ATOM   57   O O   . PRO A 1 7   ? -0.270  13.585  -4.578  1.00 9.30  ? 1245 PRO A O   1 
ATOM   58   C CB  . PRO A 1 7   ? 2.188   12.736  -2.767  1.00 10.06 ? 1245 PRO A CB  1 
ATOM   59   C CG  . PRO A 1 7   ? 3.334   13.551  -2.573  1.00 9.75  ? 1245 PRO A CG  1 
ATOM   60   C CD  . PRO A 1 7   ? 3.416   14.553  -3.653  1.00 10.54 ? 1245 PRO A CD  1 
ATOM   61   N N   . LEU A 1 8   ? 0.081   11.530  -5.225  1.00 9.51  ? 1246 LEU A N   1 
ATOM   62   C CA  . LEU A 1 8   ? -1.275  11.158  -5.578  1.00 9.13  ? 1246 LEU A CA  1 
ATOM   63   C C   . LEU A 1 8   ? -1.639  9.725   -5.117  1.00 8.93  ? 1246 LEU A C   1 
ATOM   64   O O   . LEU A 1 8   ? -2.510  9.550   -4.337  1.00 9.78  ? 1246 LEU A O   1 
ATOM   65   C CB  . LEU A 1 8   ? -1.487  11.241  -7.084  1.00 9.07  ? 1246 LEU A CB  1 
ATOM   66   C CG  . LEU A 1 8   ? -2.881  10.836  -7.582  1.00 9.88  ? 1246 LEU A CG  1 
ATOM   67   C CD1 . LEU A 1 8   ? -3.980  11.476  -6.846  1.00 10.52 ? 1246 LEU A CD1 1 
ATOM   68   C CD2 . LEU A 1 8   ? -3.000  11.170  -9.086  1.00 9.47  ? 1246 LEU A CD2 1 
ATOM   69   N N   . PHE A 1 9   ? -0.952  8.749   -5.673  1.00 8.54  ? 1247 PHE A N   1 
ATOM   70   C CA  . PHE A 1 9   ? -1.039  7.360   -5.275  1.00 8.33  ? 1247 PHE A CA  1 
ATOM   71   C C   . PHE A 1 9   ? -0.133  7.010   -4.093  1.00 7.92  ? 1247 PHE A C   1 
ATOM   72   O O   . PHE A 1 9   ? 1.015   7.276   -4.119  1.00 8.18  ? 1247 PHE A O   1 
ATOM   73   C CB  . PHE A 1 9   ? -0.720  6.479   -6.467  1.00 8.51  ? 1247 PHE A CB  1 
ATOM   74   C CG  . PHE A 1 9   ? -1.568  6.804   -7.696  1.00 8.66  ? 1247 PHE A CG  1 
ATOM   75   C CD1 . PHE A 1 9   ? -1.073  7.521   -8.738  1.00 8.60  ? 1247 PHE A CD1 1 
ATOM   76   C CD2 . PHE A 1 9   ? -2.858  6.398   -7.756  1.00 9.23  ? 1247 PHE A CD2 1 
ATOM   77   C CE1 . PHE A 1 9   ? -1.898  7.826   -9.837  1.00 9.00  ? 1247 PHE A CE1 1 
ATOM   78   C CE2 . PHE A 1 9   ? -3.644  6.666   -8.843  1.00 8.60  ? 1247 PHE A CE2 1 
ATOM   79   C CZ  . PHE A 1 9   ? -3.160  7.399   -9.860  1.00 8.66  ? 1247 PHE A CZ  1 
ATOM   80   N N   . LEU A 1 10  ? -0.723  6.390   -3.095  1.00 7.66  ? 1248 LEU A N   1 
ATOM   81   C CA  . LEU A 1 10  ? -0.003  5.927   -1.935  1.00 8.05  ? 1248 LEU A CA  1 
ATOM   82   C C   . LEU A 1 10  ? -0.076  4.403   -1.792  1.00 8.00  ? 1248 LEU A C   1 
ATOM   83   O O   . LEU A 1 10  ? -1.137  3.863   -1.785  1.00 7.28  ? 1248 LEU A O   1 
ATOM   84   C CB  . LEU A 1 10  ? -0.560  6.580   -0.666  1.00 8.19  ? 1248 LEU A CB  1 
ATOM   85   C CG  . LEU A 1 10  ? -0.728  8.093   -0.680  1.00 8.58  ? 1248 LEU A CG  1 
ATOM   86   C CD1 . LEU A 1 10  ? -1.422  8.678   0.544   1.00 8.34  ? 1248 LEU A CD1 1 
ATOM   87   C CD2 . LEU A 1 10  ? 0.536   8.791   -1.035  1.00 9.36  ? 1248 LEU A CD2 1 
ATOM   88   N N   . VAL A 1 11  ? 1.072   3.782   -1.688  1.00 8.08  ? 1249 VAL A N   1 
ATOM   89   C CA  . VAL A 1 11  ? 1.176   2.354   -1.611  1.00 8.86  ? 1249 VAL A CA  1 
ATOM   90   C C   . VAL A 1 11  ? 1.788   1.937   -0.256  1.00 9.16  ? 1249 VAL A C   1 
ATOM   91   O O   . VAL A 1 11  ? 2.904   2.203   0.010   1.00 9.29  ? 1249 VAL A O   1 
ATOM   92   C CB  . VAL A 1 11  ? 2.029   1.723   -2.792  1.00 8.63  ? 1249 VAL A CB  1 
ATOM   93   C CG1 . VAL A 1 11  ? 2.139   0.234   -2.587  1.00 8.77  ? 1249 VAL A CG1 1 
ATOM   94   C CG2 . VAL A 1 11  ? 1.372   2.092   -4.120  1.00 9.54  ? 1249 VAL A CG2 1 
ATOM   95   N N   . PRO A 1 12  ? 0.969   1.292   0.553   1.00 9.32  ? 1250 PRO A N   1 
ATOM   96   C CA  . PRO A 1 12  ? 1.383   0.857   1.858   1.00 9.78  ? 1250 PRO A CA  1 
ATOM   97   C C   . PRO A 1 12  ? 1.809   -0.629  1.830   1.00 10.05 ? 1250 PRO A C   1 
ATOM   98   O O   . PRO A 1 12  ? 1.505   -1.309  0.907   1.00 10.16 ? 1250 PRO A O   1 
ATOM   99   C CB  . PRO A 1 12  ? 0.119   1.014   2.670   1.00 9.23  ? 1250 PRO A CB  1 
ATOM   100  C CG  . PRO A 1 12  ? -0.970  0.596   1.714   1.00 10.15 ? 1250 PRO A CG  1 
ATOM   101  C CD  . PRO A 1 12  ? -0.483  1.102   0.368   1.00 9.55  ? 1250 PRO A CD  1 
ATOM   102  N N   . ASP A 1 13  ? 2.502   -1.050  2.880   1.00 10.27 ? 1251 ASP A N   1 
ATOM   103  C CA  . ASP A 1 13  ? 2.842   -2.424  3.077   1.00 10.41 ? 1251 ASP A CA  1 
ATOM   104  C C   . ASP A 1 13  ? 2.033   -2.988  4.229   1.00 10.56 ? 1251 ASP A C   1 
ATOM   105  O O   . ASP A 1 13  ? 1.340   -2.298  4.845   1.00 11.37 ? 1251 ASP A O   1 
ATOM   106  C CB  . ASP A 1 13  ? 4.337   -2.620  3.276   1.00 10.94 ? 1251 ASP A CB  1 
ATOM   107  C CG  . ASP A 1 13  ? 4.881   -1.914  4.546   1.00 11.47 ? 1251 ASP A CG  1 
ATOM   108  O OD1 . ASP A 1 13  ? 4.096   -1.458  5.343   1.00 10.77 ? 1251 ASP A OD1 1 
ATOM   109  O OD2 . ASP A 1 13  ? 6.087   -1.859  4.659   1.00 14.08 ? 1251 ASP A OD2 1 
ATOM   110  N N   . THR A 1 14  ? 2.163   -4.265  4.473   1.00 10.59 ? 1252 THR A N   1 
ATOM   111  C CA  . THR A 1 14  ? 1.373   -4.942  5.516   1.00 10.94 ? 1252 THR A CA  1 
ATOM   112  C C   . THR A 1 14  ? 1.515   -4.222  6.892   1.00 10.95 ? 1252 THR A C   1 
ATOM   113  O O   . THR A 1 14  ? 0.582   -3.893  7.504   1.00 9.93  ? 1252 THR A O   1 
ATOM   114  C CB  . THR A 1 14  ? 1.716   -6.471  5.620   1.00 11.23 ? 1252 THR A CB  1 
ATOM   115  O OG1 . THR A 1 14  ? 1.508   -7.123  4.393   1.00 11.65 ? 1252 THR A OG1 1 
ATOM   116  C CG2 . THR A 1 14  ? 0.900   -7.146  6.669   1.00 11.10 ? 1252 THR A CG2 1 
ATOM   117  N N   . ASN A 1 15  ? 2.737   -3.961  7.294   1.00 11.53 ? 1253 ASN A N   1 
ATOM   118  C CA  . ASN A 1 15  ? 2.983   -3.333  8.574   1.00 11.59 ? 1253 ASN A CA  1 
ATOM   119  C C   . ASN A 1 15  ? 2.415   -1.896  8.665   1.00 11.46 ? 1253 ASN A C   1 
ATOM   120  O O   . ASN A 1 15  ? 2.115   -1.410  9.696   1.00 11.47 ? 1253 ASN A O   1 
ATOM   121  C CB  . ASN A 1 15  ? 4.478   -3.373  8.905   1.00 12.34 ? 1253 ASN A CB  1 
ATOM   122  C CG  . ASN A 1 15  ? 4.920   -4.712  9.476   1.00 14.88 ? 1253 ASN A CG  1 
ATOM   123  O OD1 . ASN A 1 15  ? 4.137   -5.408  10.038  1.00 18.62 ? 1253 ASN A OD1 1 
ATOM   124  N ND2 . ASN A 1 15  ? 6.192   -5.028  9.343   1.00 17.80 ? 1253 ASN A ND2 1 
ATOM   125  N N   . GLY A 1 16  ? 2.281   -1.235  7.544   1.00 10.91 ? 1254 GLY A N   1 
ATOM   126  C CA  . GLY A 1 16  ? 1.542   -0.005  7.516   1.00 10.64 ? 1254 GLY A CA  1 
ATOM   127  C C   . GLY A 1 16  ? 0.137   -0.126  8.146   1.00 10.69 ? 1254 GLY A C   1 
ATOM   128  O O   . GLY A 1 16  ? -0.306  0.712   8.862   1.00 8.62  ? 1254 GLY A O   1 
ATOM   129  N N   . PHE A 1 17  ? -0.552  -1.200  7.780   1.00 10.88 ? 1255 PHE A N   1 
ATOM   130  C CA  . PHE A 1 17  ? -1.844  -1.504  8.325   1.00 10.95 ? 1255 PHE A CA  1 
ATOM   131  C C   . PHE A 1 17  ? -1.820  -1.937  9.821   1.00 11.59 ? 1255 PHE A C   1 
ATOM   132  O O   . PHE A 1 17  ? -2.626  -1.497  10.584  1.00 11.80 ? 1255 PHE A O   1 
ATOM   133  C CB  . PHE A 1 17  ? -2.561  -2.528  7.484   1.00 11.41 ? 1255 PHE A CB  1 
ATOM   134  C CG  . PHE A 1 17  ? -3.098  -1.967  6.238   1.00 9.54  ? 1255 PHE A CG  1 
ATOM   135  C CD1 . PHE A 1 17  ? -2.422  -2.136  5.100   1.00 9.17  ? 1255 PHE A CD1 1 
ATOM   136  C CD2 . PHE A 1 17  ? -4.289  -1.226  6.225   1.00 10.07 ? 1255 PHE A CD2 1 
ATOM   137  C CE1 . PHE A 1 17  ? -2.921  -1.613  3.918   1.00 9.76  ? 1255 PHE A CE1 1 
ATOM   138  C CE2 . PHE A 1 17  ? -4.754  -0.693  5.067   1.00 8.74  ? 1255 PHE A CE2 1 
ATOM   139  C CZ  . PHE A 1 17  ? -4.094  -0.888  3.941   1.00 8.47  ? 1255 PHE A CZ  1 
ATOM   140  N N   . ILE A 1 18  ? -0.865  -2.779  10.164  1.00 11.99 ? 1256 ILE A N   1 
ATOM   141  C CA  . ILE A 1 18  ? -0.712  -3.270  11.515  1.00 12.56 ? 1256 ILE A CA  1 
ATOM   142  C C   . ILE A 1 18  ? -0.379  -2.110  12.459  1.00 13.40 ? 1256 ILE A C   1 
ATOM   143  O O   . ILE A 1 18  ? -0.989  -1.970  13.456  1.00 14.02 ? 1256 ILE A O   1 
ATOM   144  C CB  . ILE A 1 18  ? 0.334   -4.389  11.593  1.00 12.89 ? 1256 ILE A CB  1 
ATOM   145  C CG1 . ILE A 1 18  ? -0.063  -5.581  10.716  1.00 12.60 ? 1256 ILE A CG1 1 
ATOM   146  C CG2 . ILE A 1 18  ? 0.728   -4.703  12.995  1.00 13.36 ? 1256 ILE A CG2 1 
ATOM   147  C CD1 . ILE A 1 18  ? -1.212  -6.237  11.165  1.00 13.59 ? 1256 ILE A CD1 1 
ATOM   148  N N   . ASP A 1 19  ? 0.579   -1.295  12.082  1.00 12.83 ? 1257 ASP A N   1 
ATOM   149  C CA  . ASP A 1 19  ? 1.161   -0.278  12.949  1.00 14.09 ? 1257 ASP A CA  1 
ATOM   150  C C   . ASP A 1 19  ? 0.453   1.108   12.869  1.00 13.67 ? 1257 ASP A C   1 
ATOM   151  O O   . ASP A 1 19  ? 0.494   1.847   13.777  1.00 13.65 ? 1257 ASP A O   1 
ATOM   152  C CB  . ASP A 1 19  ? 2.645   -0.054  12.698  1.00 14.70 ? 1257 ASP A CB  1 
ATOM   153  C CG  . ASP A 1 19  ? 3.518   -1.282  12.988  1.00 17.47 ? 1257 ASP A CG  1 
ATOM   154  O OD1 . ASP A 1 19  ? 3.143   -2.088  13.776  1.00 23.57 ? 1257 ASP A OD1 1 
ATOM   155  O OD2 . ASP A 1 19  ? 4.567   -1.378  12.365  1.00 23.47 ? 1257 ASP A OD2 1 
ATOM   156  N N   . HIS A 1 20  ? -0.154  1.387   11.728  1.00 12.19 ? 1258 HIS A N   1 
ATOM   157  C CA  . HIS A 1 20  ? -0.621  2.725   11.378  1.00 12.41 ? 1258 HIS A CA  1 
ATOM   158  C C   . HIS A 1 20  ? -2.046  2.826   10.753  1.00 11.38 ? 1258 HIS A C   1 
ATOM   159  O O   . HIS A 1 20  ? -2.338  3.752   10.070  1.00 11.65 ? 1258 HIS A O   1 
ATOM   160  C CB  . HIS A 1 20  ? 0.384   3.546   10.549  1.00 12.10 ? 1258 HIS A CB  1 
ATOM   161  C CG  . HIS A 1 20  ? 1.776   3.602   11.100  1.00 13.27 ? 1258 HIS A CG  1 
ATOM   162  N ND1 . HIS A 1 20  ? 2.833   2.938   10.520  1.00 14.67 ? 1258 HIS A ND1 1 
ATOM   163  C CD2 . HIS A 1 20  ? 2.295   4.290   12.121  1.00 13.18 ? 1258 HIS A CD2 1 
ATOM   164  C CE1 . HIS A 1 20  ? 3.921   3.165   11.196  1.00 12.66 ? 1258 HIS A CE1 1 
ATOM   165  N NE2 . HIS A 1 20  ? 3.630   4.009   12.153  1.00 15.81 ? 1258 HIS A NE2 1 
ATOM   166  N N   . LEU A 1 21  ? -2.899  1.870   11.042  1.00 11.17 ? 1259 LEU A N   1 
ATOM   167  C CA  . LEU A 1 21  ? -4.215  1.864   10.429  1.00 10.68 ? 1259 LEU A CA  1 
ATOM   168  C C   . LEU A 1 21  ? -4.920  3.215   10.545  1.00 10.36 ? 1259 LEU A C   1 
ATOM   169  O O   . LEU A 1 21  ? -5.435  3.704   9.617   1.00 10.00 ? 1259 LEU A O   1 
ATOM   170  C CB  . LEU A 1 21  ? -5.071  0.753   11.005  1.00 10.82 ? 1259 LEU A CB  1 
ATOM   171  C CG  . LEU A 1 21  ? -6.501  0.673   10.502  1.00 11.68 ? 1259 LEU A CG  1 
ATOM   172  C CD1 . LEU A 1 21  ? -6.561  0.430   9.020   1.00 13.29 ? 1259 LEU A CD1 1 
ATOM   173  C CD2 . LEU A 1 21  ? -7.362  -0.234  11.301  1.00 11.80 ? 1259 LEU A CD2 1 
ATOM   174  N N   . ALA A 1 22  ? -4.942  3.767   11.744  1.00 10.80 ? 1260 ALA A N   1 
ATOM   175  C CA  . ALA A 1 22  ? -5.715  4.983   11.982  1.00 10.57 ? 1260 ALA A CA  1 
ATOM   176  C C   . ALA A 1 22  ? -5.269  6.152   11.064  1.00 10.19 ? 1260 ALA A C   1 
ATOM   177  O O   . ALA A 1 22  ? -6.052  6.938   10.601  1.00 9.54  ? 1260 ALA A O   1 
ATOM   178  C CB  . ALA A 1 22  ? -5.611  5.391   13.402  1.00 11.09 ? 1260 ALA A CB  1 
ATOM   179  N N   . SER A 1 23  ? -3.959  6.239   10.883  1.00 9.73  ? 1261 SER A N   1 
ATOM   180  C CA  . SER A 1 23  ? -3.364  7.209   9.982   1.00 9.75  ? 1261 SER A CA  1 
ATOM   181  C C   . SER A 1 23  ? -3.734  6.995   8.509   1.00 9.79  ? 1261 SER A C   1 
ATOM   182  O O   . SER A 1 23  ? -3.980  7.915   7.771   1.00 9.83  ? 1261 SER A O   1 
ATOM   183  C CB  . SER A 1 23  ? -1.853  7.244   10.149  1.00 10.30 ? 1261 SER A CB  1 
ATOM   184  O OG  . SER A 1 23  ? -1.452  7.728   11.360  1.00 9.41  ? 1261 SER A OG  1 
ATOM   185  N N   . LEU A 1 24  ? -3.716  5.733   8.113   1.00 10.00 ? 1262 LEU A N   1 
ATOM   186  C CA  . LEU A 1 24  ? -4.148  5.386   6.773   1.00 10.00 ? 1262 LEU A CA  1 
ATOM   187  C C   . LEU A 1 24  ? -5.567  5.783   6.551   1.00 9.40  ? 1262 LEU A C   1 
ATOM   188  O O   . LEU A 1 24  ? -5.859  6.325   5.574   1.00 8.53  ? 1262 LEU A O   1 
ATOM   189  C CB  . LEU A 1 24  ? -3.917  3.930   6.454   1.00 9.97  ? 1262 LEU A CB  1 
ATOM   190  C CG  . LEU A 1 24  ? -2.485  3.499   6.254   1.00 10.43 ? 1262 LEU A CG  1 
ATOM   191  C CD1 . LEU A 1 24  ? -2.433  2.052   6.039   1.00 10.21 ? 1262 LEU A CD1 1 
ATOM   192  C CD2 . LEU A 1 24  ? -1.807  4.241   5.121   1.00 12.20 ? 1262 LEU A CD2 1 
ATOM   193  N N   . ALA A 1 25  ? -6.392  5.522   7.550   1.00 9.68  ? 1263 ALA A N   1 
ATOM   194  C CA  . ALA A 1 25  ? -7.779  5.946   7.516   1.00 10.29 ? 1263 ALA A CA  1 
ATOM   195  C C   . ALA A 1 25  ? -7.966  7.450   7.326   1.00 10.24 ? 1263 ALA A C   1 
ATOM   196  O O   . ALA A 1 25  ? -8.711  7.882   6.520   1.00 11.31 ? 1263 ALA A O   1 
ATOM   197  C CB  . ALA A 1 25  ? -8.565  5.412   8.727   1.00 10.32 ? 1263 ALA A CB  1 
ATOM   198  N N   . ARG A 1 26  ? -7.224  8.209   8.091   1.00 11.11 ? 1264 ARG A N   1 
ATOM   199  C CA  . ARG A 1 26  ? -7.169  9.663   7.992   1.00 11.56 ? 1264 ARG A CA  1 
ATOM   200  C C   . ARG A 1 26  ? -6.729  10.176  6.628   1.00 10.80 ? 1264 ARG A C   1 
ATOM   201  O O   . ARG A 1 26  ? -7.224  11.114  6.146   1.00 9.82  ? 1264 ARG A O   1 
ATOM   202  C CB  . ARG A 1 26  ? -6.249  10.241  9.056   1.00 12.41 ? 1264 ARG A CB  1 
ATOM   203  C CG  . ARG A 1 26  ? -6.842  10.148  10.473  1.00 16.11 ? 1264 ARG A CG  1 
ATOM   204  C CD  . ARG A 1 26  ? -6.131  10.932  11.542  1.00 19.73 ? 1264 ARG A CD  1 
ATOM   205  N NE  . ARG A 1 26  ? -5.934  12.333  11.204  1.00 24.80 ? 1264 ARG A NE  1 
ATOM   206  C CZ  . ARG A 1 26  ? -5.036  13.123  11.786  1.00 26.90 ? 1264 ARG A CZ  1 
ATOM   207  N NH1 . ARG A 1 26  ? -4.254  12.655  12.745  1.00 28.60 ? 1264 ARG A NH1 1 
ATOM   208  N NH2 . ARG A 1 26  ? -4.897  14.363  11.379  1.00 29.34 ? 1264 ARG A NH2 1 
ATOM   209  N N   . LEU A 1 27  ? -5.743  9.509   6.066   1.00 10.50 ? 1265 LEU A N   1 
ATOM   210  C CA  . LEU A 1 27  ? -5.251  9.811   4.742   1.00 9.88  ? 1265 LEU A CA  1 
ATOM   211  C C   . LEU A 1 27  ? -6.349  9.565   3.703   1.00 9.69  ? 1265 LEU A C   1 
ATOM   212  O O   . LEU A 1 27  ? -6.536  10.308  2.855   1.00 10.59 ? 1265 LEU A O   1 
ATOM   213  C CB  . LEU A 1 27  ? -4.022  9.029   4.462   1.00 9.62  ? 1265 LEU A CB  1 
ATOM   214  C CG  . LEU A 1 27  ? -2.788  9.537   5.199   1.00 9.71  ? 1265 LEU A CG  1 
ATOM   215  C CD1 . LEU A 1 27  ? -1.631  8.637   5.077   1.00 9.28  ? 1265 LEU A CD1 1 
ATOM   216  C CD2 . LEU A 1 27  ? -2.462  10.938  4.804   1.00 10.88 ? 1265 LEU A CD2 1 
ATOM   217  N N   . LEU A 1 28  ? -7.078  8.487   3.859   1.00 9.94  ? 1266 LEU A N   1 
ATOM   218  C CA  . LEU A 1 28  ? -8.154  8.157   2.930   1.00 10.14 ? 1266 LEU A CA  1 
ATOM   219  C C   . LEU A 1 28  ? -9.318  9.142   3.038   1.00 10.72 ? 1266 LEU A C   1 
ATOM   220  O O   . LEU A 1 28  ? -9.839  9.554   2.080   1.00 10.28 ? 1266 LEU A O   1 
ATOM   221  C CB  . LEU A 1 28  ? -8.643  6.749   3.172   1.00 10.28 ? 1266 LEU A CB  1 
ATOM   222  C CG  . LEU A 1 28  ? -9.546  6.083   2.130   1.00 11.66 ? 1266 LEU A CG  1 
ATOM   223  C CD1 . LEU A 1 28  ? -9.109  6.227   0.698   1.00 11.32 ? 1266 LEU A CD1 1 
ATOM   224  C CD2 . LEU A 1 28  ? -9.889  4.744   2.503   1.00 12.99 ? 1266 LEU A CD2 1 
ATOM   225  N N   . GLU A 1 29  ? -9.663  9.492   4.261   1.00 11.68 ? 1267 GLU A N   1 
ATOM   226  C CA  . GLU A 1 29  ? -10.646 10.513  4.554   1.00 12.43 ? 1267 GLU A CA  1 
ATOM   227  C C   . GLU A 1 29  ? -10.359 11.908  3.990   1.00 12.12 ? 1267 GLU A C   1 
ATOM   228  O O   . GLU A 1 29  ? -11.223 12.656  3.724   1.00 11.51 ? 1267 GLU A O   1 
ATOM   229  C CB  . GLU A 1 29  ? -10.846 10.600  6.063   1.00 13.20 ? 1267 GLU A CB  1 
ATOM   230  C CG  . GLU A 1 29  ? -11.374 9.323   6.684   1.00 17.45 ? 1267 GLU A CG  1 
ATOM   231  C CD  . GLU A 1 29  ? -11.499 9.390   8.215   1.00 21.53 ? 1267 GLU A CD  1 
ATOM   232  O OE1 . GLU A 1 29  ? -11.000 10.317  8.842   1.00 25.74 ? 1267 GLU A OE1 1 
ATOM   233  O OE2 . GLU A 1 29  ? -12.109 8.503   8.762   1.00 28.65 ? 1267 GLU A OE2 1 
ATOM   234  N N   . SER A 1 30  ? -9.102  12.249  3.936   1.00 11.28 ? 1268 SER A N   1 
ATOM   235  C CA  . SER A 1 30  ? -8.689  13.496  3.332   1.00 11.44 ? 1268 SER A CA  1 
ATOM   236  C C   . SER A 1 30  ? -9.260  13.706  1.900   1.00 10.73 ? 1268 SER A C   1 
ATOM   237  O O   . SER A 1 30  ? -9.433  14.786  1.486   1.00 10.08 ? 1268 SER A O   1 
ATOM   238  C CB  . SER A 1 30  ? -7.158  13.595  3.294   1.00 11.57 ? 1268 SER A CB  1 
ATOM   239  O OG  . SER A 1 30  ? -6.597  13.109  2.144   1.00 9.92  ? 1268 SER A OG  1 
ATOM   240  N N   . ARG A 1 31  ? -9.487  12.620  1.190   1.00 10.26 ? 1269 ARG A N   1 
ATOM   241  C CA  . ARG A 1 31  ? -9.791  12.647  -0.220  1.00 10.32 ? 1269 ARG A CA  1 
ATOM   242  C C   . ARG A 1 31  ? -8.719  13.244  -1.177  1.00 9.95  ? 1269 ARG A C   1 
ATOM   243  O O   . ARG A 1 31  ? -8.998  13.440  -2.319  1.00 11.21 ? 1269 ARG A O   1 
ATOM   244  C CB  . ARG A 1 31  ? -11.149 13.314  -0.471  1.00 10.49 ? 1269 ARG A CB  1 
ATOM   245  C CG  . ARG A 1 31  ? -12.209 12.969  0.505   1.00 11.11 ? 1269 ARG A CG  1 
ATOM   246  C CD  . ARG A 1 31  ? -12.335 11.550  0.801   1.00 12.77 ? 1269 ARG A CD  1 
ATOM   247  N NE  . ARG A 1 31  ? -12.931 10.842  -0.300  1.00 12.74 ? 1269 ARG A NE  1 
ATOM   248  C CZ  . ARG A 1 31  ? -12.883 9.526   -0.496  1.00 12.03 ? 1269 ARG A CZ  1 
ATOM   249  N NH1 . ARG A 1 31  ? -12.218 8.735   0.315   1.00 9.18  ? 1269 ARG A NH1 1 
ATOM   250  N NH2 . ARG A 1 31  ? -13.481 9.041   -1.541  1.00 9.94  ? 1269 ARG A NH2 1 
ATOM   251  N N   . LYS A 1 32  ? -7.532  13.539  -0.691  1.00 9.80  ? 1270 LYS A N   1 
ATOM   252  C CA  . LYS A 1 32  ? -6.485  14.127  -1.525  1.00 9.71  ? 1270 LYS A CA  1 
ATOM   253  C C   . LYS A 1 32  ? -5.721  13.082  -2.349  1.00 9.02  ? 1270 LYS A C   1 
ATOM   254  O O   . LYS A 1 32  ? -5.179  13.388  -3.326  1.00 7.44  ? 1270 LYS A O   1 
ATOM   255  C CB  . LYS A 1 32  ? -5.523  14.917  -0.675  1.00 10.05 ? 1270 LYS A CB  1 
ATOM   256  C CG  . LYS A 1 32  ? -6.152  16.046  0.078   1.00 12.86 ? 1270 LYS A CG  1 
ATOM   257  C CD  . LYS A 1 32  ? -5.247  17.124  0.434   1.00 16.93 ? 1270 LYS A CD  1 
ATOM   258  C CE  . LYS A 1 32  ? -4.463  16.854  1.633   1.00 19.48 ? 1270 LYS A CE  1 
ATOM   259  N NZ  . LYS A 1 32  ? -3.631  17.953  1.994   1.00 19.82 ? 1270 LYS A NZ  1 
ATOM   260  N N   . TYR A 1 33  ? -5.745  11.850  -1.832  1.00 8.73  ? 1271 TYR A N   1 
ATOM   261  C CA  . TYR A 1 33  ? -4.885  10.773  -2.308  1.00 8.58  ? 1271 TYR A CA  1 
ATOM   262  C C   . TYR A 1 33  ? -5.678  9.527   -2.735  1.00 8.47  ? 1271 TYR A C   1 
ATOM   263  O O   . TYR A 1 33  ? -6.740  9.321   -2.240  1.00 8.18  ? 1271 TYR A O   1 
ATOM   264  C CB  . TYR A 1 33  ? -3.801  10.429  -1.313  1.00 9.01  ? 1271 TYR A CB  1 
ATOM   265  C CG  . TYR A 1 33  ? -3.215  11.642  -0.668  1.00 8.55  ? 1271 TYR A CG  1 
ATOM   266  C CD1 . TYR A 1 33  ? -3.519  11.967  0.627   1.00 9.23  ? 1271 TYR A CD1 1 
ATOM   267  C CD2 . TYR A 1 33  ? -2.401  12.491  -1.375  1.00 10.04 ? 1271 TYR A CD2 1 
ATOM   268  C CE1 . TYR A 1 33  ? -3.005  13.073  1.218   1.00 9.82  ? 1271 TYR A CE1 1 
ATOM   269  C CE2 . TYR A 1 33  ? -1.878  13.609  -0.798  1.00 9.24  ? 1271 TYR A CE2 1 
ATOM   270  C CZ  . TYR A 1 33  ? -2.214  13.912  0.507   1.00 9.35  ? 1271 TYR A CZ  1 
ATOM   271  O OH  . TYR A 1 33  ? -1.716  14.998  1.096   1.00 11.77 ? 1271 TYR A OH  1 
ATOM   272  N N   . ILE A 1 34  ? -5.112  8.732   -3.643  1.00 7.87  ? 1272 ILE A N   1 
ATOM   273  C CA  . ILE A 1 34  ? -5.575  7.403   -3.933  1.00 8.02  ? 1272 ILE A CA  1 
ATOM   274  C C   . ILE A 1 34  ? -4.694  6.389   -3.173  1.00 8.18  ? 1272 ILE A C   1 
ATOM   275  O O   . ILE A 1 34  ? -3.535  6.326   -3.380  1.00 8.41  ? 1272 ILE A O   1 
ATOM   276  C CB  . ILE A 1 34  ? -5.498  7.057   -5.434  1.00 8.03  ? 1272 ILE A CB  1 
ATOM   277  C CG1 . ILE A 1 34  ? -6.124  8.174   -6.264  1.00 7.11  ? 1272 ILE A CG1 1 
ATOM   278  C CG2 . ILE A 1 34  ? -6.066  5.723   -5.656  1.00 7.13  ? 1272 ILE A CG2 1 
ATOM   279  C CD1 . ILE A 1 34  ? -7.396  8.462   -5.913  1.00 7.47  ? 1272 ILE A CD1 1 
ATOM   280  N N   . LEU A 1 35  ? -5.315  5.645   -2.281  1.00 8.74  ? 1273 LEU A N   1 
ATOM   281  C CA  . LEU A 1 35  ? -4.639  4.599   -1.558  1.00 8.79  ? 1273 LEU A CA  1 
ATOM   282  C C   . LEU A 1 35  ? -4.739  3.328   -2.392  1.00 8.71  ? 1273 LEU A C   1 
ATOM   283  O O   . LEU A 1 35  ? -5.778  2.825   -2.628  1.00 9.52  ? 1273 LEU A O   1 
ATOM   284  C CB  . LEU A 1 35  ? -5.254  4.394   -0.176  1.00 9.27  ? 1273 LEU A CB  1 
ATOM   285  C CG  . LEU A 1 35  ? -4.642  3.425   0.814   1.00 11.11 ? 1273 LEU A CG  1 
ATOM   286  C CD1 . LEU A 1 35  ? -3.221  3.750   1.093   1.00 12.40 ? 1273 LEU A CD1 1 
ATOM   287  C CD2 . LEU A 1 35  ? -5.417  3.316   2.114   1.00 13.50 ? 1273 LEU A CD2 1 
ATOM   288  N N   . VAL A 1 36  ? -3.593  2.839   -2.799  1.00 8.76  ? 1274 VAL A N   1 
ATOM   289  C CA  . VAL A 1 36  ? -3.521  1.651   -3.573  1.00 9.02  ? 1274 VAL A CA  1 
ATOM   290  C C   . VAL A 1 36  ? -2.862  0.485   -2.835  1.00 8.23  ? 1274 VAL A C   1 
ATOM   291  O O   . VAL A 1 36  ? -1.724  0.487   -2.607  1.00 7.76  ? 1274 VAL A O   1 
ATOM   292  C CB  . VAL A 1 36  ? -2.838  1.864   -4.950  1.00 9.26  ? 1274 VAL A CB  1 
ATOM   293  C CG1 . VAL A 1 36  ? -2.919  0.586   -5.738  1.00 10.32 ? 1274 VAL A CG1 1 
ATOM   294  C CG2 . VAL A 1 36  ? -3.386  3.082   -5.713  1.00 9.30  ? 1274 VAL A CG2 1 
ATOM   295  N N   . VAL A 1 37  ? -3.681  -0.469  -2.462  1.00 8.38  ? 1275 VAL A N   1 
ATOM   296  C CA  . VAL A 1 37  ? -3.240  -1.579  -1.674  1.00 8.48  ? 1275 VAL A CA  1 
ATOM   297  C C   . VAL A 1 37  ? -2.851  -2.760  -2.542  1.00 8.65  ? 1275 VAL A C   1 
ATOM   298  O O   . VAL A 1 37  ? -3.700  -3.315  -3.176  1.00 8.55  ? 1275 VAL A O   1 
ATOM   299  C CB  . VAL A 1 37  ? -4.285  -2.051  -0.635  1.00 8.50  ? 1275 VAL A CB  1 
ATOM   300  C CG1 . VAL A 1 37  ? -3.655  -3.101  0.263   1.00 9.23  ? 1275 VAL A CG1 1 
ATOM   301  C CG2 . VAL A 1 37  ? -4.874  -0.938  0.116   1.00 10.09 ? 1275 VAL A CG2 1 
ATOM   302  N N   . PRO A 1 38  ? -1.582  -3.161  -2.507  1.00 8.69  ? 1276 PRO A N   1 
ATOM   303  C CA  . PRO A 1 38  ? -1.240  -4.369  -3.237  1.00 8.77  ? 1276 PRO A CA  1 
ATOM   304  C C   . PRO A 1 38  ? -2.109  -5.543  -2.750  1.00 9.80  ? 1276 PRO A C   1 
ATOM   305  O O   . PRO A 1 38  ? -2.290  -5.735  -1.593  1.00 9.41  ? 1276 PRO A O   1 
ATOM   306  C CB  . PRO A 1 38  ? 0.233   -4.593  -2.940  1.00 9.05  ? 1276 PRO A CB  1 
ATOM   307  C CG  . PRO A 1 38  ? 0.759   -3.231  -2.466  1.00 8.51  ? 1276 PRO A CG  1 
ATOM   308  C CD  . PRO A 1 38  ? -0.405  -2.543  -1.875  1.00 8.11  ? 1276 PRO A CD  1 
ATOM   309  N N   . LEU A 1 39  ? -2.630  -6.296  -3.702  1.00 9.81  ? 1277 LEU A N   1 
ATOM   310  C CA  . LEU A 1 39  ? -3.407  -7.440  -3.358  1.00 10.87 ? 1277 LEU A CA  1 
ATOM   311  C C   . LEU A 1 39  ? -2.661  -8.416  -2.448  1.00 10.95 ? 1277 LEU A C   1 
ATOM   312  O O   . LEU A 1 39  ? -3.211  -8.871  -1.519  1.00 11.86 ? 1277 LEU A O   1 
ATOM   313  C CB  . LEU A 1 39  ? -4.057  -8.101  -4.553  1.00 11.50 ? 1277 LEU A CB  1 
ATOM   314  C CG  . LEU A 1 39  ? -4.976  -9.274  -4.233  1.00 12.00 ? 1277 LEU A CG  1 
ATOM   315  C CD1 . LEU A 1 39  ? -6.032  -8.958  -3.290  1.00 14.70 ? 1277 LEU A CD1 1 
ATOM   316  C CD2 . LEU A 1 39  ? -5.537  -9.959  -5.403  1.00 13.74 ? 1277 LEU A CD2 1 
ATOM   317  N N   . ILE A 1 40  ? -1.391  -8.640  -2.678  1.00 10.29 ? 1278 ILE A N   1 
ATOM   318  C CA  . ILE A 1 40  ? -0.608  -9.442  -1.757  1.00 10.80 ? 1278 ILE A CA  1 
ATOM   319  C C   . ILE A 1 40  ? -0.605  -8.958  -0.276  1.00 9.97  ? 1278 ILE A C   1 
ATOM   320  O O   . ILE A 1 40  ? -0.482  -9.730  0.611   1.00 8.83  ? 1278 ILE A O   1 
ATOM   321  C CB  . ILE A 1 40  ? 0.823   -9.617  -2.250  1.00 11.47 ? 1278 ILE A CB  1 
ATOM   322  C CG1 . ILE A 1 40  ? 1.550   -10.703 -1.498  1.00 13.41 ? 1278 ILE A CG1 1 
ATOM   323  C CG2 . ILE A 1 40  ? 1.627   -8.346  -2.257  1.00 11.70 ? 1278 ILE A CG2 1 
ATOM   324  C CD1 . ILE A 1 40  ? 0.971   -11.915 -1.608  1.00 15.31 ? 1278 ILE A CD1 1 
ATOM   325  N N   . VAL A 1 41  ? -0.759  -7.658  -0.096  1.00 9.00  ? 1279 VAL A N   1 
ATOM   326  C CA  . VAL A 1 41  ? -0.856  -7.113  1.242   1.00 9.19  ? 1279 VAL A CA  1 
ATOM   327  C C   . VAL A 1 41  ? -2.148  -7.559  1.973   1.00 10.00 ? 1279 VAL A C   1 
ATOM   328  O O   . VAL A 1 41  ? -2.112  -7.908  3.114   1.00 9.60  ? 1279 VAL A O   1 
ATOM   329  C CB  . VAL A 1 41  ? -0.657  -5.552  1.266   1.00 9.16  ? 1279 VAL A CB  1 
ATOM   330  C CG1 . VAL A 1 41  ? -1.015  -4.954  2.584   1.00 9.09  ? 1279 VAL A CG1 1 
ATOM   331  C CG2 . VAL A 1 41  ? 0.743   -5.232  0.910   1.00 9.13  ? 1279 VAL A CG2 1 
ATOM   332  N N   . ILE A 1 42  ? -3.234  -7.506  1.235   1.00 9.88  ? 1280 ILE A N   1 
ATOM   333  C CA  . ILE A 1 42  ? -4.502  -7.943  1.714   1.00 10.68 ? 1280 ILE A CA  1 
ATOM   334  C C   . ILE A 1 42  ? -4.394  -9.439  2.055   1.00 10.70 ? 1280 ILE A C   1 
ATOM   335  O O   . ILE A 1 42  ? -4.783  -9.857  3.056   1.00 10.97 ? 1280 ILE A O   1 
ATOM   336  C CB  . ILE A 1 42  ? -5.646  -7.605  0.702   1.00 10.39 ? 1280 ILE A CB  1 
ATOM   337  C CG1 . ILE A 1 42  ? -5.677  -6.094  0.367   1.00 10.46 ? 1280 ILE A CG1 1 
ATOM   338  C CG2 . ILE A 1 42  ? -6.985  -8.117  1.176   1.00 10.89 ? 1280 ILE A CG2 1 
ATOM   339  C CD1 . ILE A 1 42  ? -6.734  -5.655  -0.519  1.00 10.00 ? 1280 ILE A CD1 1 
ATOM   340  N N   . ASN A 1 43  ? -3.818  -10.209 1.162   1.00 11.42 ? 1281 ASN A N   1 
ATOM   341  C CA  . ASN A 1 43  ? -3.578  -11.600 1.422   1.00 11.41 ? 1281 ASN A CA  1 
ATOM   342  C C   . ASN A 1 43  ? -2.785  -11.883 2.687   1.00 11.18 ? 1281 ASN A C   1 
ATOM   343  O O   . ASN A 1 43  ? -3.119  -12.743 3.396   1.00 10.06 ? 1281 ASN A O   1 
ATOM   344  C CB  . ASN A 1 43  ? -2.932  -12.313 0.265   1.00 12.31 ? 1281 ASN A CB  1 
ATOM   345  C CG  . ASN A 1 43  ? -3.754  -12.280 -0.961  1.00 13.90 ? 1281 ASN A CG  1 
ATOM   346  O OD1 . ASN A 1 43  ? -4.938  -12.095 -0.941  1.00 17.81 ? 1281 ASN A OD1 1 
ATOM   347  N ND2 . ASN A 1 43  ? -3.110  -12.445 -2.032  1.00 17.74 ? 1281 ASN A ND2 1 
ATOM   348  N N   . CYS A 1 44  ? -1.734  -11.123 2.945   1.00 11.82 ? 1282 CYS A N   1 
ATOM   349  C CA  A CYS A 1 44  ? -0.948  -11.192 4.066   0.50 12.35 ? 1282 CYS A CA  1 
ATOM   350  C CA  B CYS A 1 44  ? -0.940  -11.195 4.116   0.50 12.35 ? 1282 CYS A CA  1 
ATOM   351  C C   . CYS A 1 44  ? -1.746  -10.914 5.401   1.00 11.50 ? 1282 CYS A C   1 
ATOM   352  O O   . CYS A 1 44  ? -1.740  -11.622 6.320   1.00 9.51  ? 1282 CYS A O   1 
ATOM   353  C CB  A CYS A 1 44  ? 0.240   -10.273 3.953   0.50 13.78 ? 1282 CYS A CB  1 
ATOM   354  C CB  B CYS A 1 44  ? 0.257   -10.263 4.125   0.50 13.78 ? 1282 CYS A CB  1 
ATOM   355  S SG  A CYS A 1 44  ? 1.352   -10.508 5.246   0.50 23.11 ? 1282 CYS A SG  1 
ATOM   356  S SG  B CYS A 1 44  ? 1.537   -10.760 3.056   0.50 23.11 ? 1282 CYS A SG  1 
ATOM   357  N N   . LEU A 1 45  ? -2.579  -9.904  5.288   1.00 10.22 ? 1283 LEU A N   1 
ATOM   358  C CA  . LEU A 1 45  ? -3.462  -9.482  6.347   1.00 10.84 ? 1283 LEU A CA  1 
ATOM   359  C C   . LEU A 1 45  ? -4.539  -10.556 6.662   1.00 10.85 ? 1283 LEU A C   1 
ATOM   360  O O   . LEU A 1 45  ? -4.799  -10.819 7.780   1.00 9.35  ? 1283 LEU A O   1 
ATOM   361  C CB  . LEU A 1 45  ? -4.128  -8.183  5.998   1.00 11.09 ? 1283 LEU A CB  1 
ATOM   362  C CG  . LEU A 1 45  ? -3.246  -6.947  6.062   1.00 11.06 ? 1283 LEU A CG  1 
ATOM   363  C CD1 . LEU A 1 45  ? -3.997  -5.762  5.487   1.00 12.16 ? 1283 LEU A CD1 1 
ATOM   364  C CD2 . LEU A 1 45  ? -2.745  -6.634  7.431   1.00 11.13 ? 1283 LEU A CD2 1 
ATOM   365  N N   . ASP A 1 46  ? -5.062  -11.148 5.595   1.00 10.86 ? 1284 ASP A N   1 
ATOM   366  C CA  . ASP A 1 46  ? -5.965  -12.242 5.685   1.00 11.36 ? 1284 ASP A CA  1 
ATOM   367  C C   . ASP A 1 46  ? -5.324  -13.367 6.487   1.00 11.30 ? 1284 ASP A C   1 
ATOM   368  O O   . ASP A 1 46  ? -5.900  -13.863 7.406   1.00 11.53 ? 1284 ASP A O   1 
ATOM   369  C CB  . ASP A 1 46  ? -6.406  -12.708 4.310   1.00 11.38 ? 1284 ASP A CB  1 
ATOM   370  C CG  . ASP A 1 46  ? -7.658  -11.991 3.786   1.00 11.48 ? 1284 ASP A CG  1 
ATOM   371  O OD1 . ASP A 1 46  ? -8.296  -11.237 4.497   1.00 11.79 ? 1284 ASP A OD1 1 
ATOM   372  O OD2 . ASP A 1 46  ? -7.956  -12.220 2.650   1.00 11.71 ? 1284 ASP A OD2 1 
ATOM   373  N N   . GLY A 1 47  ? -4.111  -13.703 6.119   1.00 11.58 ? 1285 GLY A N   1 
ATOM   374  C CA  . GLY A 1 47  ? -3.376  -14.753 6.772   1.00 11.57 ? 1285 GLY A CA  1 
ATOM   375  C C   . GLY A 1 47  ? -3.118  -14.515 8.246   1.00 11.29 ? 1285 GLY A C   1 
ATOM   376  O O   . GLY A 1 47  ? -3.261  -15.381 9.017   1.00 11.95 ? 1285 GLY A O   1 
ATOM   377  N N   . LEU A 1 48  ? -2.746  -13.301 8.610   1.00 11.07 ? 1286 LEU A N   1 
ATOM   378  C CA  . LEU A 1 48  ? -2.531  -12.943 10.024  1.00 10.72 ? 1286 LEU A CA  1 
ATOM   379  C C   . LEU A 1 48  ? -3.791  -12.919 10.857  1.00 11.20 ? 1286 LEU A C   1 
ATOM   380  O O   . LEU A 1 48  ? -3.803  -13.288 11.956  1.00 10.39 ? 1286 LEU A O   1 
ATOM   381  C CB  . LEU A 1 48  ? -1.848  -11.595 10.146  1.00 10.91 ? 1286 LEU A CB  1 
ATOM   382  C CG  . LEU A 1 48  ? -0.419  -11.462 9.552   1.00 10.16 ? 1286 LEU A CG  1 
ATOM   383  C CD1 . LEU A 1 48  ? -0.119  -10.019 9.330   1.00 11.30 ? 1286 LEU A CD1 1 
ATOM   384  C CD2 . LEU A 1 48  ? 0.607   -12.077 10.483  1.00 10.57 ? 1286 LEU A CD2 1 
ATOM   385  N N   . ALA A 1 49  ? -4.845  -12.401 10.250  1.00 11.86 ? 1287 ALA A N   1 
ATOM   386  C CA  . ALA A 1 49  ? -6.175  -12.450 10.820  1.00 12.58 ? 1287 ALA A CA  1 
ATOM   387  C C   . ALA A 1 49  ? -6.669  -13.877 11.140  1.00 13.64 ? 1287 ALA A C   1 
ATOM   388  O O   . ALA A 1 49  ? -7.244  -14.134 12.137  1.00 13.01 ? 1287 ALA A O   1 
ATOM   389  C CB  . ALA A 1 49  ? -7.127  -11.714 10.007  1.00 12.25 ? 1287 ALA A CB  1 
ATOM   390  N N   . LYS A 1 50  ? -6.440  -14.796 10.200  1.00 15.36 ? 1288 LYS A N   1 
ATOM   391  C CA  . LYS A 1 50  ? -6.854  -16.138 10.384  1.00 17.31 ? 1288 LYS A CA  1 
ATOM   392  C C   . LYS A 1 50  ? -6.011  -16.856 11.423  1.00 18.47 ? 1288 LYS A C   1 
ATOM   393  O O   . LYS A 1 50  ? -6.504  -17.624 12.200  1.00 18.17 ? 1288 LYS A O   1 
ATOM   394  C CB  . LYS A 1 50  ? -6.776  -16.909 9.090   1.00 17.78 ? 1288 LYS A CB  1 
ATOM   395  C CG  . LYS A 1 50  ? -7.311  -18.314 9.174   1.00 20.49 ? 1288 LYS A CG  1 
ATOM   396  C CD  . LYS A 1 50  ? -7.149  -19.062 7.877   1.00 24.83 ? 1288 LYS A CD  1 
ATOM   397  C CE  . LYS A 1 50  ? -8.047  -18.557 6.799   1.00 26.90 ? 1288 LYS A CE  1 
ATOM   398  N NZ  . LYS A 1 50  ? -8.003  -19.302 5.477   1.00 29.83 ? 1288 LYS A NZ  1 
ATOM   399  N N   . GLY A 1 51  ? -4.785  -16.714 11.312  1.00 20.02 ? 1289 GLY A N   1 
ATOM   400  C CA  . GLY A 1 51  ? -3.868  -17.476 12.119  1.00 22.00 ? 1289 GLY A CA  1 
ATOM   401  C C   . GLY A 1 51  ? -3.718  -18.901 11.628  1.00 23.42 ? 1289 GLY A C   1 
ATOM   402  O O   . GLY A 1 51  ? -4.285  -19.269 10.653  1.00 24.54 ? 1289 GLY A O   1 
ATOM   403  N N   . GLN A 1 52  ? -2.869  -19.672 12.266  1.00 25.48 ? 1290 GLN A N   1 
ATOM   404  C CA  . GLN A 1 52  ? -2.411  -20.908 11.655  1.00 26.49 ? 1290 GLN A CA  1 
ATOM   405  C C   . GLN A 1 52  ? -2.876  -22.167 12.347  1.00 27.29 ? 1290 GLN A C   1 
ATOM   406  O O   . GLN A 1 52  ? -4.030  -22.265 12.718  1.00 29.04 ? 1290 GLN A O   1 
ATOM   407  C CB  . GLN A 1 52  ? -0.909  -20.917 11.289  1.00 20.00 ? 1290 GLN A CB  1 
ATOM   408  C CG  . GLN A 1 52  ? -0.462  -19.734 10.369  0.00 20.00 ? 1290 GLN A CG  1 
ATOM   409  C CD  . GLN A 1 52  ? -0.749  -20.002 8.901   0.00 20.00 ? 1290 GLN A CD  1 
ATOM   410  O OE1 . GLN A 1 52  ? -0.897  -21.136 8.518   0.00 20.00 ? 1290 GLN A OE1 1 
ATOM   411  N NE2 . GLN A 1 52  ? -0.847  -18.955 8.086   0.00 20.00 ? 1290 GLN A NE2 1 
ATOM   412  N N   . ALA A 1 58  ? -1.118  -19.883 20.446  1.00 18.27 ? 1296 ALA A N   1 
ATOM   413  C CA  . ALA A 1 58  ? -0.538  -18.629 19.934  1.00 17.05 ? 1296 ALA A CA  1 
ATOM   414  C C   . ALA A 1 58  ? -0.135  -17.660 21.048  1.00 15.89 ? 1296 ALA A C   1 
ATOM   415  O O   . ALA A 1 58  ? -0.843  -17.519 21.995  1.00 16.31 ? 1296 ALA A O   1 
ATOM   416  C CB  . ALA A 1 58  ? -1.453  -17.955 18.995  1.00 18.38 ? 1296 ALA A CB  1 
ATOM   417  N N   . GLY A 1 59  ? 1.005   -17.032 20.880  1.00 14.10 ? 1297 GLY A N   1 
ATOM   418  C CA  . GLY A 1 59  ? 1.536   -16.111 21.838  1.00 13.21 ? 1297 GLY A CA  1 
ATOM   419  C C   . GLY A 1 59  ? 0.858   -14.760 21.880  1.00 12.12 ? 1297 GLY A C   1 
ATOM   420  O O   . GLY A 1 59  ? 0.055   -14.468 21.089  1.00 10.85 ? 1297 GLY A O   1 
ATOM   421  N N   . GLY A 1 60  ? 1.239   -13.948 22.856  1.00 11.51 ? 1298 GLY A N   1 
ATOM   422  C CA  . GLY A 1 60  ? 0.592   -12.672 23.061  1.00 11.59 ? 1298 GLY A CA  1 
ATOM   423  C C   . GLY A 1 60  ? 0.757   -11.741 21.886  1.00 11.42 ? 1298 GLY A C   1 
ATOM   424  O O   . GLY A 1 60  ? -0.155  -11.196 21.372  1.00 11.21 ? 1298 GLY A O   1 
ATOM   425  N N   . TYR A 1 61  ? 1.997   -11.596 21.461  1.00 12.12 ? 1299 TYR A N   1 
ATOM   426  C CA  . TYR A 1 61  ? 2.310   -10.676 20.383  1.00 12.45 ? 1299 TYR A CA  1 
ATOM   427  C C   . TYR A 1 61  ? 1.580   -11.093 19.089  1.00 12.08 ? 1299 TYR A C   1 
ATOM   428  O O   . TYR A 1 61  ? 0.959   -10.320 18.454  1.00 12.28 ? 1299 TYR A O   1 
ATOM   429  C CB  . TYR A 1 61  ? 3.807   -10.575 20.203  1.00 13.67 ? 1299 TYR A CB  1 
ATOM   430  C CG  . TYR A 1 61  ? 4.220   -9.814  18.997  1.00 15.98 ? 1299 TYR A CG  1 
ATOM   431  C CD1 . TYR A 1 61  ? 4.601   -10.488 17.876  1.00 19.87 ? 1299 TYR A CD1 1 
ATOM   432  C CD2 . TYR A 1 61  ? 4.214   -8.444  18.966  1.00 19.68 ? 1299 TYR A CD2 1 
ATOM   433  C CE1 . TYR A 1 61  ? 4.981   -9.842  16.725  1.00 21.15 ? 1299 TYR A CE1 1 
ATOM   434  C CE2 . TYR A 1 61  ? 4.593   -7.767  17.785  1.00 19.48 ? 1299 TYR A CE2 1 
ATOM   435  C CZ  . TYR A 1 61  ? 4.980   -8.473  16.693  1.00 20.73 ? 1299 TYR A CZ  1 
ATOM   436  O OH  . TYR A 1 61  ? 5.356   -7.877  15.542  1.00 22.20 ? 1299 TYR A OH  1 
ATOM   437  N N   . ALA A 1 62  ? 1.642   -12.385 18.784  1.00 11.84 ? 1300 ALA A N   1 
ATOM   438  C CA  . ALA A 1 62  ? 0.875   -12.939 17.677  1.00 11.66 ? 1300 ALA A CA  1 
ATOM   439  C C   . ALA A 1 62  ? -0.633  -12.589 17.742  1.00 10.82 ? 1300 ALA A C   1 
ATOM   440  O O   . ALA A 1 62  ? -1.236  -12.138 16.815  1.00 10.56 ? 1300 ALA A O   1 
ATOM   441  C CB  . ALA A 1 62  ? 1.086   -14.381 17.586  1.00 11.90 ? 1300 ALA A CB  1 
ATOM   442  N N   . ARG A 1 63  ? -1.198  -12.794 18.910  1.00 10.00 ? 1301 ARG A N   1 
ATOM   443  C CA  . ARG A 1 63  ? -2.594  -12.476 19.102  1.00 10.34 ? 1301 ARG A CA  1 
ATOM   444  C C   . ARG A 1 63  ? -2.889  -11.012 18.920  1.00 10.26 ? 1301 ARG A C   1 
ATOM   445  O O   . ARG A 1 63  ? -3.841  -10.662 18.373  1.00 10.42 ? 1301 ARG A O   1 
ATOM   446  C CB  . ARG A 1 63  ? -3.134  -13.020 20.436  1.00 10.78 ? 1301 ARG A CB  1 
ATOM   447  C CG  . ARG A 1 63  ? -3.093  -14.527 20.531  1.00 10.90 ? 1301 ARG A CG  1 
ATOM   448  C CD  . ARG A 1 63  ? -3.405  -15.080 21.893  1.00 10.33 ? 1301 ARG A CD  1 
ATOM   449  N NE  . ARG A 1 63  ? -4.744  -14.767 22.343  1.00 9.49  ? 1301 ARG A NE  1 
ATOM   450  C CZ  . ARG A 1 63  ? -5.192  -14.924 23.577  1.00 11.04 ? 1301 ARG A CZ  1 
ATOM   451  N NH1 . ARG A 1 63  ? -4.391  -15.366 24.545  1.00 11.63 ? 1301 ARG A NH1 1 
ATOM   452  N NH2 . ARG A 1 63  ? -6.416  -14.593 23.843  1.00 10.19 ? 1301 ARG A NH2 1 
ATOM   453  N N   . VAL A 1 64  ? -2.006  -10.187 19.413  1.00 10.26 ? 1302 VAL A N   1 
ATOM   454  C CA  . VAL A 1 64  ? -2.094  -8.761  19.222  1.00 11.07 ? 1302 VAL A CA  1 
ATOM   455  C C   . VAL A 1 64  ? -2.082  -8.319  17.745  1.00 10.13 ? 1302 VAL A C   1 
ATOM   456  O O   . VAL A 1 64  ? -2.903  -7.606  17.300  1.00 10.30 ? 1302 VAL A O   1 
ATOM   457  C CB  . VAL A 1 64  ? -1.022  -8.015  20.065  1.00 11.30 ? 1302 VAL A CB  1 
ATOM   458  C CG1 . VAL A 1 64  ? -0.893  -6.606  19.651  1.00 13.23 ? 1302 VAL A CG1 1 
ATOM   459  C CG2 . VAL A 1 64  ? -1.332  -8.135  21.513  1.00 11.12 ? 1302 VAL A CG2 1 
ATOM   460  N N   . VAL A 1 65  ? -1.161  -8.843  16.998  1.00 10.66 ? 1303 VAL A N   1 
ATOM   461  C CA  . VAL A 1 65  ? -1.096  -8.608  15.571  1.00 10.37 ? 1303 VAL A CA  1 
ATOM   462  C C   . VAL A 1 65  ? -2.318  -9.121  14.826  1.00 10.24 ? 1303 VAL A C   1 
ATOM   463  O O   . VAL A 1 65  ? -2.764  -8.513  13.958  1.00 9.86  ? 1303 VAL A O   1 
ATOM   464  C CB  . VAL A 1 65  ? 0.208   -9.169  15.000  1.00 9.97  ? 1303 VAL A CB  1 
ATOM   465  C CG1 . VAL A 1 65  ? 0.238   -9.181  13.566  1.00 11.24 ? 1303 VAL A CG1 1 
ATOM   466  C CG2 . VAL A 1 65  ? 1.423   -8.478  15.557  1.00 10.08 ? 1303 VAL A CG2 1 
ATOM   467  N N   . GLN A 1 66  ? -2.787  -10.303 15.192  1.00 10.56 ? 1304 GLN A N   1 
ATOM   468  C CA  . GLN A 1 66  ? -3.951  -10.916 14.573  1.00 10.82 ? 1304 GLN A CA  1 
ATOM   469  C C   . GLN A 1 66  ? -5.157  -10.014 14.687  1.00 10.79 ? 1304 GLN A C   1 
ATOM   470  O O   . GLN A 1 66  ? -5.865  -9.873  13.765  1.00 10.87 ? 1304 GLN A O   1 
ATOM   471  C CB  . GLN A 1 66  ? -4.243  -12.292 15.153  1.00 11.29 ? 1304 GLN A CB  1 
ATOM   472  C CG  . GLN A 1 66  ? -5.536  -12.920 14.767  1.00 11.07 ? 1304 GLN A CG  1 
ATOM   473  C CD  . GLN A 1 66  ? -5.810  -14.227 15.478  1.00 13.30 ? 1304 GLN A CD  1 
ATOM   474  O OE1 . GLN A 1 66  ? -5.494  -14.420 16.601  1.00 14.89 ? 1304 GLN A OE1 1 
ATOM   475  N NE2 . GLN A 1 66  ? -6.366  -15.102 14.779  1.00 15.21 ? 1304 GLN A NE2 1 
ATOM   476  N N   . GLU A 1 67  ? -5.358  -9.416  15.840  1.00 11.24 ? 1305 GLU A N   1 
ATOM   477  C CA  . GLU A 1 67  ? -6.446  -8.484  16.003  1.00 11.63 ? 1305 GLU A CA  1 
ATOM   478  C C   . GLU A 1 67  ? -6.278  -7.205  15.127  1.00 10.95 ? 1305 GLU A C   1 
ATOM   479  O O   . GLU A 1 67  ? -7.170  -6.711  14.540  1.00 11.00 ? 1305 GLU A O   1 
ATOM   480  C CB  . GLU A 1 67  ? -6.591  -8.155  17.483  1.00 12.28 ? 1305 GLU A CB  1 
ATOM   481  C CG  . GLU A 1 67  ? -7.563  -7.068  17.831  1.00 14.64 ? 1305 GLU A CG  1 
ATOM   482  C CD  . GLU A 1 67  ? -9.022  -7.364  17.475  1.00 17.09 ? 1305 GLU A CD  1 
ATOM   483  O OE1 . GLU A 1 67  ? -9.347  -8.469  17.116  1.00 18.82 ? 1305 GLU A OE1 1 
ATOM   484  O OE2 . GLU A 1 67  ? -9.814  -6.454  17.577  1.00 19.70 ? 1305 GLU A OE2 1 
ATOM   485  N N   . LYS A 1 68  ? -5.074  -6.682  15.131  1.00 10.89 ? 1306 LYS A N   1 
ATOM   486  C CA  . LYS A 1 68  ? -4.718  -5.537  14.312  1.00 10.61 ? 1306 LYS A CA  1 
ATOM   487  C C   . LYS A 1 68  ? -5.001  -5.821  12.824  1.00 9.82  ? 1306 LYS A C   1 
ATOM   488  O O   . LYS A 1 68  ? -5.463  -5.003  12.156  1.00 11.40 ? 1306 LYS A O   1 
ATOM   489  C CB  . LYS A 1 68  ? -3.277  -5.168  14.527  1.00 10.53 ? 1306 LYS A CB  1 
ATOM   490  C CG  . LYS A 1 68  ? -3.072  -4.525  15.879  1.00 12.21 ? 1306 LYS A CG  1 
ATOM   491  C CD  . LYS A 1 68  ? -1.680  -4.078  16.135  1.00 12.99 ? 1306 LYS A CD  1 
ATOM   492  C CE  . LYS A 1 68  ? -1.659  -3.386  17.462  1.00 13.44 ? 1306 LYS A CE  1 
ATOM   493  N NZ  . LYS A 1 68  ? -0.379  -3.100  18.014  1.00 15.95 ? 1306 LYS A NZ  1 
ATOM   494  N N   . ALA A 1 69  ? -4.719  -7.021  12.409  1.00 9.61  ? 1307 ALA A N   1 
ATOM   495  C CA  . ALA A 1 69  ? -4.937  -7.525  11.069  1.00 9.39  ? 1307 ALA A CA  1 
ATOM   496  C C   . ALA A 1 69  ? -6.439  -7.627  10.725  1.00 10.10 ? 1307 ALA A C   1 
ATOM   497  O O   . ALA A 1 69  ? -6.852  -7.208  9.723   1.00 9.98  ? 1307 ALA A O   1 
ATOM   498  C CB  . ALA A 1 69  ? -4.278  -8.804  10.947  1.00 9.85  ? 1307 ALA A CB  1 
ATOM   499  N N   . ARG A 1 70  ? -7.214  -8.170  11.643  1.00 10.11 ? 1308 ARG A N   1 
ATOM   500  C CA  . ARG A 1 70  ? -8.664  -8.206  11.581  1.00 11.04 ? 1308 ARG A CA  1 
ATOM   501  C C   . ARG A 1 70  ? -9.242  -6.803  11.383  1.00 10.56 ? 1308 ARG A C   1 
ATOM   502  O O   . ARG A 1 70  ? -9.979  -6.587  10.530  1.00 9.90  ? 1308 ARG A O   1 
ATOM   503  C CB  . ARG A 1 70  ? -9.248  -8.861  12.824  1.00 11.26 ? 1308 ARG A CB  1 
ATOM   504  C CG  . ARG A 1 70  ? -10.733 -8.962  12.749  1.00 14.64 ? 1308 ARG A CG  1 
ATOM   505  C CD  . ARG A 1 70  ? -11.429 -9.262  14.081  1.00 16.68 ? 1308 ARG A CD  1 
ATOM   506  N NE  . ARG A 1 70  ? -11.327 -8.181  15.016  1.00 17.68 ? 1308 ARG A NE  1 
ATOM   507  C CZ  . ARG A 1 70  ? -12.049 -7.086  14.927  1.00 21.72 ? 1308 ARG A CZ  1 
ATOM   508  N NH1 . ARG A 1 70  ? -11.893 -6.108  15.806  1.00 22.73 ? 1308 ARG A NH1 1 
ATOM   509  N NH2 . ARG A 1 70  ? -12.945 -6.982  13.965  1.00 21.33 ? 1308 ARG A NH2 1 
ATOM   510  N N   . LYS A 1 71  ? -8.826  -5.886  12.239  1.00 10.24 ? 1309 LYS A N   1 
ATOM   511  C CA  . LYS A 1 71  ? -9.259  -4.495  12.162  1.00 10.66 ? 1309 LYS A CA  1 
ATOM   512  C C   . LYS A 1 71  ? -8.985  -3.874  10.768  1.00 10.10 ? 1309 LYS A C   1 
ATOM   513  O O   . LYS A 1 71  ? -9.756  -3.111  10.223  1.00 10.04 ? 1309 LYS A O   1 
ATOM   514  C CB  . LYS A 1 71  ? -8.585  -3.697  13.259  1.00 10.86 ? 1309 LYS A CB  1 
ATOM   515  C CG  . LYS A 1 71  ? -9.113  -3.810  14.675  1.00 13.31 ? 1309 LYS A CG  1 
ATOM   516  C CD  . LYS A 1 71  ? -8.243  -2.956  15.702  1.00 16.11 ? 1309 LYS A CD  1 
ATOM   517  C CE  . LYS A 1 71  ? -8.075  -3.605  17.191  1.00 19.10 ? 1309 LYS A CE  1 
ATOM   518  N NZ  . LYS A 1 71  ? -6.644  -3.787  17.860  1.00 20.98 ? 1309 LYS A NZ  1 
ATOM   519  N N   . SER A 1 72  ? -7.862  -4.265  10.214  1.00 9.68  ? 1310 SER A N   1 
ATOM   520  C CA  . SER A 1 72  ? -7.405  -3.715  8.941   1.00 9.58  ? 1310 SER A CA  1 
ATOM   521  C C   . SER A 1 72  ? -8.337  -4.206  7.800   1.00 8.83  ? 1310 SER A C   1 
ATOM   522  O O   . SER A 1 72  ? -8.781  -3.478  7.023   1.00 8.78  ? 1310 SER A O   1 
ATOM   523  C CB  . SER A 1 72  ? -5.936  -4.141  8.656   1.00 9.03  ? 1310 SER A CB  1 
ATOM   524  O OG  . SER A 1 72  ? -5.008  -3.577  9.529   1.00 10.72 ? 1310 SER A OG  1 
ATOM   525  N N   . ILE A 1 73  ? -8.590  -5.508  7.796   1.00 9.36  ? 1311 ILE A N   1 
ATOM   526  C CA  . ILE A 1 73  ? -9.520  -6.113  6.844   1.00 9.29  ? 1311 ILE A CA  1 
ATOM   527  C C   . ILE A 1 73  ? -10.921 -5.484  6.933   1.00 9.62  ? 1311 ILE A C   1 
ATOM   528  O O   . ILE A 1 73  ? -11.517 -5.220  6.005   1.00 9.79  ? 1311 ILE A O   1 
ATOM   529  C CB  . ILE A 1 73  ? -9.525  -7.650  6.954   1.00 8.96  ? 1311 ILE A CB  1 
ATOM   530  C CG1 . ILE A 1 73  ? -8.143  -8.203  6.560   1.00 9.97  ? 1311 ILE A CG1 1 
ATOM   531  C CG2 . ILE A 1 73  ? -10.658 -8.286  6.209   1.00 9.31  ? 1311 ILE A CG2 1 
ATOM   532  C CD1 . ILE A 1 73  ? -7.822  -8.080  5.129   1.00 10.47 ? 1311 ILE A CD1 1 
ATOM   533  N N   . GLU A 1 74  ? -11.398 -5.344  8.133   1.00 10.50 ? 1312 GLU A N   1 
ATOM   534  C CA  . GLU A 1 74  ? -12.672 -4.777  8.391   1.00 11.22 ? 1312 GLU A CA  1 
ATOM   535  C C   . GLU A 1 74  ? -12.758 -3.384  7.741   1.00 10.76 ? 1312 GLU A C   1 
ATOM   536  O O   . GLU A 1 74  ? -13.677 -3.101  7.053   1.00 10.92 ? 1312 GLU A O   1 
ATOM   537  C CB  . GLU A 1 74  ? -12.848 -4.682  9.894   1.00 11.21 ? 1312 GLU A CB  1 
ATOM   538  C CG  . GLU A 1 74  ? -14.122 -4.048  10.360  1.00 14.79 ? 1312 GLU A CG  1 
ATOM   539  C CD  . GLU A 1 74  ? -14.158 -3.991  11.849  1.00 18.88 ? 1312 GLU A CD  1 
ATOM   540  O OE1 . GLU A 1 74  ? -13.415 -3.249  12.421  1.00 21.96 ? 1312 GLU A OE1 1 
ATOM   541  O OE2 . GLU A 1 74  ? -14.897 -4.721  12.426  1.00 24.62 ? 1312 GLU A OE2 1 
ATOM   542  N N   . PHE A 1 75  ? -11.755 -2.573  8.013   1.00 10.25 ? 1313 PHE A N   1 
ATOM   543  C CA  . PHE A 1 75  ? -11.570 -1.283  7.387   1.00 10.70 ? 1313 PHE A CA  1 
ATOM   544  C C   . PHE A 1 75  ? -11.660 -1.359  5.851   1.00 10.39 ? 1313 PHE A C   1 
ATOM   545  O O   . PHE A 1 75  ? -12.505 -0.804  5.267   1.00 10.60 ? 1313 PHE A O   1 
ATOM   546  C CB  . PHE A 1 75  ? -10.315 -0.582  7.864   1.00 10.81 ? 1313 PHE A CB  1 
ATOM   547  C CG  . PHE A 1 75  ? -10.006 0.727   7.130   1.00 10.91 ? 1313 PHE A CG  1 
ATOM   548  C CD1 . PHE A 1 75  ? -9.048  0.791   6.163   1.00 12.38 ? 1313 PHE A CD1 1 
ATOM   549  C CD2 . PHE A 1 75  ? -10.664 1.864   7.449   1.00 14.31 ? 1313 PHE A CD2 1 
ATOM   550  C CE1 . PHE A 1 75  ? -8.785  1.993   5.519   1.00 15.64 ? 1313 PHE A CE1 1 
ATOM   551  C CE2 . PHE A 1 75  ? -10.386 3.014   6.807   1.00 13.87 ? 1313 PHE A CE2 1 
ATOM   552  C CZ  . PHE A 1 75  ? -9.441  3.049   5.853   1.00 13.98 ? 1313 PHE A CZ  1 
ATOM   553  N N   . LEU A 1 76  ? -10.775 -2.147  5.264   1.00 10.53 ? 1314 LEU A N   1 
ATOM   554  C CA  . LEU A 1 76  ? -10.712 -2.300  3.826   1.00 10.18 ? 1314 LEU A CA  1 
ATOM   555  C C   . LEU A 1 76  ? -12.069 -2.717  3.237   1.00 10.54 ? 1314 LEU A C   1 
ATOM   556  O O   . LEU A 1 76  ? -12.582 -2.084  2.403   1.00 10.50 ? 1314 LEU A O   1 
ATOM   557  C CB  . LEU A 1 76  ? -9.567  -3.205  3.398   1.00 9.87  ? 1314 LEU A CB  1 
ATOM   558  C CG  . LEU A 1 76  ? -8.147  -2.716  3.666   1.00 10.11 ? 1314 LEU A CG  1 
ATOM   559  C CD1 . LEU A 1 76  ? -7.114  -3.690  3.313   1.00 11.54 ? 1314 LEU A CD1 1 
ATOM   560  C CD2 . LEU A 1 76  ? -7.861  -1.428  3.017   1.00 12.45 ? 1314 LEU A CD2 1 
ATOM   561  N N   . GLU A 1 77  ? -12.613 -3.804  3.769   1.00 11.26 ? 1315 GLU A N   1 
ATOM   562  C CA  . GLU A 1 77  ? -13.916 -4.290  3.317   1.00 12.05 ? 1315 GLU A CA  1 
ATOM   563  C C   . GLU A 1 77  ? -15.024 -3.215  3.432   1.00 12.89 ? 1315 GLU A C   1 
ATOM   564  O O   . GLU A 1 77  ? -15.812 -3.071  2.581   1.00 13.12 ? 1315 GLU A O   1 
ATOM   565  C CB  . GLU A 1 77  ? -14.269 -5.608  4.023   1.00 12.62 ? 1315 GLU A CB  1 
ATOM   566  C CG  . GLU A 1 77  ? -13.392 -6.714  3.615   1.00 12.37 ? 1315 GLU A CG  1 
ATOM   567  C CD  . GLU A 1 77  ? -13.647 -8.045  4.312   1.00 13.63 ? 1315 GLU A CD  1 
ATOM   568  O OE1 . GLU A 1 77  ? -14.506 -8.079  5.160   1.00 13.72 ? 1315 GLU A OE1 1 
ATOM   569  O OE2 . GLU A 1 77  ? -13.012 -8.994  3.970   1.00 12.40 ? 1315 GLU A OE2 1 
ATOM   570  N N   . GLN A 1 78  ? -15.038 -2.482  4.424   1.00 13.21 ? 1316 GLN A N   1 
ATOM   571  C CA  . GLN A 1 78  ? -16.029 -1.471  4.613   1.00 13.51 ? 1316 GLN A CA  1 
ATOM   572  C C   . GLN A 1 78  ? -15.914 -0.372  3.549   1.00 12.63 ? 1316 GLN A C   1 
ATOM   573  O O   . GLN A 1 78  ? -16.850 -0.009  2.898   1.00 10.51 ? 1316 GLN A O   1 
ATOM   574  C CB  . GLN A 1 78  ? -15.920 -0.923  6.028   1.00 14.25 ? 1316 GLN A CB  1 
ATOM   575  C CG  . GLN A 1 78  ? -16.894 0.129   6.322   1.00 17.63 ? 1316 GLN A CG  1 
ATOM   576  C CD  . GLN A 1 78  ? -16.252 1.507   6.268   1.00 20.35 ? 1316 GLN A CD  1 
ATOM   577  O OE1 . GLN A 1 78  ? -15.322 1.843   7.025   1.00 25.69 ? 1316 GLN A OE1 1 
ATOM   578  N NE2 . GLN A 1 78  ? -16.729 2.277   5.371   1.00 24.72 ? 1316 GLN A NE2 1 
ATOM   579  N N   . ARG A 1 79  ? -14.694 0.089   3.367   1.00 12.18 ? 1317 ARG A N   1 
ATOM   580  C CA  . ARG A 1 79  ? -14.412 1.109   2.383   1.00 12.10 ? 1317 ARG A CA  1 
ATOM   581  C C   . ARG A 1 79  ? -14.704 0.655   0.951   1.00 12.23 ? 1317 ARG A C   1 
ATOM   582  O O   . ARG A 1 79  ? -15.298 1.349   0.220   1.00 11.99 ? 1317 ARG A O   1 
ATOM   583  C CB  . ARG A 1 79  ? -13.024 1.696   2.550   1.00 11.68 ? 1317 ARG A CB  1 
ATOM   584  C CG  . ARG A 1 79  ? -12.769 2.365   3.889   1.00 12.11 ? 1317 ARG A CG  1 
ATOM   585  C CD  . ARG A 1 79  ? -13.835 3.362   4.379   1.00 15.33 ? 1317 ARG A CD  1 
ATOM   586  N NE  . ARG A 1 79  ? -14.189 4.342   3.404   1.00 18.60 ? 1317 ARG A NE  1 
ATOM   587  C CZ  . ARG A 1 79  ? -15.410 4.864   3.280   1.00 21.03 ? 1317 ARG A CZ  1 
ATOM   588  N NH1 . ARG A 1 79  ? -15.669 5.737   2.373   1.00 22.79 ? 1317 ARG A NH1 1 
ATOM   589  N NH2 . ARG A 1 79  ? -16.398 4.475   4.049   1.00 24.48 ? 1317 ARG A NH2 1 
ATOM   590  N N   . PHE A 1 80  ? -14.269 -0.530  0.582   1.00 12.46 ? 1318 PHE A N   1 
ATOM   591  C CA  . PHE A 1 80  ? -14.550 -1.053  -0.728  1.00 12.40 ? 1318 PHE A CA  1 
ATOM   592  C C   . PHE A 1 80  ? -16.053 -1.251  -0.933  1.00 13.09 ? 1318 PHE A C   1 
ATOM   593  O O   . PHE A 1 80  ? -16.550 -0.969  -1.950  1.00 12.95 ? 1318 PHE A O   1 
ATOM   594  C CB  . PHE A 1 80  ? -13.833 -2.379  -1.009  1.00 12.56 ? 1318 PHE A CB  1 
ATOM   595  C CG  . PHE A 1 80  ? -12.426 -2.239  -1.488  1.00 12.18 ? 1318 PHE A CG  1 
ATOM   596  C CD1 . PHE A 1 80  ? -12.141 -2.019  -2.826  1.00 13.00 ? 1318 PHE A CD1 1 
ATOM   597  C CD2 . PHE A 1 80  ? -11.388 -2.340  -0.615  1.00 12.92 ? 1318 PHE A CD2 1 
ATOM   598  C CE1 . PHE A 1 80  ? -10.901 -1.907  -3.256  1.00 10.92 ? 1318 PHE A CE1 1 
ATOM   599  C CE2 . PHE A 1 80  ? -10.083 -2.220  -1.076  1.00 12.02 ? 1318 PHE A CE2 1 
ATOM   600  C CZ  . PHE A 1 80  ? -9.877  -2.012  -2.404  1.00 11.44 ? 1318 PHE A CZ  1 
ATOM   601  N N   . GLU A 1 81  ? -16.737 -1.760  0.082   1.00 13.92 ? 1319 GLU A N   1 
ATOM   602  C CA  . GLU A 1 81  ? -18.164 -2.042  -0.016  1.00 14.82 ? 1319 GLU A CA  1 
ATOM   603  C C   . GLU A 1 81  ? -18.926 -0.729  -0.278  1.00 15.38 ? 1319 GLU A C   1 
ATOM   604  O O   . GLU A 1 81  ? -19.880 -0.717  -0.972  1.00 14.80 ? 1319 GLU A O   1 
ATOM   605  C CB  . GLU A 1 81  ? -18.686 -2.718  1.242   1.00 15.05 ? 1319 GLU A CB  1 
ATOM   606  C CG  . GLU A 1 81  ? -20.183 -2.938  1.278   1.00 16.65 ? 1319 GLU A CG  1 
ATOM   607  C CD  . GLU A 1 81  ? -20.710 -3.390  2.665   0.00 16.39 ? 1319 GLU A CD  1 
ATOM   608  O OE1 . GLU A 1 81  ? -19.934 -3.364  3.661   0.00 21.51 ? 1319 GLU A OE1 1 
ATOM   609  O OE2 . GLU A 1 81  ? -21.904 -3.780  2.767   0.00 25.45 ? 1319 GLU A OE2 1 
ATOM   610  N N   . SER A 1 82  ? -18.415 0.339   0.310   1.00 15.61 ? 1320 SER A N   1 
ATOM   611  C CA  . SER A 1 82  ? -18.948 1.672   0.140   1.00 16.76 ? 1320 SER A CA  1 
ATOM   612  C C   . SER A 1 82  ? -18.536 2.354   -1.175  1.00 16.32 ? 1320 SER A C   1 
ATOM   613  O O   . SER A 1 82  ? -18.941 3.448   -1.472  1.00 16.07 ? 1320 SER A O   1 
ATOM   614  C CB  . SER A 1 82  ? -18.637 2.523   1.333   1.00 17.05 ? 1320 SER A CB  1 
ATOM   615  O OG  . SER A 1 82  ? -17.352 3.039   1.211   1.00 20.86 ? 1320 SER A OG  1 
ATOM   616  N N   . ARG A 1 83  ? -17.725 1.660   -1.942  1.00 16.22 ? 1321 ARG A N   1 
ATOM   617  C CA  . ARG A 1 83  ? -17.314 2.147   -3.235  1.00 16.58 ? 1321 ARG A CA  1 
ATOM   618  C C   . ARG A 1 83  ? -16.420 3.432   -3.177  1.00 15.91 ? 1321 ARG A C   1 
ATOM   619  O O   . ARG A 1 83  ? -16.519 4.312   -3.977  1.00 15.59 ? 1321 ARG A O   1 
ATOM   620  C CB  . ARG A 1 83  ? -18.527 2.309   -4.174  1.00 17.60 ? 1321 ARG A CB  1 
ATOM   621  C CG  . ARG A 1 83  ? -19.075 0.955   -4.698  1.00 20.68 ? 1321 ARG A CG  1 
ATOM   622  C CD  . ARG A 1 83  ? -18.034 0.149   -5.491  1.00 25.79 ? 1321 ARG A CD  1 
ATOM   623  N NE  . ARG A 1 83  ? -18.279 0.217   -6.926  1.00 30.67 ? 1321 ARG A NE  1 
ATOM   624  C CZ  . ARG A 1 83  ? -17.495 0.813   -7.834  1.00 33.98 ? 1321 ARG A CZ  1 
ATOM   625  N NH1 . ARG A 1 83  ? -17.892 0.818   -9.079  1.00 35.91 ? 1321 ARG A NH1 1 
ATOM   626  N NH2 . ARG A 1 83  ? -16.318 1.398   -7.531  1.00 34.86 ? 1321 ARG A NH2 1 
ATOM   627  N N   . ASP A 1 84  ? -15.548 3.454   -2.184  1.00 14.47 ? 1322 ASP A N   1 
ATOM   628  C CA  . ASP A 1 84  ? -14.741 4.581   -1.886  1.00 14.11 ? 1322 ASP A CA  1 
ATOM   629  C C   . ASP A 1 84  ? -13.875 4.894   -3.085  1.00 13.53 ? 1322 ASP A C   1 
ATOM   630  O O   . ASP A 1 84  ? -13.063 4.138   -3.427  1.00 13.44 ? 1322 ASP A O   1 
ATOM   631  C CB  . ASP A 1 84  ? -13.934 4.330   -0.616  1.00 13.54 ? 1322 ASP A CB  1 
ATOM   632  C CG  . ASP A 1 84  ? -13.150 5.524   -0.170  1.00 13.51 ? 1322 ASP A CG  1 
ATOM   633  O OD1 . ASP A 1 84  ? -12.622 6.225   -0.988  1.00 10.65 ? 1322 ASP A OD1 1 
ATOM   634  O OD2 . ASP A 1 84  ? -13.112 5.729   1.023   1.00 15.08 ? 1322 ASP A OD2 1 
ATOM   635  N N   . SER A 1 85  ? -14.084 6.065   -3.667  1.00 13.65 ? 1323 SER A N   1 
ATOM   636  C CA  . SER A 1 85  ? -13.421 6.460   -4.901  1.00 14.14 ? 1323 SER A CA  1 
ATOM   637  C C   . SER A 1 85  ? -11.868 6.591   -4.820  1.00 13.36 ? 1323 SER A C   1 
ATOM   638  O O   . SER A 1 85  ? -11.191 6.597   -5.818  1.00 13.26 ? 1323 SER A O   1 
ATOM   639  C CB  . SER A 1 85  ? -13.976 7.771   -5.464  1.00 14.67 ? 1323 SER A CB  1 
ATOM   640  O OG  . SER A 1 85  ? -13.735 8.839   -4.610  1.00 15.79 ? 1323 SER A OG  1 
ATOM   641  N N   . CYS A 1 86  ? -11.363 6.748   -3.609  1.00 12.58 ? 1324 CYS A N   1 
ATOM   642  C CA  . CYS A 1 86  ? -9.976  6.942   -3.334  1.00 12.11 ? 1324 CYS A CA  1 
ATOM   643  C C   . CYS A 1 86  ? -9.260  5.714   -2.772  1.00 11.76 ? 1324 CYS A C   1 
ATOM   644  O O   . CYS A 1 86  ? -8.160  5.827   -2.304  1.00 12.66 ? 1324 CYS A O   1 
ATOM   645  C CB  . CYS A 1 86  ? -9.761  8.123   -2.391  1.00 12.23 ? 1324 CYS A CB  1 
ATOM   646  S SG  . CYS A 1 86  ? -10.197 9.761   -3.033  1.00 11.97 ? 1324 CYS A SG  1 
ATOM   647  N N   . LEU A 1 87  ? -9.912  4.572   -2.831  1.00 10.92 ? 1325 LEU A N   1 
ATOM   648  C CA  . LEU A 1 87  ? -9.304  3.311   -2.468  1.00 10.42 ? 1325 LEU A CA  1 
ATOM   649  C C   . LEU A 1 87  ? -9.339  2.268   -3.603  1.00 10.97 ? 1325 LEU A C   1 
ATOM   650  O O   . LEU A 1 87  ? -10.347 1.986   -4.108  1.00 9.97  ? 1325 LEU A O   1 
ATOM   651  C CB  . LEU A 1 87  ? -9.995  2.705   -1.247  1.00 10.48 ? 1325 LEU A CB  1 
ATOM   652  C CG  . LEU A 1 87  ? -9.502  1.425   -0.605  1.00 9.28  ? 1325 LEU A CG  1 
ATOM   653  C CD1 . LEU A 1 87  ? -8.085  1.570   -0.134  1.00 8.09  ? 1325 LEU A CD1 1 
ATOM   654  C CD2 . LEU A 1 87  ? -10.430 0.978   0.547   1.00 9.75  ? 1325 LEU A CD2 1 
ATOM   655  N N   . ARG A 1 88  ? -8.191  1.690   -3.889  1.00 11.44 ? 1326 ARG A N   1 
ATOM   656  C CA  . ARG A 1 88  ? -8.034  0.689   -4.889  1.00 12.20 ? 1326 ARG A CA  1 
ATOM   657  C C   . ARG A 1 88  ? -7.137  -0.469  -4.353  1.00 11.62 ? 1326 ARG A C   1 
ATOM   658  O O   . ARG A 1 88  ? -6.347  -0.283  -3.509  1.00 10.47 ? 1326 ARG A O   1 
ATOM   659  C CB  . ARG A 1 88  ? -7.411  1.255   -6.187  1.00 13.29 ? 1326 ARG A CB  1 
ATOM   660  C CG  . ARG A 1 88  ? -8.233  2.337   -6.930  1.00 17.00 ? 1326 ARG A CG  1 
ATOM   661  C CD  . ARG A 1 88  ? -7.476  2.843   -8.191  1.00 19.76 ? 1326 ARG A CD  1 
ATOM   662  N NE  . ARG A 1 88  ? -7.907  4.152   -8.602  1.00 22.84 ? 1326 ARG A NE  1 
ATOM   663  C CZ  . ARG A 1 88  ? -7.351  4.911   -9.507  1.00 22.83 ? 1326 ARG A CZ  1 
ATOM   664  N NH1 . ARG A 1 88  ? -6.303  4.542   -10.160 1.00 23.93 ? 1326 ARG A NH1 1 
ATOM   665  N NH2 . ARG A 1 88  ? -7.877  6.050   -9.737  1.00 24.19 ? 1326 ARG A NH2 1 
ATOM   666  N N   . ALA A 1 89  ? -7.303  -1.621  -4.969  1.00 11.11 ? 1327 ALA A N   1 
ATOM   667  C CA  . ALA A 1 89  ? -6.374  -2.718  -4.837  1.00 11.44 ? 1327 ALA A CA  1 
ATOM   668  C C   . ALA A 1 89  ? -5.765  -3.054  -6.186  1.00 11.72 ? 1327 ALA A C   1 
ATOM   669  O O   . ALA A 1 89  ? -6.424  -3.017  -7.166  1.00 12.03 ? 1327 ALA A O   1 
ATOM   670  C CB  . ALA A 1 89  ? -7.036  -3.913  -4.239  1.00 11.13 ? 1327 ALA A CB  1 
ATOM   671  N N   . LEU A 1 90  ? -4.511  -3.447  -6.188  1.00 12.37 ? 1328 LEU A N   1 
ATOM   672  C CA  . LEU A 1 90  ? -3.837  -3.811  -7.413  1.00 13.08 ? 1328 LEU A CA  1 
ATOM   673  C C   . LEU A 1 90  ? -3.363  -5.284  -7.356  1.00 14.23 ? 1328 LEU A C   1 
ATOM   674  O O   . LEU A 1 90  ? -2.691  -5.687  -6.484  1.00 12.44 ? 1328 LEU A O   1 
ATOM   675  C CB  . LEU A 1 90  ? -2.700  -2.870  -7.752  1.00 13.19 ? 1328 LEU A CB  1 
ATOM   676  C CG  . LEU A 1 90  ? -2.124  -2.850  -9.154  1.00 14.05 ? 1328 LEU A CG  1 
ATOM   677  C CD1 . LEU A 1 90  ? -2.870  -1.928  -10.007 1.00 15.54 ? 1328 LEU A CD1 1 
ATOM   678  C CD2 . LEU A 1 90  ? -0.673  -2.454  -9.123  1.00 15.60 ? 1328 LEU A CD2 1 
ATOM   679  N N   . THR A 1 91  ? -3.759  -6.030  -8.362  1.00 15.32 ? 1329 THR A N   1 
ATOM   680  C CA  . THR A 1 91  ? -3.208  -7.336  -8.596  1.00 17.02 ? 1329 THR A CA  1 
ATOM   681  C C   . THR A 1 91  ? -1.722  -7.374  -9.057  1.00 18.11 ? 1329 THR A C   1 
ATOM   682  O O   . THR A 1 91  ? -1.191  -6.435  -9.519  1.00 17.27 ? 1329 THR A O   1 
ATOM   683  C CB  . THR A 1 91  ? -4.079  -8.204  -9.605  1.00 17.23 ? 1329 THR A CB  1 
ATOM   684  O OG1 . THR A 1 91  ? -3.946  -7.662  -10.895 1.00 18.24 ? 1329 THR A OG1 1 
ATOM   685  C CG2 . THR A 1 91  ? -5.585  -8.281  -9.181  1.00 17.96 ? 1329 THR A CG2 1 
ATOM   686  N N   . SER A 1 92  ? -1.139  -8.550  -8.905  1.00 21.06 ? 1330 SER A N   1 
ATOM   687  C CA  . SER A 1 92  ? 0.251   -8.835  -9.218  1.00 22.90 ? 1330 SER A CA  1 
ATOM   688  C C   . SER A 1 92  ? 0.488   -8.534  -10.648 1.00 24.35 ? 1330 SER A C   1 
ATOM   689  O O   . SER A 1 92  ? 1.469   -8.036  -11.002 1.00 25.22 ? 1330 SER A O   1 
ATOM   690  C CB  . SER A 1 92  ? 0.589   -10.290 -8.947  1.00 23.07 ? 1330 SER A CB  1 
ATOM   691  O OG  . SER A 1 92  ? 0.604   -10.600 -7.571  1.00 25.32 ? 1330 SER A OG  1 
ATOM   692  N N   . ARG A 1 93  ? -0.532  -8.789  -11.432 1.00 25.70 ? 1331 ARG A N   1 
ATOM   693  C CA  . ARG A 1 93  ? -0.534  -8.578  -12.855 1.00 26.44 ? 1331 ARG A CA  1 
ATOM   694  C C   . ARG A 1 93  ? -0.847  -7.165  -13.312 1.00 26.06 ? 1331 ARG A C   1 
ATOM   695  O O   . ARG A 1 93  ? -0.832  -6.906  -14.494 1.00 26.93 ? 1331 ARG A O   1 
ATOM   696  C CB  . ARG A 1 93  ? -1.479  -9.586  -13.509 1.00 27.28 ? 1331 ARG A CB  1 
ATOM   697  C CG  . ARG A 1 93  ? -1.792  -10.864 -12.643 1.00 29.66 ? 1331 ARG A CG  1 
ATOM   698  C CD  . ARG A 1 93  ? -2.295  -10.639 -11.169 1.00 33.14 ? 1331 ARG A CD  1 
ATOM   699  N NE  . ARG A 1 93  ? -3.178  -11.712 -10.795 1.00 35.31 ? 1331 ARG A NE  1 
ATOM   700  C CZ  . ARG A 1 93  ? -3.517  -12.141 -9.570  1.00 38.93 ? 1331 ARG A CZ  1 
ATOM   701  N NH1 . ARG A 1 93  ? -3.045  -11.608 -8.456  1.00 40.65 ? 1331 ARG A NH1 1 
ATOM   702  N NH2 . ARG A 1 93  ? -4.354  -13.145 -9.500  1.00 39.66 ? 1331 ARG A NH2 1 
ATOM   703  N N   . GLY A 1 94  ? -1.099  -6.250  -12.375 1.00 24.41 ? 1332 GLY A N   1 
ATOM   704  C CA  . GLY A 1 94  ? -1.408  -4.883  -12.692 1.00 23.31 ? 1332 GLY A CA  1 
ATOM   705  C C   . GLY A 1 94  ? -2.881  -4.512  -12.939 1.00 22.78 ? 1332 GLY A C   1 
ATOM   706  O O   . GLY A 1 94  ? -3.171  -3.496  -13.477 1.00 22.75 ? 1332 GLY A O   1 
ATOM   707  N N   . ASN A 1 95  ? -3.790  -5.358  -12.534 1.00 21.78 ? 1333 ASN A N   1 
ATOM   708  C CA  . ASN A 1 95  ? -5.182  -5.042  -12.582 1.00 20.94 ? 1333 ASN A CA  1 
ATOM   709  C C   . ASN A 1 95  ? -5.673  -4.298  -11.305 1.00 19.64 ? 1333 ASN A C   1 
ATOM   710  O O   . ASN A 1 95  ? -5.515  -4.780  -10.263 1.00 17.82 ? 1333 ASN A O   1 
ATOM   711  C CB  . ASN A 1 95  ? -6.030  -6.308  -12.810 0.00 20.00 ? 1333 ASN A CB  1 
ATOM   712  C CG  . ASN A 1 95  ? -5.407  -7.338  -13.844 0.00 20.00 ? 1333 ASN A CG  1 
ATOM   713  O OD1 . ASN A 1 95  ? -4.807  -6.953  -14.838 0.00 20.00 ? 1333 ASN A OD1 1 
ATOM   714  N ND2 . ASN A 1 95  ? -5.556  -8.624  -13.556 0.00 20.00 ? 1333 ASN A ND2 1 
ATOM   715  N N   . GLU A 1 96  ? -6.241  -3.117  -11.476 1.00 19.65 ? 1334 GLU A N   1 
ATOM   716  C CA  . GLU A 1 96  ? -6.970  -2.432  -10.438 1.00 19.74 ? 1334 GLU A CA  1 
ATOM   717  C C   . GLU A 1 96  ? -8.320  -3.067  -10.171 1.00 19.95 ? 1334 GLU A C   1 
ATOM   718  O O   . GLU A 1 96  ? -9.108  -3.269  -11.054 1.00 19.91 ? 1334 GLU A O   1 
ATOM   719  C CB  . GLU A 1 96  ? -7.152  -0.927  -10.699 1.00 20.14 ? 1334 GLU A CB  1 
ATOM   720  C CG  . GLU A 1 96  ? -5.899  -0.088  -10.803 1.00 21.28 ? 1334 GLU A CG  1 
ATOM   721  C CD  . GLU A 1 96  ? -6.200  1.405   -10.841 1.00 23.76 ? 1334 GLU A CD  1 
ATOM   722  O OE1 . GLU A 1 96  ? -7.331  1.755   -11.223 1.00 24.14 ? 1334 GLU A OE1 1 
ATOM   723  O OE2 . GLU A 1 96  ? -5.341  2.201   -10.492 1.00 22.27 ? 1334 GLU A OE2 1 
ATOM   724  N N   . LEU A 1 97  ? -8.473  -3.252  -8.956  1.00 20.00 ? 1335 LEU A N   1 
ATOM   725  C CA  . LEU A 1 97  ? -9.735  -3.780  -8.449  1.00 20.00 ? 1335 LEU A CA  1 
ATOM   726  C C   . LEU A 1 97  ? -10.507 -2.718  -7.675  1.00 20.00 ? 1335 LEU A C   1 
ATOM   727  O O   . LEU A 1 97  ? -10.027 -1.961  -6.871  1.00 18.34 ? 1335 LEU A O   1 
ATOM   728  C CB  . LEU A 1 97  ? -9.485  -5.000  -7.559  1.00 20.00 ? 1335 LEU A CB  1 
ATOM   729  C CG  . LEU A 1 97  ? -8.886  -6.229  -8.247  1.00 20.00 ? 1335 LEU A CG  1 
ATOM   730  C CD1 . LEU A 1 97  ? -8.566  -7.311  -7.229  1.00 20.00 ? 1335 LEU A CD1 1 
ATOM   731  C CD2 . LEU A 1 97  ? -9.825  -6.757  -9.321  1.00 20.00 ? 1335 LEU A CD2 1 
ATOM   732  N N   . GLU A 1 98  ? -11.898 -2.676  -7.888  1.00 18.66 ? 1336 GLU A N   1 
ATOM   733  C CA  . GLU A 1 98  ? -12.874 -1.845  -7.182  1.00 19.10 ? 1336 GLU A CA  1 
ATOM   734  C C   . GLU A 1 98  ? -13.719 -2.657  -6.176  1.00 18.13 ? 1336 GLU A C   1 
ATOM   735  O O   . GLU A 1 98  ? -14.522 -2.100  -5.531  1.00 18.57 ? 1336 GLU A O   1 
ATOM   736  C CB  . GLU A 1 98  ? -13.875 -1.149  -8.122  1.00 19.47 ? 1336 GLU A CB  1 
ATOM   737  C CG  . GLU A 1 98  ? -13.272 -0.223  -9.146  1.00 22.72 ? 1336 GLU A CG  1 
ATOM   738  C CD  . GLU A 1 98  ? -14.293 0.729   -9.773  1.00 26.90 ? 1336 GLU A CD  1 
ATOM   739  O OE1 . GLU A 1 98  ? -15.485 0.444   -9.766  1.00 32.25 ? 1336 GLU A OE1 1 
ATOM   740  O OE2 . GLU A 1 98  ? -13.897 1.764   -10.292 1.00 31.43 ? 1336 GLU A OE2 1 
ATOM   741  N N   . SER A 1 99  ? -13.556 -3.981  -6.176  1.00 18.23 ? 1337 SER A N   1 
ATOM   742  C CA  . SER A 1 99  ? -14.146 -4.913  -5.184  1.00 17.46 ? 1337 SER A CA  1 
ATOM   743  C C   . SER A 1 99  ? -13.135 -5.913  -4.662  1.00 16.39 ? 1337 SER A C   1 
ATOM   744  O O   . SER A 1 99  ? -12.376 -6.427  -5.392  1.00 15.88 ? 1337 SER A O   1 
ATOM   745  C CB  . SER A 1 99  ? -15.340 -5.709  -5.759  1.00 18.03 ? 1337 SER A CB  1 
ATOM   746  O OG  . SER A 1 99  ? -15.818 -6.742  -4.900  1.00 18.17 ? 1337 SER A OG  1 
ATOM   747  N N   . ILE A 1 100 ? -13.217 -6.183  -3.387  1.00 15.22 ? 1338 ILE A N   1 
ATOM   748  C CA  . ILE A 1 100 ? -12.487 -7.267  -2.758  1.00 14.53 ? 1338 ILE A CA  1 
ATOM   749  C C   . ILE A 1 100 ? -13.394 -8.319  -2.031  1.00 14.17 ? 1338 ILE A C   1 
ATOM   750  O O   . ILE A 1 100 ? -12.974 -8.992  -1.134  1.00 14.28 ? 1338 ILE A O   1 
ATOM   751  C CB  . ILE A 1 100 ? -11.336 -6.724  -1.862  1.00 14.32 ? 1338 ILE A CB  1 
ATOM   752  C CG1 . ILE A 1 100 ? -11.810 -5.923  -0.655  1.00 14.36 ? 1338 ILE A CG1 1 
ATOM   753  C CG2 . ILE A 1 100 ? -10.331 -6.081  -2.679  1.00 13.75 ? 1338 ILE A CG2 1 
ATOM   754  C CD1 . ILE A 1 100 ? -10.702 -5.668  0.338   1.00 15.91 ? 1338 ILE A CD1 1 
ATOM   755  N N   . ALA A 1 101 ? -14.629 -8.398  -2.465  1.00 13.56 ? 1339 ALA A N   1 
ATOM   756  C CA  . ALA A 1 101 ? -15.698 -8.905  -1.649  1.00 13.71 ? 1339 ALA A CA  1 
ATOM   757  C C   . ALA A 1 101 ? -15.391 -10.306 -1.187  1.00 13.63 ? 1339 ALA A C   1 
ATOM   758  O O   . ALA A 1 101 ? -15.619 -10.630 -0.079  1.00 13.25 ? 1339 ALA A O   1 
ATOM   759  C CB  . ALA A 1 101 ? -16.989 -8.913  -2.397  1.00 13.97 ? 1339 ALA A CB  1 
ATOM   760  N N   . PHE A 1 102 ? -14.889 -11.106 -2.106  1.00 12.74 ? 1340 PHE A N   1 
ATOM   761  C CA  . PHE A 1 102 ? -14.601 -12.473 -1.806  1.00 13.46 ? 1340 PHE A CA  1 
ATOM   762  C C   . PHE A 1 102 ? -13.253 -12.891 -2.432  1.00 13.41 ? 1340 PHE A C   1 
ATOM   763  O O   . PHE A 1 102 ? -13.148 -12.956 -3.597  1.00 13.21 ? 1340 PHE A O   1 
ATOM   764  C CB  . PHE A 1 102 ? -15.760 -13.388 -2.223  1.00 13.10 ? 1340 PHE A CB  1 
ATOM   765  C CG  . PHE A 1 102 ? -15.641 -14.818 -1.708  1.00 13.15 ? 1340 PHE A CG  1 
ATOM   766  C CD1 . PHE A 1 102 ? -16.474 -15.276 -0.725  1.00 12.99 ? 1340 PHE A CD1 1 
ATOM   767  C CD2 . PHE A 1 102 ? -14.671 -15.676 -2.189  1.00 13.89 ? 1340 PHE A CD2 1 
ATOM   768  C CE1 . PHE A 1 102 ? -16.382 -16.592 -0.262  1.00 12.71 ? 1340 PHE A CE1 1 
ATOM   769  C CE2 . PHE A 1 102 ? -14.575 -16.960 -1.691  1.00 15.13 ? 1340 PHE A CE2 1 
ATOM   770  C CZ  . PHE A 1 102 ? -15.449 -17.389 -0.727  1.00 11.67 ? 1340 PHE A CZ  1 
ATOM   771  N N   . ARG A 1 103 ? -12.241 -13.098 -1.602  1.00 13.16 ? 1341 ARG A N   1 
ATOM   772  C CA  . ARG A 1 103 ? -10.893 -13.220 -2.060  1.00 13.18 ? 1341 ARG A CA  1 
ATOM   773  C C   . ARG A 1 103 ? -10.456 -14.660 -2.173  1.00 13.72 ? 1341 ARG A C   1 
ATOM   774  O O   . ARG A 1 103 ? -10.779 -15.478 -1.366  1.00 12.57 ? 1341 ARG A O   1 
ATOM   775  C CB  . ARG A 1 103 ? -9.915  -12.439 -1.195  1.00 13.03 ? 1341 ARG A CB  1 
ATOM   776  C CG  . ARG A 1 103 ? -10.251 -10.952 -1.039  1.00 12.79 ? 1341 ARG A CG  1 
ATOM   777  C CD  . ARG A 1 103 ? -9.322  -10.233 -0.151  1.00 12.70 ? 1341 ARG A CD  1 
ATOM   778  N NE  . ARG A 1 103 ? -9.542  -10.462 1.255   1.00 12.88 ? 1341 ARG A NE  1 
ATOM   779  C CZ  . ARG A 1 103 ? -10.579 -10.066 1.935   1.00 10.75 ? 1341 ARG A CZ  1 
ATOM   780  N NH1 . ARG A 1 103 ? -11.529 -9.393  1.354   1.00 12.11 ? 1341 ARG A NH1 1 
ATOM   781  N NH2 . ARG A 1 103 ? -10.621 -10.293 3.203   1.00 12.20 ? 1341 ARG A NH2 1 
ATOM   782  N N   . SER A 1 104 ? -9.642  -14.907 -3.163  1.00 14.19 ? 1342 SER A N   1 
ATOM   783  C CA  . SER A 1 104 ? -9.023  -16.194 -3.257  1.00 16.26 ? 1342 SER A CA  1 
ATOM   784  C C   . SER A 1 104 ? -7.958  -16.396 -2.168  1.00 17.20 ? 1342 SER A C   1 
ATOM   785  O O   . SER A 1 104 ? -7.029  -15.650 -2.149  1.00 18.61 ? 1342 SER A O   1 
ATOM   786  C CB  . SER A 1 104 ? -8.427  -16.342 -4.655  1.00 15.79 ? 1342 SER A CB  1 
ATOM   787  O OG  . SER A 1 104 ? -7.996  -17.592 -4.869  1.00 16.85 ? 1342 SER A OG  1 
ATOM   788  N N   . GLU A 1 105 ? -8.092  -17.372 -1.285  1.00 17.36 ? 1343 GLU A N   1 
ATOM   789  C CA  . GLU A 1 105 ? -7.160  -17.462 -0.171  1.00 17.77 ? 1343 GLU A CA  1 
ATOM   790  C C   . GLU A 1 105 ? -5.924  -18.327 -0.455  1.00 18.64 ? 1343 GLU A C   1 
ATOM   791  O O   . GLU A 1 105 ? -5.974  -19.278 -1.210  1.00 18.56 ? 1343 GLU A O   1 
ATOM   792  C CB  . GLU A 1 105 ? -7.818  -17.807 1.188   1.00 18.08 ? 1343 GLU A CB  1 
ATOM   793  C CG  . GLU A 1 105 ? -8.949  -16.851 1.619   1.00 17.17 ? 1343 GLU A CG  1 
ATOM   794  C CD  . GLU A 1 105 ? -9.701  -17.265 2.859   1.00 18.90 ? 1343 GLU A CD  1 
ATOM   795  O OE1 . GLU A 1 105 ? -9.662  -18.424 3.261   1.00 17.64 ? 1343 GLU A OE1 1 
ATOM   796  O OE2 . GLU A 1 105 ? -10.358 -16.419 3.389   1.00 17.68 ? 1343 GLU A OE2 1 
ATOM   797  N N   . ASP A 1 106 ? -4.829  -17.962 0.168   1.00 18.90 ? 1344 ASP A N   1 
ATOM   798  C CA  . ASP A 1 106 ? -3.635  -18.749 0.101   1.00 20.19 ? 1344 ASP A CA  1 
ATOM   799  C C   . ASP A 1 106 ? -3.857  -20.118 0.735   1.00 20.66 ? 1344 ASP A C   1 
ATOM   800  O O   . ASP A 1 106 ? -4.529  -20.238 1.703   1.00 20.02 ? 1344 ASP A O   1 
ATOM   801  C CB  . ASP A 1 106 ? -2.479  -18.038 0.759   1.00 20.35 ? 1344 ASP A CB  1 
ATOM   802  C CG  . ASP A 1 106 ? -2.194  -16.689 0.126   1.00 22.27 ? 1344 ASP A CG  1 
ATOM   803  O OD1 . ASP A 1 106 ? -2.332  -16.577 -1.068  1.00 26.14 ? 1344 ASP A OD1 1 
ATOM   804  O OD2 . ASP A 1 106 ? -1.860  -15.774 0.814   1.00 27.01 ? 1344 ASP A OD2 1 
ATOM   805  N N   . ILE A 1 107 ? -3.226  -21.111 0.175   1.00 21.51 ? 1345 ILE A N   1 
ATOM   806  C CA  . ILE A 1 107 ? -3.275  -22.424 0.756   1.00 22.65 ? 1345 ILE A CA  1 
ATOM   807  C C   . ILE A 1 107 ? -2.792  -22.476 2.186   1.00 23.38 ? 1345 ILE A C   1 
ATOM   808  O O   . ILE A 1 107 ? -3.429  -23.035 3.038   1.00 22.06 ? 1345 ILE A O   1 
ATOM   809  C CB  . ILE A 1 107 ? -2.481  -23.435 -0.014  1.00 23.03 ? 1345 ILE A CB  1 
ATOM   810  C CG1 . ILE A 1 107 ? -2.853  -23.401 -1.480  1.00 24.72 ? 1345 ILE A CG1 1 
ATOM   811  C CG2 . ILE A 1 107 ? -2.469  -24.761 0.723   1.00 23.80 ? 1345 ILE A CG2 1 
ATOM   812  C CD1 . ILE A 1 107 ? -2.856  -24.663 -2.139  1.00 25.12 ? 1345 ILE A CD1 1 
ATOM   813  N N   . THR A 1 108 ? -1.630  -21.860 2.406   1.00 24.48 ? 1346 THR A N   1 
ATOM   814  C CA  . THR A 1 108 ? -1.103  -21.636 3.723   1.00 25.71 ? 1346 THR A CA  1 
ATOM   815  C C   . THR A 1 108 ? -0.474  -20.219 3.854   1.00 26.63 ? 1346 THR A C   1 
ATOM   816  O O   . THR A 1 108 ? -0.200  -19.532 2.898   1.00 25.74 ? 1346 THR A O   1 
ATOM   817  C CB  . THR A 1 108 ? -0.104  -22.769 4.129   1.00 26.10 ? 1346 THR A CB  1 
ATOM   818  O OG1 . THR A 1 108 ? 0.237   -22.682 5.518   1.00 28.16 ? 1346 THR A OG1 1 
ATOM   819  C CG2 . THR A 1 108 ? 1.141   -22.772 3.279   1.00 25.97 ? 1346 THR A CG2 1 
ATOM   820  N N   . GLY A 1 109 ? -0.272  -19.834 5.087   1.00 27.83 ? 1347 GLY A N   1 
ATOM   821  C CA  . GLY A 1 109 ? 0.362   -18.582 5.393   1.00 28.96 ? 1347 GLY A CA  1 
ATOM   822  C C   . GLY A 1 109 ? 1.653   -18.414 4.664   1.00 29.46 ? 1347 GLY A C   1 
ATOM   823  O O   . GLY A 1 109 ? 2.392   -19.325 4.511   1.00 30.30 ? 1347 GLY A O   1 
ATOM   824  N N   . GLN A 1 110 ? 1.944   -17.247 4.169   1.00 30.51 ? 1348 GLN A N   1 
ATOM   825  C CA  . GLN A 1 110 ? 3.203   -17.204 3.467   1.00 31.16 ? 1348 GLN A CA  1 
ATOM   826  C C   . GLN A 1 110 ? 4.430   -16.657 4.158   1.00 31.87 ? 1348 GLN A C   1 
ATOM   827  O O   . GLN A 1 110 ? 4.318   -16.086 5.221   1.00 32.70 ? 1348 GLN A O   1 
ATOM   828  C CB  . GLN A 1 110 ? 3.088   -16.904 1.955   0.00 20.00 ? 1348 GLN A CB  1 
ATOM   829  C CG  . GLN A 1 110 ? 2.431   -17.964 1.081   0.00 20.00 ? 1348 GLN A CG  1 
ATOM   830  C CD  . GLN A 1 110 ? 2.308   -17.551 -0.404  0.00 20.00 ? 1348 GLN A CD  1 
ATOM   831  O OE1 . GLN A 1 110 ? 2.702   -16.452 -0.771  0.00 20.00 ? 1348 GLN A OE1 1 
ATOM   832  N NE2 . GLN A 1 110 ? 1.779   -18.454 -1.263  0.00 20.00 ? 1348 GLN A NE2 1 
ATOM   833  N N   . ASN A 1 113 ? 7.595   -11.756 2.931   1.00 21.94 ? 1351 ASN A N   1 
ATOM   834  C CA  . ASN A 1 113 ? 8.671   -11.481 1.953   1.00 21.18 ? 1351 ASN A CA  1 
ATOM   835  C C   . ASN A 1 113 ? 8.214   -10.804 0.596   1.00 20.05 ? 1351 ASN A C   1 
ATOM   836  O O   . ASN A 1 113 ? 8.523   -11.317 -0.415  1.00 20.91 ? 1351 ASN A O   1 
ATOM   837  C CB  . ASN A 1 113 ? 9.346   -12.817 1.626   1.00 21.61 ? 1351 ASN A CB  1 
ATOM   838  C CG  . ASN A 1 113 ? 9.600   -13.715 2.880   0.00 20.00 ? 1351 ASN A CG  1 
ATOM   839  O OD1 . ASN A 1 113 ? 10.484  -13.408 3.672   0.00 20.00 ? 1351 ASN A OD1 1 
ATOM   840  N ND2 . ASN A 1 113 ? 8.867   -14.850 3.021   0.00 20.00 ? 1351 ASN A ND2 1 
ATOM   841  N N   . ASN A 1 114 ? 7.514   -9.666  0.613   1.00 18.90 ? 1352 ASN A N   1 
ATOM   842  C CA  . ASN A 1 114 ? 6.804   -9.168  -0.588  1.00 17.84 ? 1352 ASN A CA  1 
ATOM   843  C C   . ASN A 1 114 ? 7.314   -7.885  -1.265  1.00 16.69 ? 1352 ASN A C   1 
ATOM   844  O O   . ASN A 1 114 ? 6.597   -7.300  -2.030  1.00 16.31 ? 1352 ASN A O   1 
ATOM   845  C CB  . ASN A 1 114 ? 5.288   -9.019  -0.333  1.00 18.25 ? 1352 ASN A CB  1 
ATOM   846  C CG  . ASN A 1 114 ? 4.605   -10.299 0.276   1.00 18.66 ? 1352 ASN A CG  1 
ATOM   847  O OD1 . ASN A 1 114 ? 4.741   -11.359 -0.187  1.00 21.64 ? 1352 ASN A OD1 1 
ATOM   848  N ND2 . ASN A 1 114 ? 3.866   -10.093 1.306   1.00 21.30 ? 1352 ASN A ND2 1 
ATOM   849  N N   . ASP A 1 115 ? 8.538   -7.468  -0.966  1.00 15.34 ? 1353 ASP A N   1 
ATOM   850  C CA  . ASP A 1 115 ? 9.073   -6.222  -1.492  1.00 15.26 ? 1353 ASP A CA  1 
ATOM   851  C C   . ASP A 1 115 ? 8.867   -6.028  -3.020  1.00 14.44 ? 1353 ASP A C   1 
ATOM   852  O O   . ASP A 1 115 ? 8.498   -5.030  -3.473  1.00 14.21 ? 1353 ASP A O   1 
ATOM   853  C CB  . ASP A 1 115 ? 10.557  -6.067  -1.088  1.00 15.05 ? 1353 ASP A CB  1 
ATOM   854  C CG  . ASP A 1 115 ? 10.755  -5.914  0.411   1.00 17.20 ? 1353 ASP A CG  1 
ATOM   855  O OD1 . ASP A 1 115 ? 9.773   -5.891  1.134   1.00 18.53 ? 1353 ASP A OD1 1 
ATOM   856  O OD2 . ASP A 1 115 ? 11.886  -5.792  0.821   1.00 14.68 ? 1353 ASP A OD2 1 
ATOM   857  N N   . ASP A 1 116 ? 9.178   -7.094  -3.717  1.00 14.12 ? 1354 ASP A N   1 
ATOM   858  C CA  A ASP A 1 116 ? 9.142   -7.309  -5.118  0.50 14.71 ? 1354 ASP A CA  1 
ATOM   859  C CA  B ASP A 1 116 ? 9.176   -7.121  -5.137  0.50 14.71 ? 1354 ASP A CA  1 
ATOM   860  C C   . ASP A 1 116 ? 7.818   -6.803  -5.709  1.00 13.37 ? 1354 ASP A C   1 
ATOM   861  O O   . ASP A 1 116 ? 7.761   -6.007  -6.588  1.00 12.13 ? 1354 ASP A O   1 
ATOM   862  C CB  A ASP A 1 116 ? 9.516   -8.785  -5.553  0.50 15.80 ? 1354 ASP A CB  1 
ATOM   863  C CB  B ASP A 1 116 ? 9.751   -8.414  -5.682  0.50 15.80 ? 1354 ASP A CB  1 
ATOM   864  C CG  A ASP A 1 116 ? 8.481   -9.929  -5.081  0.50 19.65 ? 1354 ASP A CG  1 
ATOM   865  C CG  B ASP A 1 116 ? 11.215  -8.590  -5.282  0.50 19.65 ? 1354 ASP A CG  1 
ATOM   866  O OD1 A ASP A 1 116 ? 7.941   -9.958  -3.940  0.50 23.39 ? 1354 ASP A OD1 1 
ATOM   867  O OD1 B ASP A 1 116 ? 11.931  -7.607  -5.229  0.50 23.39 ? 1354 ASP A OD1 1 
ATOM   868  O OD2 A ASP A 1 116 ? 8.205   -10.847 -5.930  0.50 26.07 ? 1354 ASP A OD2 1 
ATOM   869  O OD2 B ASP A 1 116 ? 11.596  -9.696  -4.942  0.50 26.07 ? 1354 ASP A OD2 1 
ATOM   870  N N   . LEU A 1 117 ? 6.775   -7.335  -5.100  1.00 12.22 ? 1355 LEU A N   1 
ATOM   871  C CA  . LEU A 1 117 ? 5.429   -7.110  -5.561  1.00 12.17 ? 1355 LEU A CA  1 
ATOM   872  C C   . LEU A 1 117 ? 4.954   -5.701  -5.146  1.00 11.18 ? 1355 LEU A C   1 
ATOM   873  O O   . LEU A 1 117 ? 4.245   -5.028  -5.827  1.00 10.82 ? 1355 LEU A O   1 
ATOM   874  C CB  . LEU A 1 117 ? 4.474   -8.158  -5.020  1.00 12.17 ? 1355 LEU A CB  1 
ATOM   875  C CG  . LEU A 1 117 ? 4.504   -9.495  -5.729  1.00 15.36 ? 1355 LEU A CG  1 
ATOM   876  C CD1 . LEU A 1 117 ? 3.822   -10.635 -5.027  1.00 16.76 ? 1355 LEU A CD1 1 
ATOM   877  C CD2 . LEU A 1 117 ? 4.017   -9.317  -7.147  1.00 16.25 ? 1355 LEU A CD2 1 
ATOM   878  N N   . ILE A 1 118 ? 5.387   -5.311  -3.981  1.00 10.12 ? 1356 ILE A N   1 
ATOM   879  C CA  . ILE A 1 118 ? 5.070   -3.988  -3.511  1.00 10.39 ? 1356 ILE A CA  1 
ATOM   880  C C   . ILE A 1 118 ? 5.687   -2.984  -4.435  1.00 10.10 ? 1356 ILE A C   1 
ATOM   881  O O   . ILE A 1 118 ? 5.043   -2.146  -4.898  1.00 9.82  ? 1356 ILE A O   1 
ATOM   882  C CB  . ILE A 1 118 ? 5.427   -3.775  -2.022  1.00 10.79 ? 1356 ILE A CB  1 
ATOM   883  C CG1 . ILE A 1 118 ? 4.609   -4.677  -1.114  1.00 11.91 ? 1356 ILE A CG1 1 
ATOM   884  C CG2 . ILE A 1 118 ? 5.399   -2.377  -1.648  1.00 10.47 ? 1356 ILE A CG2 1 
ATOM   885  C CD1 . ILE A 1 118 ? 4.999   -4.657  0.300   1.00 14.05 ? 1356 ILE A CD1 1 
ATOM   886  N N   . LEU A 1 119 ? 6.946   -3.162  -4.720  1.00 10.08 ? 1357 LEU A N   1 
ATOM   887  C CA  . LEU A 1 119 ? 7.635   -2.328  -5.651  1.00 10.75 ? 1357 LEU A CA  1 
ATOM   888  C C   . LEU A 1 119 ? 7.018   -2.314  -7.067  1.00 9.98  ? 1357 LEU A C   1 
ATOM   889  O O   . LEU A 1 119 ? 6.845   -1.276  -7.636  1.00 9.52  ? 1357 LEU A O   1 
ATOM   890  C CB  . LEU A 1 119 ? 9.103   -2.565  -5.612  1.00 11.24 ? 1357 LEU A CB  1 
ATOM   891  C CG  . LEU A 1 119 ? 9.795   -2.240  -4.275  1.00 12.69 ? 1357 LEU A CG  1 
ATOM   892  C CD1 . LEU A 1 119 ? 11.124  -2.949  -4.328  1.00 11.38 ? 1357 LEU A CD1 1 
ATOM   893  C CD2 . LEU A 1 119 ? 9.953   -0.715  -4.127  1.00 13.91 ? 1357 LEU A CD2 1 
ATOM   894  N N   . SER A 1 120 ? 6.652   -3.472  -7.578  1.00 10.23 ? 1358 SER A N   1 
ATOM   895  C CA  . SER A 1 120 ? 5.938   -3.569  -8.843  1.00 10.33 ? 1358 SER A CA  1 
ATOM   896  C C   . SER A 1 120 ? 4.620   -2.737  -8.850  1.00 9.87  ? 1358 SER A C   1 
ATOM   897  O O   . SER A 1 120 ? 4.369   -2.042  -9.762  1.00 7.61  ? 1358 SER A O   1 
ATOM   898  C CB  . SER A 1 120 ? 5.663   -5.021  -9.207  1.00 10.76 ? 1358 SER A CB  1 
ATOM   899  O OG  . SER A 1 120 ? 6.864   -5.626  -9.489  1.00 15.97 ? 1358 SER A OG  1 
ATOM   900  N N   . CYS A 1 121 ? 3.867   -2.832  -7.767  1.00 10.49 ? 1359 CYS A N   1 
ATOM   901  C CA  . CYS A 1 121 ? 2.703   -1.942  -7.516  1.00 10.76 ? 1359 CYS A CA  1 
ATOM   902  C C   . CYS A 1 121 ? 3.058   -0.464  -7.699  1.00 10.18 ? 1359 CYS A C   1 
ATOM   903  O O   . CYS A 1 121 ? 2.515   0.220   -8.461  1.00 9.59  ? 1359 CYS A O   1 
ATOM   904  C CB  . CYS A 1 121 ? 2.072   -2.173  -6.130  1.00 10.55 ? 1359 CYS A CB  1 
ATOM   905  S SG  . CYS A 1 121 ? 0.517   -1.340  -5.919  1.00 12.42 ? 1359 CYS A SG  1 
ATOM   906  N N   . CYS A 1 122 ? 4.030   -0.017  -6.952  1.00 10.22 ? 1360 CYS A N   1 
ATOM   907  C CA  . CYS A 1 122 ? 4.467   1.376   -7.042  1.00 9.74  ? 1360 CYS A CA  1 
ATOM   908  C C   . CYS A 1 122 ? 4.812   1.755   -8.484  1.00 10.23 ? 1360 CYS A C   1 
ATOM   909  O O   . CYS A 1 122 ? 4.357   2.787   -8.980  1.00 9.12  ? 1360 CYS A O   1 
ATOM   910  C CB  . CYS A 1 122 ? 5.687   1.628   -6.172  1.00 9.37  ? 1360 CYS A CB  1 
ATOM   911  S SG  . CYS A 1 122 ? 5.399   1.468   -4.395  1.00 9.76  ? 1360 CYS A SG  1 
ATOM   912  N N   . LEU A 1 123 ? 5.555   0.885   -9.132  1.00 9.96  ? 1361 LEU A N   1 
ATOM   913  C CA  . LEU A 1 123 ? 6.036   1.103   -10.459 1.00 10.37 ? 1361 LEU A CA  1 
ATOM   914  C C   . LEU A 1 123 ? 4.933   1.095   -11.509 1.00 10.42 ? 1361 LEU A C   1 
ATOM   915  O O   . LEU A 1 123 ? 5.075   1.643   -12.523 1.00 11.26 ? 1361 LEU A O   1 
ATOM   916  C CB  . LEU A 1 123 ? 7.182   0.156   -10.785 1.00 10.30 ? 1361 LEU A CB  1 
ATOM   917  C CG  . LEU A 1 123 ? 8.514   0.344   -10.068 1.00 10.56 ? 1361 LEU A CG  1 
ATOM   918  C CD1 . LEU A 1 123 ? 9.490   -0.753  -10.257 1.00 11.58 ? 1361 LEU A CD1 1 
ATOM   919  C CD2 . LEU A 1 123 ? 9.109   1.690   -10.244 1.00 11.67 ? 1361 LEU A CD2 1 
ATOM   920  N N   . HIS A 1 124 ? 3.836   0.446   -11.208 1.00 11.05 ? 1362 HIS A N   1 
ATOM   921  C CA  . HIS A 1 124 ? 2.677   0.492   -12.072 1.00 11.36 ? 1362 HIS A CA  1 
ATOM   922  C C   . HIS A 1 124 ? 2.200   1.964   -12.292 1.00 11.70 ? 1362 HIS A C   1 
ATOM   923  O O   . HIS A 1 124 ? 1.578   2.255   -13.276 1.00 10.85 ? 1362 HIS A O   1 
ATOM   924  C CB  . HIS A 1 124 ? 1.552   -0.361  -11.518 1.00 11.81 ? 1362 HIS A CB  1 
ATOM   925  C CG  . HIS A 1 124 ? 0.274   -0.300  -12.292 1.00 14.19 ? 1362 HIS A CG  1 
ATOM   926  N ND1 . HIS A 1 124 ? -0.789  0.493   -11.931 1.00 17.12 ? 1362 HIS A ND1 1 
ATOM   927  C CD2 . HIS A 1 124 ? -0.133  -0.973  -13.384 1.00 15.40 ? 1362 HIS A CD2 1 
ATOM   928  C CE1 . HIS A 1 124 ? -1.775  0.330   -12.777 1.00 15.44 ? 1362 HIS A CE1 1 
ATOM   929  N NE2 . HIS A 1 124 ? -1.413  -0.570  -13.656 1.00 16.60 ? 1362 HIS A NE2 1 
ATOM   930  N N   . TYR A 1 125 ? 2.444   2.823   -11.314 1.00 11.03 ? 1363 TYR A N   1 
ATOM   931  C CA  . TYR A 1 125 ? 1.924   4.192   -11.325 1.00 11.59 ? 1363 TYR A CA  1 
ATOM   932  C C   . TYR A 1 125 ? 3.026   5.200   -11.649 1.00 12.73 ? 1363 TYR A C   1 
ATOM   933  O O   . TYR A 1 125 ? 2.896   6.361   -11.373 1.00 12.34 ? 1363 TYR A O   1 
ATOM   934  C CB  . TYR A 1 125 ? 1.288   4.542   -9.955  1.00 11.62 ? 1363 TYR A CB  1 
ATOM   935  C CG  . TYR A 1 125 ? 0.054   3.753   -9.679  1.00 11.19 ? 1363 TYR A CG  1 
ATOM   936  C CD1 . TYR A 1 125 ? 0.115   2.575   -8.989  1.00 11.50 ? 1363 TYR A CD1 1 
ATOM   937  C CD2 . TYR A 1 125 ? -1.142  4.131   -10.164 1.00 11.56 ? 1363 TYR A CD2 1 
ATOM   938  C CE1 . TYR A 1 125 ? -0.949  1.838   -8.804  1.00 11.72 ? 1363 TYR A CE1 1 
ATOM   939  C CE2 . TYR A 1 125 ? -2.222  3.386   -9.977  1.00 11.79 ? 1363 TYR A CE2 1 
ATOM   940  C CZ  . TYR A 1 125 ? -2.144  2.251   -9.305  1.00 12.80 ? 1363 TYR A CZ  1 
ATOM   941  O OH  . TYR A 1 125 ? -3.240  1.517   -9.160  1.00 15.30 ? 1363 TYR A OH  1 
ATOM   942  N N   . CYS A 1 126 ? 4.129   4.655   -12.177 1.00 13.05 ? 1364 CYS A N   1 
ATOM   943  C CA  . CYS A 1 126 ? 5.166   5.399   -12.866 1.00 14.11 ? 1364 CYS A CA  1 
ATOM   944  C C   . CYS A 1 126 ? 5.019   5.283   -14.387 1.00 15.86 ? 1364 CYS A C   1 
ATOM   945  O O   . CYS A 1 126 ? 5.474   4.375   -14.965 1.00 15.38 ? 1364 CYS A O   1 
ATOM   946  C CB  . CYS A 1 126 ? 6.556   4.973   -12.419 1.00 13.76 ? 1364 CYS A CB  1 
ATOM   947  S SG  . CYS A 1 126 ? 6.880   5.141   -10.705 1.00 12.82 ? 1364 CYS A SG  1 
ATOM   948  N N   . LYS A 1 127 ? 4.310   6.234   -14.956 1.00 18.32 ? 1365 LYS A N   1 
ATOM   949  C CA  . LYS A 1 127 ? 3.802   6.136   -16.292 1.00 19.77 ? 1365 LYS A CA  1 
ATOM   950  C C   . LYS A 1 127 ? 4.730   6.809   -17.318 1.00 20.85 ? 1365 LYS A C   1 
ATOM   951  O O   . LYS A 1 127 ? 4.316   7.682   -18.015 1.00 21.64 ? 1365 LYS A O   1 
ATOM   952  C CB  . LYS A 1 127 ? 2.369   6.722   -16.390 1.00 20.47 ? 1365 LYS A CB  1 
ATOM   953  C CG  . LYS A 1 127 ? 1.328   6.109   -15.483 1.00 21.62 ? 1365 LYS A CG  1 
ATOM   954  C CD  . LYS A 1 127 ? 1.068   4.641   -15.727 1.00 23.84 ? 1365 LYS A CD  1 
ATOM   955  C CE  . LYS A 1 127 ? -0.076  4.144   -14.814 1.00 24.35 ? 1365 LYS A CE  1 
ATOM   956  N NZ  . LYS A 1 127 ? -0.737  2.825   -15.068 1.00 19.13 ? 1365 LYS A NZ  1 
ATOM   957  N N   . ASP A 1 128 ? 5.980   6.402   -17.383 1.00 21.64 ? 1366 ASP A N   1 
ATOM   958  C CA  . ASP A 1 128 ? 6.916   7.039   -18.263 1.00 22.20 ? 1366 ASP A CA  1 
ATOM   959  C C   . ASP A 1 128 ? 6.840   6.683   -19.754 1.00 23.20 ? 1366 ASP A C   1 
ATOM   960  O O   . ASP A 1 128 ? 6.739   5.561   -20.151 1.00 23.80 ? 1366 ASP A O   1 
ATOM   961  C CB  . ASP A 1 128 ? 8.342   6.950   -17.759 1.00 22.06 ? 1366 ASP A CB  1 
ATOM   962  C CG  . ASP A 1 128 ? 8.440   7.081   -16.260 1.00 22.16 ? 1366 ASP A CG  1 
ATOM   963  O OD1 . ASP A 1 128 ? 8.261   8.172   -15.781 1.00 21.50 ? 1366 ASP A OD1 1 
ATOM   964  O OD2 . ASP A 1 128 ? 8.639   6.081   -15.619 1.00 21.84 ? 1366 ASP A OD2 1 
ATOM   965  N N   . LYS A 1 129 ? 6.953   7.737   -20.521 1.00 23.99 ? 1367 LYS A N   1 
ATOM   966  C CA  . LYS A 1 129 ? 6.781   7.772   -21.962 1.00 24.55 ? 1367 LYS A CA  1 
ATOM   967  C C   . LYS A 1 129 ? 7.899   8.590   -22.635 1.00 24.76 ? 1367 LYS A C   1 
ATOM   968  O O   . LYS A 1 129 ? 8.308   9.565   -22.108 1.00 25.01 ? 1367 LYS A O   1 
ATOM   969  C CB  . LYS A 1 129 ? 5.481   8.540   -22.233 1.00 24.29 ? 1367 LYS A CB  1 
ATOM   970  C CG  . LYS A 1 129 ? 4.321   7.849   -21.779 0.00 20.00 ? 1367 LYS A CG  1 
ATOM   971  C CD  . LYS A 1 129 ? 2.999   8.588   -22.048 0.00 20.00 ? 1367 LYS A CD  1 
ATOM   972  C CE  . LYS A 1 129 ? 1.749   7.840   -21.542 0.00 20.00 ? 1367 LYS A CE  1 
ATOM   973  N NZ  . LYS A 1 129 ? 0.465   8.569   -21.796 0.00 20.00 ? 1367 LYS A NZ  1 
ATOM   974  N N   . ALA A 1 130 ? 8.323   8.164   -23.791 1.00 26.04 ? 1368 ALA A N   1 
ATOM   975  C CA  . ALA A 1 130 ? 9.382   8.829   -24.485 1.00 26.48 ? 1368 ALA A CA  1 
ATOM   976  C C   . ALA A 1 130 ? 9.113   10.300  -24.704 1.00 27.37 ? 1368 ALA A C   1 
ATOM   977  O O   . ALA A 1 130 ? 9.937   11.134  -24.449 1.00 26.83 ? 1368 ALA A O   1 
ATOM   978  C CB  . ALA A 1 130 ? 9.719   8.078   -25.801 1.00 26.58 ? 1368 ALA A CB  1 
ATOM   979  N N   . LYS A 1 131 ? 7.893   10.608  -25.091 1.00 28.59 ? 1369 LYS A N   1 
ATOM   980  C CA  . LYS A 1 131 ? 7.411   11.991  -25.137 1.00 29.37 ? 1369 LYS A CA  1 
ATOM   981  C C   . LYS A 1 131 ? 7.781   12.912  -23.977 1.00 30.51 ? 1369 LYS A C   1 
ATOM   982  O O   . LYS A 1 131 ? 8.011   14.084  -24.178 1.00 30.65 ? 1369 LYS A O   1 
ATOM   983  C CB  . LYS A 1 131 ? 5.907   11.995  -25.325 0.00 20.00 ? 1369 LYS A CB  1 
ATOM   984  C CG  . LYS A 1 131 ? 5.395   10.934  -26.311 0.00 20.00 ? 1369 LYS A CG  1 
ATOM   985  C CD  . LYS A 1 131 ? 4.270   11.556  -27.191 0.00 20.00 ? 1369 LYS A CD  1 
ATOM   986  C CE  . LYS A 1 131 ? 3.919   10.734  -28.466 0.00 20.00 ? 1369 LYS A CE  1 
ATOM   987  N NZ  . LYS A 1 131 ? 4.716   10.879  -29.780 0.00 20.00 ? 1369 LYS A NZ  1 
ATOM   988  N N   . ASP A 1 132 ? 7.809   12.398  -22.740 1.00 31.12 ? 1370 ASP A N   1 
ATOM   989  C CA  . ASP A 1 132 ? 7.941   13.288  -21.609 1.00 31.76 ? 1370 ASP A CA  1 
ATOM   990  C C   . ASP A 1 132 ? 9.316   13.874  -21.449 1.00 32.28 ? 1370 ASP A C   1 
ATOM   991  O O   . ASP A 1 132 ? 9.540   14.704  -20.601 1.00 32.01 ? 1370 ASP A O   1 
ATOM   992  C CB  . ASP A 1 132 ? 7.490   12.717  -20.248 1.00 32.00 ? 1370 ASP A CB  1 
ATOM   993  C CG  . ASP A 1 132 ? 6.498   11.554  -20.322 1.00 31.57 ? 1370 ASP A CG  1 
ATOM   994  O OD1 . ASP A 1 132 ? 5.452   11.697  -20.916 1.00 30.08 ? 1370 ASP A OD1 1 
ATOM   995  O OD2 . ASP A 1 132 ? 6.736   10.533  -19.704 1.00 32.43 ? 1370 ASP A OD2 1 
ATOM   996  N N   . PHE A 1 133 ? 10.217  13.375  -22.271 1.00 33.33 ? 1371 PHE A N   1 
ATOM   997  C CA  . PHE A 1 133 ? 11.619  13.732  -22.281 1.00 34.15 ? 1371 PHE A CA  1 
ATOM   998  C C   . PHE A 1 133 ? 11.878  14.219  -23.723 1.00 35.10 ? 1371 PHE A C   1 
ATOM   999  O O   . PHE A 1 133 ? 12.322  13.481  -24.581 1.00 35.98 ? 1371 PHE A O   1 
ATOM   1000 C CB  . PHE A 1 133 ? 12.494  12.497  -21.926 1.00 34.16 ? 1371 PHE A CB  1 
ATOM   1001 C CG  . PHE A 1 133 ? 11.982  11.703  -20.726 1.00 33.81 ? 1371 PHE A CG  1 
ATOM   1002 C CD1 . PHE A 1 133 ? 11.106  10.703  -20.880 1.00 33.69 ? 1371 PHE A CD1 1 
ATOM   1003 C CD2 . PHE A 1 133 ? 12.348  12.027  -19.475 1.00 33.90 ? 1371 PHE A CD2 1 
ATOM   1004 C CE1 . PHE A 1 133 ? 10.605  10.078  -19.829 1.00 33.60 ? 1371 PHE A CE1 1 
ATOM   1005 C CE2 . PHE A 1 133 ? 11.868  11.398  -18.434 1.00 33.68 ? 1371 PHE A CE2 1 
ATOM   1006 C CZ  . PHE A 1 133 ? 10.981  10.444  -18.599 1.00 34.34 ? 1371 PHE A CZ  1 
ATOM   1007 N N   . MET A 1 134 ? 11.522  15.429  -24.019 1.00 20.00 ? 1372 MET A N   1 
ATOM   1008 C CA  . MET A 1 134 ? 11.281  15.781  -25.406 1.00 20.00 ? 1372 MET A CA  1 
ATOM   1009 C C   . MET A 1 134 ? 10.076  15.037  -25.988 1.00 20.00 ? 1372 MET A C   1 
ATOM   1010 O O   . MET A 1 134 ? 10.098  14.497  -27.078 1.00 37.85 ? 1372 MET A O   1 
ATOM   1011 C CB  . MET A 1 134 ? 12.524  15.476  -26.205 0.00 20.00 ? 1372 MET A CB  1 
ATOM   1012 C CG  . MET A 1 134 ? 13.836  15.778  -25.530 0.00 20.00 ? 1372 MET A CG  1 
ATOM   1013 S SD  . MET A 1 134 ? 14.224  17.488  -25.200 0.00 20.00 ? 1372 MET A SD  1 
ATOM   1014 C CE  . MET A 1 134 ? 15.568  17.267  -24.004 0.00 20.00 ? 1372 MET A CE  1 
ATOM   1015 N N   . ILE A 1 142 ? 13.452  19.332  -18.103 1.00 28.23 ? 1380 ILE A N   1 
ATOM   1016 C CA  . ILE A 1 142 ? 13.013  17.978  -17.755 1.00 27.43 ? 1380 ILE A CA  1 
ATOM   1017 C C   . ILE A 1 142 ? 13.493  17.376  -16.411 1.00 26.11 ? 1380 ILE A C   1 
ATOM   1018 O O   . ILE A 1 142 ? 14.611  17.083  -16.224 1.00 26.25 ? 1380 ILE A O   1 
ATOM   1019 C CB  . ILE A 1 142 ? 13.046  16.976  -18.905 1.00 27.78 ? 1380 ILE A CB  1 
ATOM   1020 C CG1 . ILE A 1 142 ? 13.771  15.735  -18.481 1.00 29.06 ? 1380 ILE A CG1 1 
ATOM   1021 C CG2 . ILE A 1 142 ? 13.584  17.611  -20.176 1.00 28.48 ? 1380 ILE A CG2 1 
ATOM   1022 C CD1 . ILE A 1 142 ? 12.872  14.652  -18.374 1.00 30.34 ? 1380 ILE A CD1 1 
ATOM   1023 N N   . ARG A 1 143 ? 12.559  17.206  -15.502 1.00 24.71 ? 1381 ARG A N   1 
ATOM   1024 C CA  . ARG A 1 143 ? 12.740  16.452  -14.277 1.00 23.20 ? 1381 ARG A CA  1 
ATOM   1025 C C   . ARG A 1 143 ? 11.749  15.282  -14.373 1.00 21.19 ? 1381 ARG A C   1 
ATOM   1026 O O   . ARG A 1 143 ? 10.816  15.325  -15.138 1.00 21.29 ? 1381 ARG A O   1 
ATOM   1027 C CB  . ARG A 1 143 ? 12.337  17.297  -13.058 1.00 23.70 ? 1381 ARG A CB  1 
ATOM   1028 C CG  . ARG A 1 143 ? 13.227  18.484  -12.752 1.00 26.48 ? 1381 ARG A CG  1 
ATOM   1029 C CD  . ARG A 1 143 ? 12.538  19.574  -11.962 1.00 28.68 ? 1381 ARG A CD  1 
ATOM   1030 N NE  . ARG A 1 143 ? 12.616  19.285  -10.579 1.00 29.40 ? 1381 ARG A NE  1 
ATOM   1031 C CZ  . ARG A 1 143 ? 11.738  19.689  -9.693  1.00 30.61 ? 1381 ARG A CZ  1 
ATOM   1032 N NH1 . ARG A 1 143 ? 10.727  20.462  -10.074 1.00 31.08 ? 1381 ARG A NH1 1 
ATOM   1033 N NH2 . ARG A 1 143 ? 11.864  19.281  -8.469  1.00 28.33 ? 1381 ARG A NH2 1 
ATOM   1034 N N   . LEU A 1 144 ? 11.908  14.262  -13.558 1.00 18.30 ? 1382 LEU A N   1 
ATOM   1035 C CA  . LEU A 1 144 ? 11.107  13.062  -13.712 1.00 15.94 ? 1382 LEU A CA  1 
ATOM   1036 C C   . LEU A 1 144 ? 9.902   13.254  -12.791 1.00 14.92 ? 1382 LEU A C   1 
ATOM   1037 O O   . LEU A 1 144 ? 10.057  13.314  -11.638 1.00 13.29 ? 1382 LEU A O   1 
ATOM   1038 C CB  . LEU A 1 144 ? 11.934  11.840  -13.334 1.00 16.25 ? 1382 LEU A CB  1 
ATOM   1039 C CG  . LEU A 1 144 ? 11.309  10.468  -13.311 1.00 15.75 ? 1382 LEU A CG  1 
ATOM   1040 C CD1 . LEU A 1 144 ? 10.682  10.026  -14.591 1.00 15.52 ? 1382 LEU A CD1 1 
ATOM   1041 C CD2 . LEU A 1 144 ? 12.227  9.478   -12.722 1.00 16.19 ? 1382 LEU A CD2 1 
ATOM   1042 N N   . LEU A 1 145 ? 8.739   13.406  -13.376 1.00 13.08 ? 1383 LEU A N   1 
ATOM   1043 C CA  . LEU A 1 145 ? 7.506   13.396  -12.633 1.00 12.74 ? 1383 LEU A CA  1 
ATOM   1044 C C   . LEU A 1 145 ? 7.215   12.094  -11.873 1.00 11.69 ? 1383 LEU A C   1 
ATOM   1045 O O   . LEU A 1 145 ? 7.128   11.072  -12.415 1.00 9.56  ? 1383 LEU A O   1 
ATOM   1046 C CB  . LEU A 1 145 ? 6.318   13.784  -13.495 1.00 12.74 ? 1383 LEU A CB  1 
ATOM   1047 C CG  . LEU A 1 145 ? 4.981   13.977  -12.769 1.00 14.42 ? 1383 LEU A CG  1 
ATOM   1048 C CD1 . LEU A 1 145 ? 4.992   15.070  -11.708 1.00 14.48 ? 1383 LEU A CD1 1 
ATOM   1049 C CD2 . LEU A 1 145 ? 3.836   14.114  -13.701 1.00 15.68 ? 1383 LEU A CD2 1 
ATOM   1050 N N   . ARG A 1 146 ? 6.997   12.234  -10.581 1.00 10.99 ? 1384 ARG A N   1 
ATOM   1051 C CA  . ARG A 1 146 ? 6.526   11.125  -9.787  1.00 10.81 ? 1384 ARG A CA  1 
ATOM   1052 C C   . ARG A 1 146 ? 5.252   11.445  -8.940  1.00 10.34 ? 1384 ARG A C   1 
ATOM   1053 O O   . ARG A 1 146 ? 5.247   12.353  -8.231  1.00 10.74 ? 1384 ARG A O   1 
ATOM   1054 C CB  . ARG A 1 146 ? 7.645   10.565  -8.941  1.00 10.59 ? 1384 ARG A CB  1 
ATOM   1055 C CG  . ARG A 1 146 ? 8.703   9.835   -9.716  1.00 10.51 ? 1384 ARG A CG  1 
ATOM   1056 C CD  . ARG A 1 146 ? 8.288   8.440   -10.029 1.00 9.52  ? 1384 ARG A CD  1 
ATOM   1057 N NE  . ARG A 1 146 ? 9.084   7.610   -10.931 1.00 10.65 ? 1384 ARG A NE  1 
ATOM   1058 C CZ  . ARG A 1 146 ? 8.997   7.573   -12.260 1.00 10.11 ? 1384 ARG A CZ  1 
ATOM   1059 N NH1 . ARG A 1 146 ? 9.704   6.704   -12.915 1.00 10.50 ? 1384 ARG A NH1 1 
ATOM   1060 N NH2 . ARG A 1 146 ? 8.231   8.406   -12.943 1.00 11.06 ? 1384 ARG A NH2 1 
ATOM   1061 N N   . GLU A 1 147 ? 4.191   10.710  -9.161  1.00 9.96  ? 1385 GLU A N   1 
ATOM   1062 C CA  . GLU A 1 147 ? 2.928   10.876  -8.467  1.00 10.09 ? 1385 GLU A CA  1 
ATOM   1063 C C   . GLU A 1 147 ? 2.547   9.730   -7.489  1.00 9.38  ? 1385 GLU A C   1 
ATOM   1064 O O   . GLU A 1 147 ? 1.491   9.659   -7.009  1.00 9.79  ? 1385 GLU A O   1 
ATOM   1065 C CB  . GLU A 1 147 ? 1.787   11.159  -9.455  1.00 10.43 ? 1385 GLU A CB  1 
ATOM   1066 C CG  . GLU A 1 147 ? 2.033   12.397  -10.316 1.00 11.89 ? 1385 GLU A CG  1 
ATOM   1067 C CD  . GLU A 1 147 ? 0.822   12.843  -11.090 1.00 15.54 ? 1385 GLU A CD  1 
ATOM   1068 O OE1 . GLU A 1 147 ? 0.402   12.135  -11.949 1.00 17.18 ? 1385 GLU A OE1 1 
ATOM   1069 O OE2 . GLU A 1 147 ? 0.335   13.924  -10.811 1.00 19.44 ? 1385 GLU A OE2 1 
ATOM   1070 N N   . VAL A 1 148 ? 3.499   8.868   -7.245  1.00 9.91  ? 1386 VAL A N   1 
ATOM   1071 C CA  . VAL A 1 148 ? 3.325   7.754   -6.384  1.00 9.19  ? 1386 VAL A CA  1 
ATOM   1072 C C   . VAL A 1 148 ? 4.316   7.877   -5.223  1.00 9.06  ? 1386 VAL A C   1 
ATOM   1073 O O   . VAL A 1 148 ? 5.410   8.261   -5.427  1.00 8.14  ? 1386 VAL A O   1 
ATOM   1074 C CB  . VAL A 1 148 ? 3.502   6.380   -7.142  1.00 9.38  ? 1386 VAL A CB  1 
ATOM   1075 C CG1 . VAL A 1 148 ? 4.904   6.198   -7.743  1.00 10.61 ? 1386 VAL A CG1 1 
ATOM   1076 C CG2 . VAL A 1 148 ? 3.093   5.231   -6.278  1.00 8.96  ? 1386 VAL A CG2 1 
ATOM   1077 N N   . VAL A 1 149 ? 3.860   7.478   -4.044  1.00 8.59  ? 1387 VAL A N   1 
ATOM   1078 C CA  . VAL A 1 149 ? 4.693   7.345   -2.887  1.00 8.31  ? 1387 VAL A CA  1 
ATOM   1079 C C   . VAL A 1 149 ? 4.491   6.015   -2.112  1.00 8.21  ? 1387 VAL A C   1 
ATOM   1080 O O   . VAL A 1 149 ? 3.420   5.697   -1.772  1.00 7.62  ? 1387 VAL A O   1 
ATOM   1081 C CB  . VAL A 1 149 ? 4.395   8.472   -1.876  1.00 8.02  ? 1387 VAL A CB  1 
ATOM   1082 C CG1 . VAL A 1 149 ? 5.210   8.380   -0.695  1.00 8.74  ? 1387 VAL A CG1 1 
ATOM   1083 C CG2 . VAL A 1 149 ? 4.477   9.807   -2.525  1.00 6.95  ? 1387 VAL A CG2 1 
ATOM   1084 N N   . LEU A 1 150 ? 5.604   5.341   -1.857  1.00 8.23  ? 1388 LEU A N   1 
ATOM   1085 C CA  . LEU A 1 150 ? 5.641   4.156   -1.029  1.00 8.49  ? 1388 LEU A CA  1 
ATOM   1086 C C   . LEU A 1 150 ? 5.635   4.587   0.434   1.00 8.66  ? 1388 LEU A C   1 
ATOM   1087 O O   . LEU A 1 150 ? 6.466   5.323   0.836   1.00 8.56  ? 1388 LEU A O   1 
ATOM   1088 C CB  . LEU A 1 150 ? 6.880   3.350   -1.297  1.00 8.51  ? 1388 LEU A CB  1 
ATOM   1089 C CG  . LEU A 1 150 ? 7.082   2.116   -0.462  1.00 9.61  ? 1388 LEU A CG  1 
ATOM   1090 C CD1 . LEU A 1 150 ? 5.928   1.218   -0.574  1.00 8.14  ? 1388 LEU A CD1 1 
ATOM   1091 C CD2 . LEU A 1 150 ? 8.388   1.389   -0.673  1.00 12.26 ? 1388 LEU A CD2 1 
ATOM   1092 N N   . LEU A 1 151 ? 4.696   4.042   1.176   1.00 8.88  ? 1389 LEU A N   1 
ATOM   1093 C CA  . LEU A 1 151 ? 4.600   4.202   2.614   1.00 9.30  ? 1389 LEU A CA  1 
ATOM   1094 C C   . LEU A 1 151 ? 5.093   2.957   3.336   1.00 9.46  ? 1389 LEU A C   1 
ATOM   1095 O O   . LEU A 1 151 ? 4.515   1.953   3.248   1.00 9.37  ? 1389 LEU A O   1 
ATOM   1096 C CB  . LEU A 1 151 ? 3.151   4.511   3.050   1.00 9.15  ? 1389 LEU A CB  1 
ATOM   1097 C CG  . LEU A 1 151 ? 2.557   5.721   2.375   1.00 10.04 ? 1389 LEU A CG  1 
ATOM   1098 C CD1 . LEU A 1 151 ? 1.125   5.871   2.604   1.00 11.42 ? 1389 LEU A CD1 1 
ATOM   1099 C CD2 . LEU A 1 151 ? 3.318   6.980   2.573   1.00 11.58 ? 1389 LEU A CD2 1 
ATOM   1100 N N   . THR A 1 152 ? 6.192   3.131   4.029   1.00 9.77  ? 1390 THR A N   1 
ATOM   1101 C CA  . THR A 1 152 ? 6.848   2.101   4.751   1.00 10.54 ? 1390 THR A CA  1 
ATOM   1102 C C   . THR A 1 152 ? 7.788   2.575   5.833   1.00 11.37 ? 1390 THR A C   1 
ATOM   1103 O O   . THR A 1 152 ? 8.331   3.607   5.713   1.00 10.42 ? 1390 THR A O   1 
ATOM   1104 C CB  . THR A 1 152 ? 7.555   1.137   3.867   1.00 10.77 ? 1390 THR A CB  1 
ATOM   1105 O OG1 . THR A 1 152 ? 7.986   0.009   4.604   1.00 11.75 ? 1390 THR A OG1 1 
ATOM   1106 C CG2 . THR A 1 152 ? 8.708   1.782   3.208   1.00 10.54 ? 1390 THR A CG2 1 
ATOM   1107 N N   . ASP A 1 153 ? 7.889   1.758   6.867   1.00 12.14 ? 1391 ASP A N   1 
ATOM   1108 C CA  . ASP A 1 153 ? 8.968   1.804   7.823   1.00 13.19 ? 1391 ASP A CA  1 
ATOM   1109 C C   . ASP A 1 153 ? 10.210  0.893   7.586   1.00 13.85 ? 1391 ASP A C   1 
ATOM   1110 O O   . ASP A 1 153 ? 11.145  1.007   8.290   1.00 13.96 ? 1391 ASP A O   1 
ATOM   1111 C CB  . ASP A 1 153 ? 8.450   1.552   9.232   1.00 13.91 ? 1391 ASP A CB  1 
ATOM   1112 C CG  . ASP A 1 153 ? 7.488   2.630   9.739   1.00 15.32 ? 1391 ASP A CG  1 
ATOM   1113 O OD1 . ASP A 1 153 ? 7.871   3.759   9.837   1.00 19.38 ? 1391 ASP A OD1 1 
ATOM   1114 O OD2 . ASP A 1 153 ? 6.394   2.290   10.096  1.00 19.46 ? 1391 ASP A OD2 1 
ATOM   1115 N N   . ASP A 1 154 ? 10.115  -0.035  6.662   1.00 13.65 ? 1392 ASP A N   1 
ATOM   1116 C CA  . ASP A 1 154 ? 11.176  -0.923  6.354   1.00 13.96 ? 1392 ASP A CA  1 
ATOM   1117 C C   . ASP A 1 154 ? 12.328  -0.222  5.633   1.00 13.81 ? 1392 ASP A C   1 
ATOM   1118 O O   . ASP A 1 154 ? 12.197  0.206   4.525   1.00 11.53 ? 1392 ASP A O   1 
ATOM   1119 C CB  . ASP A 1 154 ? 10.687  -2.094  5.503   1.00 14.54 ? 1392 ASP A CB  1 
ATOM   1120 C CG  . ASP A 1 154 ? 11.769  -3.196  5.316   1.00 17.04 ? 1392 ASP A CG  1 
ATOM   1121 O OD1 . ASP A 1 154 ? 12.772  -3.016  4.751   1.00 23.51 ? 1392 ASP A OD1 1 
ATOM   1122 O OD2 . ASP A 1 154 ? 11.577  -4.257  5.824   1.00 16.48 ? 1392 ASP A OD2 1 
ATOM   1123 N N   . ARG A 1 155 ? 13.465  -0.183  6.294   1.00 14.35 ? 1393 ARG A N   1 
ATOM   1124 C CA  . ARG A 1 155 ? 14.644  0.452   5.743   1.00 15.13 ? 1393 ARG A CA  1 
ATOM   1125 C C   . ARG A 1 155 ? 15.157  -0.120  4.448   1.00 14.33 ? 1393 ARG A C   1 
ATOM   1126 O O   . ARG A 1 155 ? 15.577  0.578   3.594   1.00 13.19 ? 1393 ARG A O   1 
ATOM   1127 C CB  . ARG A 1 155 ? 15.775  0.505   6.751   1.00 16.22 ? 1393 ARG A CB  1 
ATOM   1128 C CG  . ARG A 1 155 ? 15.449  1.254   7.951   1.00 19.71 ? 1393 ARG A CG  1 
ATOM   1129 C CD  . ARG A 1 155 ? 16.145  2.552   8.016   1.00 25.43 ? 1393 ARG A CD  1 
ATOM   1130 N NE  . ARG A 1 155 ? 15.351  3.704   7.641   1.00 27.61 ? 1393 ARG A NE  1 
ATOM   1131 C CZ  . ARG A 1 155 ? 15.837  4.775   7.044   1.00 29.88 ? 1393 ARG A CZ  1 
ATOM   1132 N NH1 . ARG A 1 155 ? 17.105  4.846   6.716   1.00 31.59 ? 1393 ARG A NH1 1 
ATOM   1133 N NH2 . ARG A 1 155 ? 15.049  5.767   6.777   1.00 30.77 ? 1393 ARG A NH2 1 
ATOM   1134 N N   . ASN A 1 156 ? 15.168  -1.443  4.356   1.00 14.51 ? 1394 ASN A N   1 
ATOM   1135 C CA  . ASN A 1 156 ? 15.600  -2.077  3.116   1.00 14.40 ? 1394 ASN A CA  1 
ATOM   1136 C C   . ASN A 1 156 ? 14.660  -1.877  1.948   1.00 13.38 ? 1394 ASN A C   1 
ATOM   1137 O O   . ASN A 1 156 ? 15.039  -1.491  0.935   1.00 12.40 ? 1394 ASN A O   1 
ATOM   1138 C CB  . ASN A 1 156 ? 15.923  -3.561  3.308   1.00 15.68 ? 1394 ASN A CB  1 
ATOM   1139 C CG  . ASN A 1 156 ? 17.092  -3.744  4.232   1.00 19.02 ? 1394 ASN A CG  1 
ATOM   1140 O OD1 . ASN A 1 156 ? 18.187  -3.230  3.971   1.00 25.54 ? 1394 ASN A OD1 1 
ATOM   1141 N ND2 . ASN A 1 156 ? 16.880  -4.440  5.284   1.00 24.46 ? 1394 ASN A ND2 1 
ATOM   1142 N N   . LEU A 1 157 ? 13.385  -2.098  2.173   1.00 12.25 ? 1395 LEU A N   1 
ATOM   1143 C CA  . LEU A 1 157 ? 12.394  -1.711  1.205   1.00 11.49 ? 1395 LEU A CA  1 
ATOM   1144 C C   . LEU A 1 157 ? 12.539  -0.256  0.734   1.00 10.85 ? 1395 LEU A C   1 
ATOM   1145 O O   . LEU A 1 157 ? 12.605  -0.019  -0.422  1.00 9.51  ? 1395 LEU A O   1 
ATOM   1146 C CB  . LEU A 1 157 ? 10.990  -1.995  1.711   1.00 11.70 ? 1395 LEU A CB  1 
ATOM   1147 C CG  . LEU A 1 157 ? 9.867   -1.659  0.765   1.00 11.25 ? 1395 LEU A CG  1 
ATOM   1148 C CD1 . LEU A 1 157 ? 10.048  -2.258  -0.586  1.00 12.29 ? 1395 LEU A CD1 1 
ATOM   1149 C CD2 . LEU A 1 157 ? 8.563   -2.019  1.415   1.00 9.68  ? 1395 LEU A CD2 1 
ATOM   1150 N N   . ARG A 1 158 ? 12.687  0.662   1.683   1.00 10.76 ? 1396 ARG A N   1 
ATOM   1151 C CA  . ARG A 1 158 ? 12.990  2.073   1.361   1.00 10.74 ? 1396 ARG A CA  1 
ATOM   1152 C C   . ARG A 1 158 ? 14.139  2.290   0.337   1.00 11.01 ? 1396 ARG A C   1 
ATOM   1153 O O   . ARG A 1 158 ? 13.992  2.941   -0.632  1.00 10.60 ? 1396 ARG A O   1 
ATOM   1154 C CB  . ARG A 1 158 ? 13.180  2.913   2.619   1.00 10.59 ? 1396 ARG A CB  1 
ATOM   1155 C CG  . ARG A 1 158 ? 13.643  4.306   2.381   1.00 10.74 ? 1396 ARG A CG  1 
ATOM   1156 C CD  . ARG A 1 158 ? 13.649  5.163   3.621   1.00 11.56 ? 1396 ARG A CD  1 
ATOM   1157 N NE  . ARG A 1 158 ? 13.983  6.571   3.332   1.00 12.59 ? 1396 ARG A NE  1 
ATOM   1158 C CZ  . ARG A 1 158 ? 15.226  7.038   3.171   1.00 14.08 ? 1396 ARG A CZ  1 
ATOM   1159 N NH1 . ARG A 1 158 ? 15.466  8.317   2.903   1.00 13.59 ? 1396 ARG A NH1 1 
ATOM   1160 N NH2 . ARG A 1 158 ? 16.233  6.232   3.334   1.00 13.10 ? 1396 ARG A NH2 1 
ATOM   1161 N N   . VAL A 1 159 ? 15.256  1.671   0.616   1.00 10.91 ? 1397 VAL A N   1 
ATOM   1162 C CA  . VAL A 1 159 ? 16.407  1.641   -0.267  1.00 11.36 ? 1397 VAL A CA  1 
ATOM   1163 C C   . VAL A 1 159 ? 16.069  1.167   -1.670  1.00 10.64 ? 1397 VAL A C   1 
ATOM   1164 O O   . VAL A 1 159 ? 16.336  1.820   -2.627  1.00 9.88  ? 1397 VAL A O   1 
ATOM   1165 C CB  . VAL A 1 159 ? 17.599  0.812   0.366   1.00 12.05 ? 1397 VAL A CB  1 
ATOM   1166 C CG1 . VAL A 1 159 ? 18.715  0.704   -0.557  1.00 13.08 ? 1397 VAL A CG1 1 
ATOM   1167 C CG2 . VAL A 1 159 ? 18.042  1.441   1.662   1.00 13.19 ? 1397 VAL A CG2 1 
ATOM   1168 N N   . LYS A 1 160 ? 15.447  0.025   -1.732  1.00 10.32 ? 1398 LYS A N   1 
ATOM   1169 C CA  . LYS A 1 160 ? 15.075  -0.522  -2.989  1.00 10.50 ? 1398 LYS A CA  1 
ATOM   1170 C C   . LYS A 1 160 ? 14.186  0.470   -3.742  1.00 10.38 ? 1398 LYS A C   1 
ATOM   1171 O O   . LYS A 1 160 ? 14.440  0.749   -4.873  1.00 9.72  ? 1398 LYS A O   1 
ATOM   1172 C CB  . LYS A 1 160 ? 14.452  -1.876  -2.827  1.00 11.12 ? 1398 LYS A CB  1 
ATOM   1173 C CG  . LYS A 1 160 ? 15.481  -2.939  -2.474  1.00 11.86 ? 1398 LYS A CG  1 
ATOM   1174 C CD  . LYS A 1 160 ? 14.945  -4.305  -2.466  1.00 15.41 ? 1398 LYS A CD  1 
ATOM   1175 C CE  . LYS A 1 160 ? 14.148  -4.603  -1.190  1.00 16.11 ? 1398 LYS A CE  1 
ATOM   1176 N NZ  . LYS A 1 160 ? 14.035  -6.027  -0.791  1.00 16.30 ? 1398 LYS A NZ  1 
ATOM   1177 N N   . ALA A 1 161 ? 13.189  1.016   -3.068  1.00 9.16  ? 1399 ALA A N   1 
ATOM   1178 C CA  . ALA A 1 161 ? 12.319  1.979   -3.723  1.00 9.30  ? 1399 ALA A CA  1 
ATOM   1179 C C   . ALA A 1 161 ? 13.151  3.153   -4.287  1.00 9.62  ? 1399 ALA A C   1 
ATOM   1180 O O   . ALA A 1 161 ? 13.000  3.542   -5.390  1.00 9.58  ? 1399 ALA A O   1 
ATOM   1181 C CB  . ALA A 1 161 ? 11.272  2.504   -2.757  1.00 9.14  ? 1399 ALA A CB  1 
ATOM   1182 N N   . LEU A 1 162 ? 13.996  3.715   -3.450  1.00 9.58  ? 1400 LEU A N   1 
ATOM   1183 C CA  . LEU A 1 162 ? 14.693  4.940   -3.788  1.00 10.08 ? 1400 LEU A CA  1 
ATOM   1184 C C   . LEU A 1 162 ? 15.614  4.748   -4.989  1.00 10.17 ? 1400 LEU A C   1 
ATOM   1185 O O   . LEU A 1 162 ? 15.666  5.542   -5.834  1.00 9.79  ? 1400 LEU A O   1 
ATOM   1186 C CB  . LEU A 1 162 ? 15.465  5.498   -2.607  1.00 9.87  ? 1400 LEU A CB  1 
ATOM   1187 C CG  . LEU A 1 162 ? 14.599  6.014   -1.466  1.00 10.75 ? 1400 LEU A CG  1 
ATOM   1188 C CD1 . LEU A 1 162 ? 15.403  6.437   -0.304  1.00 9.76  ? 1400 LEU A CD1 1 
ATOM   1189 C CD2 . LEU A 1 162 ? 13.602  7.027   -1.873  1.00 12.01 ? 1400 LEU A CD2 1 
ATOM   1190 N N   . THR A 1 163 ? 16.288  3.632   -5.013  1.00 10.54 ? 1401 THR A N   1 
ATOM   1191 C CA  . THR A 1 163 ? 17.186  3.298   -6.110  1.00 10.49 ? 1401 THR A CA  1 
ATOM   1192 C C   . THR A 1 163 ? 16.394  2.966   -7.394  1.00 9.88  ? 1401 THR A C   1 
ATOM   1193 O O   . THR A 1 163 ? 16.948  2.850   -8.427  1.00 9.34  ? 1401 THR A O   1 
ATOM   1194 C CB  . THR A 1 163 ? 18.077  2.124   -5.768  1.00 10.92 ? 1401 THR A CB  1 
ATOM   1195 O OG1 . THR A 1 163 ? 17.296  0.961   -5.572  1.00 11.44 ? 1401 THR A OG1 1 
ATOM   1196 C CG2 . THR A 1 163 ? 18.930  2.413   -4.558  1.00 12.26 ? 1401 THR A CG2 1 
ATOM   1197 N N   . ARG A 1 164 ? 15.095  2.796   -7.265  1.00 9.84  ? 1402 ARG A N   1 
ATOM   1198 C CA  . ARG A 1 164 ? 14.212  2.638   -8.397  1.00 9.81  ? 1402 ARG A CA  1 
ATOM   1199 C C   . ARG A 1 164 ? 13.438  3.915   -8.791  1.00 8.97  ? 1402 ARG A C   1 
ATOM   1200 O O   . ARG A 1 164 ? 12.523  3.837   -9.510  1.00 8.66  ? 1402 ARG A O   1 
ATOM   1201 C CB  . ARG A 1 164 ? 13.191  1.523   -8.131  1.00 9.92  ? 1402 ARG A CB  1 
ATOM   1202 C CG  . ARG A 1 164 ? 13.756  0.141   -8.089  1.00 12.90 ? 1402 ARG A CG  1 
ATOM   1203 C CD  . ARG A 1 164 ? 12.989  -0.872  -7.271  1.00 12.47 ? 1402 ARG A CD  1 
ATOM   1204 N NE  . ARG A 1 164 ? 13.577  -2.185  -7.268  1.00 14.77 ? 1402 ARG A NE  1 
ATOM   1205 C CZ  . ARG A 1 164 ? 14.783  -2.505  -6.871  1.00 15.24 ? 1402 ARG A CZ  1 
ATOM   1206 N NH1 . ARG A 1 164 ? 15.588  -1.626  -6.299  1.00 18.77 ? 1402 ARG A NH1 1 
ATOM   1207 N NH2 . ARG A 1 164 ? 15.160  -3.726  -7.007  1.00 18.87 ? 1402 ARG A NH2 1 
ATOM   1208 N N   . ASN A 1 165 ? 13.776  5.047   -8.180  1.00 8.46  ? 1403 ASN A N   1 
ATOM   1209 C CA  . ASN A 1 165 ? 13.085  6.296   -8.403  1.00 8.28  ? 1403 ASN A CA  1 
ATOM   1210 C C   . ASN A 1 165 ? 11.587  6.260   -7.998  1.00 8.13  ? 1403 ASN A C   1 
ATOM   1211 O O   . ASN A 1 165 ? 10.778  6.875   -8.607  1.00 7.70  ? 1403 ASN A O   1 
ATOM   1212 C CB  . ASN A 1 165 ? 13.276  6.789   -9.826  1.00 8.51  ? 1403 ASN A CB  1 
ATOM   1213 C CG  . ASN A 1 165 ? 14.610  7.436   -10.048 1.00 10.67 ? 1403 ASN A CG  1 
ATOM   1214 O OD1 . ASN A 1 165 ? 15.210  7.968   -9.169  1.00 11.98 ? 1403 ASN A OD1 1 
ATOM   1215 N ND2 . ASN A 1 165 ? 15.050  7.378   -11.259 1.00 12.05 ? 1403 ASN A ND2 1 
ATOM   1216 N N   . VAL A 1 166 ? 11.325  5.561   -6.909  1.00 8.38  ? 1404 VAL A N   1 
ATOM   1217 C CA  . VAL A 1 166 ? 10.064  5.609   -6.226  1.00 8.07  ? 1404 VAL A CA  1 
ATOM   1218 C C   . VAL A 1 166 ? 10.239  6.360   -4.852  1.00 7.76  ? 1404 VAL A C   1 
ATOM   1219 O O   . VAL A 1 166 ? 10.903  5.904   -4.000  1.00 6.97  ? 1404 VAL A O   1 
ATOM   1220 C CB  . VAL A 1 166 ? 9.478   4.173   -5.913  1.00 8.52  ? 1404 VAL A CB  1 
ATOM   1221 C CG1 . VAL A 1 166 ? 8.244   4.325   -5.117  1.00 9.14  ? 1404 VAL A CG1 1 
ATOM   1222 C CG2 . VAL A 1 166 ? 9.220   3.313   -7.185  1.00 9.32  ? 1404 VAL A CG2 1 
ATOM   1223 N N   . PRO A 1 167 ? 9.594   7.515   -4.722  1.00 8.08  ? 1405 PRO A N   1 
ATOM   1224 C CA  . PRO A 1 167 ? 9.541   8.247   -3.471  1.00 7.75  ? 1405 PRO A CA  1 
ATOM   1225 C C   . PRO A 1 167 ? 9.042   7.374   -2.295  1.00 7.48  ? 1405 PRO A C   1 
ATOM   1226 O O   . PRO A 1 167 ? 8.286   6.519   -2.446  1.00 7.77  ? 1405 PRO A O   1 
ATOM   1227 C CB  . PRO A 1 167 ? 8.602   9.407   -3.761  1.00 8.29  ? 1405 PRO A CB  1 
ATOM   1228 C CG  . PRO A 1 167 ? 8.504   9.489   -5.197  1.00 8.34  ? 1405 PRO A CG  1 
ATOM   1229 C CD  . PRO A 1 167 ? 8.780   8.171   -5.748  1.00 8.25  ? 1405 PRO A CD  1 
ATOM   1230 N N   . VAL A 1 168 ? 9.505   7.706   -1.115  1.00 8.00  ? 1406 VAL A N   1 
ATOM   1231 C CA  . VAL A 1 168 ? 9.184   6.981   0.084   1.00 7.85  ? 1406 VAL A CA  1 
ATOM   1232 C C   . VAL A 1 168 ? 8.999   7.961   1.258   1.00 8.66  ? 1406 VAL A C   1 
ATOM   1233 O O   . VAL A 1 168 ? 9.716   8.866   1.394   1.00 9.02  ? 1406 VAL A O   1 
ATOM   1234 C CB  . VAL A 1 168 ? 10.264  5.910   0.468   1.00 8.36  ? 1406 VAL A CB  1 
ATOM   1235 C CG1 . VAL A 1 168 ? 9.749   5.029   1.582   1.00 7.80  ? 1406 VAL A CG1 1 
ATOM   1236 C CG2 . VAL A 1 168 ? 10.694  5.061   -0.695  1.00 8.03  ? 1406 VAL A CG2 1 
ATOM   1237 N N   . ARG A 1 169 ? 8.016   7.663   2.089   1.00 8.88  ? 1407 ARG A N   1 
ATOM   1238 C CA  . ARG A 1 169 ? 7.911   8.165   3.458   1.00 9.31  ? 1407 ARG A CA  1 
ATOM   1239 C C   . ARG A 1 169 ? 7.414   7.101   4.428   1.00 9.36  ? 1407 ARG A C   1 
ATOM   1240 O O   . ARG A 1 169 ? 6.700   6.284   4.059   1.00 9.69  ? 1407 ARG A O   1 
ATOM   1241 C CB  . ARG A 1 169 ? 6.961   9.352   3.515   1.00 9.42  ? 1407 ARG A CB  1 
ATOM   1242 C CG  . ARG A 1 169 ? 7.376   10.573  2.766   1.00 9.96  ? 1407 ARG A CG  1 
ATOM   1243 C CD  . ARG A 1 169 ? 8.498   11.352  3.418   1.00 10.66 ? 1407 ARG A CD  1 
ATOM   1244 N NE  . ARG A 1 169 ? 8.787   12.644  2.799   1.00 9.72  ? 1407 ARG A NE  1 
ATOM   1245 C CZ  . ARG A 1 169 ? 9.529   12.840  1.708   1.00 12.27 ? 1407 ARG A CZ  1 
ATOM   1246 N NH1 . ARG A 1 169 ? 10.037  11.837  1.056   1.00 13.86 ? 1407 ARG A NH1 1 
ATOM   1247 N NH2 . ARG A 1 169 ? 9.775   14.028  1.269   1.00 14.65 ? 1407 ARG A NH2 1 
ATOM   1248 N N   . ASP A 1 170 ? 7.812   7.163   5.679   1.00 10.19 ? 1408 ASP A N   1 
ATOM   1249 C CA  . ASP A 1 170 ? 6.984   6.602   6.731   1.00 11.00 ? 1408 ASP A CA  1 
ATOM   1250 C C   . ASP A 1 170 ? 5.576   7.285   6.879   1.00 10.67 ? 1408 ASP A C   1 
ATOM   1251 O O   . ASP A 1 170 ? 5.374   8.425   6.537   1.00 10.52 ? 1408 ASP A O   1 
ATOM   1252 C CB  . ASP A 1 170 ? 7.725   6.518   8.056   1.00 11.05 ? 1408 ASP A CB  1 
ATOM   1253 C CG  . ASP A 1 170 ? 8.056   7.880   8.625   1.00 13.84 ? 1408 ASP A CG  1 
ATOM   1254 O OD1 . ASP A 1 170 ? 9.168   8.337   8.377   1.00 14.91 ? 1408 ASP A OD1 1 
ATOM   1255 O OD2 . ASP A 1 170 ? 7.210   8.464   9.271   1.00 11.28 ? 1408 ASP A OD2 1 
ATOM   1256 N N   . ILE A 1 171 ? 4.637   6.522   7.377   1.00 10.05 ? 1409 ILE A N   1 
ATOM   1257 C CA  . ILE A 1 171 ? 3.300   7.024   7.534   1.00 10.18 ? 1409 ILE A CA  1 
ATOM   1258 C C   . ILE A 1 171 ? 3.135   8.238   8.416   1.00 10.21 ? 1409 ILE A C   1 
ATOM   1259 O O   . ILE A 1 171 ? 2.529   9.172   8.031   1.00 10.55 ? 1409 ILE A O   1 
ATOM   1260 C CB  . ILE A 1 171 ? 2.294   5.940   7.800   1.00 10.15 ? 1409 ILE A CB  1 
ATOM   1261 C CG1 . ILE A 1 171 ? 2.251   4.960   6.603   1.00 9.59  ? 1409 ILE A CG1 1 
ATOM   1262 C CG2 . ILE A 1 171 ? 0.961   6.510   8.129   1.00 10.95 ? 1409 ILE A CG2 1 
ATOM   1263 C CD1 . ILE A 1 171 ? 1.690   3.662   6.879   1.00 9.47  ? 1409 ILE A CD1 1 
ATOM   1264 N N   . PRO A 1 172 ? 3.764   8.218   9.584   1.00 11.62 ? 1410 PRO A N   1 
ATOM   1265 C CA  . PRO A 1 172 ? 3.718   9.418   10.453  1.00 12.00 ? 1410 PRO A CA  1 
ATOM   1266 C C   . PRO A 1 172 ? 4.195   10.674  9.710   1.00 11.80 ? 1410 PRO A C   1 
ATOM   1267 O O   . PRO A 1 172 ? 3.546   11.680  9.701   1.00 12.56 ? 1410 PRO A O   1 
ATOM   1268 C CB  . PRO A 1 172 ? 4.627   9.016   11.639  1.00 12.39 ? 1410 PRO A CB  1 
ATOM   1269 C CG  . PRO A 1 172 ? 4.417   7.600   11.709  1.00 11.87 ? 1410 PRO A CG  1 
ATOM   1270 C CD  . PRO A 1 172 ? 4.419   7.118   10.284  1.00 11.61 ? 1410 PRO A CD  1 
ATOM   1271 N N   . ALA A 1 173 ? 5.319   10.542  9.030   1.00 12.05 ? 1411 ALA A N   1 
ATOM   1272 C CA  . ALA A 1 173 ? 5.920   11.627  8.306   1.00 11.75 ? 1411 ALA A CA  1 
ATOM   1273 C C   . ALA A 1 173 ? 4.965   12.105  7.201   1.00 11.87 ? 1411 ALA A C   1 
ATOM   1274 O O   . ALA A 1 173 ? 4.762   13.267  6.990   1.00 11.00 ? 1411 ALA A O   1 
ATOM   1275 C CB  . ALA A 1 173 ? 7.191   11.198  7.733   1.00 12.46 ? 1411 ALA A CB  1 
ATOM   1276 N N   . PHE A 1 174 ? 4.409   11.154  6.486   1.00 11.29 ? 1412 PHE A N   1 
ATOM   1277 C CA  . PHE A 1 174 ? 3.457   11.482  5.467   1.00 11.60 ? 1412 PHE A CA  1 
ATOM   1278 C C   . PHE A 1 174 ? 2.196   12.193  5.980   1.00 11.96 ? 1412 PHE A C   1 
ATOM   1279 O O   . PHE A 1 174 ? 1.784   13.180  5.460   1.00 11.65 ? 1412 PHE A O   1 
ATOM   1280 C CB  . PHE A 1 174 ? 3.127   10.329  4.542   1.00 11.57 ? 1412 PHE A CB  1 
ATOM   1281 C CG  . PHE A 1 174 ? 2.431   10.796  3.226   1.00 10.59 ? 1412 PHE A CG  1 
ATOM   1282 C CD1 . PHE A 1 174 ? 3.189   11.126  2.126   1.00 10.68 ? 1412 PHE A CD1 1 
ATOM   1283 C CD2 . PHE A 1 174 ? 1.067   10.997  3.172   1.00 9.83  ? 1412 PHE A CD2 1 
ATOM   1284 C CE1 . PHE A 1 174 ? 2.598   11.581  1.004   1.00 12.35 ? 1412 PHE A CE1 1 
ATOM   1285 C CE2 . PHE A 1 174 ? 0.489   11.430  2.052   1.00 12.01 ? 1412 PHE A CE2 1 
ATOM   1286 C CZ  . PHE A 1 174 ? 1.259   11.737  0.954   1.00 11.39 ? 1412 PHE A CZ  1 
ATOM   1287 N N   . LEU A 1 175 ? 1.638   11.672  7.045   1.00 13.03 ? 1413 LEU A N   1 
ATOM   1288 C CA  . LEU A 1 175 ? 0.467   12.256  7.612   1.00 13.59 ? 1413 LEU A CA  1 
ATOM   1289 C C   . LEU A 1 175 ? 0.750   13.719  8.002   1.00 13.73 ? 1413 LEU A C   1 
ATOM   1290 O O   . LEU A 1 175 ? 0.020   14.586  7.681   1.00 13.69 ? 1413 LEU A O   1 
ATOM   1291 C CB  . LEU A 1 175 ? -0.024  11.453  8.789   1.00 14.08 ? 1413 LEU A CB  1 
ATOM   1292 C CG  . LEU A 1 175 ? -1.365  11.845  9.434   1.00 16.54 ? 1413 LEU A CG  1 
ATOM   1293 C CD1 . LEU A 1 175 ? -2.548  11.716  8.580   1.00 18.34 ? 1413 LEU A CD1 1 
ATOM   1294 C CD2 . LEU A 1 175 ? -1.549  11.185  10.690  1.00 17.69 ? 1413 LEU A CD2 1 
ATOM   1295 N N   . THR A 1 176 ? 1.842   13.920  8.671   1.00 14.29 ? 1414 THR A N   1 
ATOM   1296 C CA  . THR A 1 176 ? 2.279   15.246  9.027   1.00 15.12 ? 1414 THR A CA  1 
ATOM   1297 C C   . THR A 1 176 ? 2.386   16.189  7.819   1.00 15.26 ? 1414 THR A C   1 
ATOM   1298 O O   . THR A 1 176 ? 1.828   17.223  7.862   1.00 15.00 ? 1414 THR A O   1 
ATOM   1299 C CB  . THR A 1 176 ? 3.542   15.209  9.894   1.00 15.16 ? 1414 THR A CB  1 
ATOM   1300 O OG1 . THR A 1 176 ? 3.261   14.469  11.066  1.00 16.31 ? 1414 THR A OG1 1 
ATOM   1301 C CG2 . THR A 1 176 ? 4.053   16.620  10.234  1.00 16.50 ? 1414 THR A CG2 1 
ATOM   1302 N N   . TRP A 1 177 ? 3.070   15.735  6.766   1.00 15.09 ? 1415 TRP A N   1 
ATOM   1303 C CA  . TRP A 1 177 ? 3.213   16.484  5.525   1.00 15.50 ? 1415 TRP A CA  1 
ATOM   1304 C C   . TRP A 1 177 ? 1.834   16.862  4.898   1.00 15.62 ? 1415 TRP A C   1 
ATOM   1305 O O   . TRP A 1 177 ? 1.612   17.930  4.441   1.00 14.30 ? 1415 TRP A O   1 
ATOM   1306 C CB  . TRP A 1 177 ? 4.035   15.684  4.521   1.00 15.52 ? 1415 TRP A CB  1 
ATOM   1307 C CG  . TRP A 1 177 ? 4.121   16.379  3.203   1.00 15.07 ? 1415 TRP A CG  1 
ATOM   1308 C CD1 . TRP A 1 177 ? 4.984   17.384  2.851   1.00 16.15 ? 1415 TRP A CD1 1 
ATOM   1309 C CD2 . TRP A 1 177 ? 3.288   16.164  2.069   1.00 15.70 ? 1415 TRP A CD2 1 
ATOM   1310 N NE1 . TRP A 1 177 ? 4.722   17.800  1.588   1.00 15.45 ? 1415 TRP A NE1 1 
ATOM   1311 C CE2 . TRP A 1 177 ? 3.699   17.058  1.074   1.00 14.48 ? 1415 TRP A CE2 1 
ATOM   1312 C CE3 . TRP A 1 177 ? 2.262   15.289  1.779   1.00 15.17 ? 1415 TRP A CE3 1 
ATOM   1313 C CZ2 . TRP A 1 177 ? 3.073   17.110  -0.141  1.00 16.45 ? 1415 TRP A CZ2 1 
ATOM   1314 C CZ3 . TRP A 1 177 ? 1.685   15.346  0.583   1.00 15.52 ? 1415 TRP A CZ3 1 
ATOM   1315 C CH2 . TRP A 1 177 ? 2.082   16.236  -0.367  1.00 14.01 ? 1415 TRP A CH2 1 
ATOM   1316 N N   . ALA A 1 178 ? 0.952   15.896  4.918   1.00 16.20 ? 1416 ALA A N   1 
ATOM   1317 C CA  . ALA A 1 178 ? -0.343  16.032  4.368   1.00 17.24 ? 1416 ALA A CA  1 
ATOM   1318 C C   . ALA A 1 178 ? -1.264  17.123  4.978   1.00 18.36 ? 1416 ALA A C   1 
ATOM   1319 O O   . ALA A 1 178 ? -2.111  17.576  4.336   1.00 18.92 ? 1416 ALA A O   1 
ATOM   1320 C CB  . ALA A 1 178 ? -1.002  14.755  4.332   1.00 17.30 ? 1416 ALA A CB  1 
ATOM   1321 N N   . GLN A 1 179 ? -1.006  17.539  6.194   1.00 19.69 ? 1417 GLN A N   1 
ATOM   1322 C CA  . GLN A 1 179 ? -1.788  18.584  6.846   1.00 21.09 ? 1417 GLN A CA  1 
ATOM   1323 C C   . GLN A 1 179 ? -3.217  18.135  7.015   1.00 21.36 ? 1417 GLN A C   1 
ATOM   1324 O O   . GLN A 1 179 ? -4.071  18.837  6.592   1.00 22.66 ? 1417 GLN A O   1 
ATOM   1325 C CB  . GLN A 1 179 ? -1.737  19.970  6.174   1.00 21.34 ? 1417 GLN A CB  1 
ATOM   1326 C CG  . GLN A 1 179 ? -0.511  20.357  5.412   1.00 23.79 ? 1417 GLN A CG  1 
ATOM   1327 C CD  . GLN A 1 179 ? 0.373   21.543  6.046   1.00 28.04 ? 1417 GLN A CD  1 
ATOM   1328 O OE1 . GLN A 1 179 ? 0.340   21.803  7.231   1.00 32.82 ? 1417 GLN A OE1 1 
ATOM   1329 N NE2 . GLN A 1 179 ? 1.143   22.210  5.217   1.00 30.03 ? 1417 GLN A NE2 1 
HETATM 1330 O O   . HOH B 2 .   ? -13.878 12.056  -3.295  1.00 25.73 ? 1    HOH A O   1 
HETATM 1331 O O   . HOH B 2 .   ? 4.514   8.625   -10.983 1.00 8.71  ? 2    HOH A O   1 
HETATM 1332 O O   . HOH B 2 .   ? -10.425 -13.823 2.783   1.00 11.62 ? 3    HOH A O   1 
HETATM 1333 O O   . HOH B 2 .   ? -12.594 -12.926 1.225   1.00 13.82 ? 4    HOH A O   1 
HETATM 1334 O O   . HOH B 2 .   ? -1.845  -14.650 13.042  1.00 9.76  ? 5    HOH A O   1 
HETATM 1335 O O   . HOH B 2 .   ? -7.526  10.566  0.077   1.00 8.60  ? 6    HOH A O   1 
HETATM 1336 O O   . HOH B 2 .   ? 3.609   -14.252 19.960  1.00 10.97 ? 7    HOH A O   1 
HETATM 1337 O O   . HOH B 2 .   ? 5.278   3.797   7.721   1.00 12.73 ? 8    HOH A O   1 
HETATM 1338 O O   . HOH B 2 .   ? -8.380  7.486   11.903  1.00 17.00 ? 9    HOH A O   1 
HETATM 1339 O O   . HOH B 2 .   ? 16.464  3.098   4.295   1.00 13.31 ? 10   HOH A O   1 
HETATM 1340 O O   . HOH B 2 .   ? -8.750  -14.179 7.500   1.00 15.20 ? 11   HOH A O   1 
HETATM 1341 O O   . HOH B 2 .   ? -1.719  -16.445 24.381  1.00 10.64 ? 12   HOH A O   1 
HETATM 1342 O O   . HOH B 2 .   ? -0.195  -12.601 14.239  1.00 11.25 ? 13   HOH A O   1 
HETATM 1343 O O   . HOH B 2 .   ? 12.637  9.012   1.792   1.00 17.87 ? 14   HOH A O   1 
HETATM 1344 O O   . HOH B 2 .   ? -9.791  -11.914 6.744   1.00 10.49 ? 15   HOH A O   1 
HETATM 1345 O O   . HOH B 2 .   ? -6.616  -12.998 -3.168  1.00 18.13 ? 16   HOH A O   1 
HETATM 1346 O O   . HOH B 2 .   ? 4.422   -13.219 22.199  1.00 11.56 ? 17   HOH A O   1 
HETATM 1347 O O   . HOH B 2 .   ? -6.613  -13.786 0.995   1.00 13.17 ? 18   HOH A O   1 
HETATM 1348 O O   . HOH B 2 .   ? 10.515  5.152   5.603   1.00 12.88 ? 19   HOH A O   1 
HETATM 1349 O O   . HOH B 2 .   ? 10.710  -9.065  0.596   1.00 24.55 ? 20   HOH A O   1 
HETATM 1350 O O   . HOH B 2 .   ? 15.034  8.223   -5.402  1.00 20.47 ? 21   HOH A O   1 
HETATM 1351 O O   . HOH B 2 .   ? 4.812   -2.682  -12.424 1.00 14.30 ? 22   HOH A O   1 
HETATM 1352 O O   . HOH B 2 .   ? -5.489  -20.703 -3.458  1.00 25.40 ? 23   HOH A O   1 
HETATM 1353 O O   . HOH B 2 .   ? 4.397   -6.384  3.233   1.00 16.43 ? 24   HOH A O   1 
HETATM 1354 O O   . HOH B 2 .   ? 10.586  4.643   -11.090 1.00 10.74 ? 25   HOH A O   1 
HETATM 1355 O O   . HOH B 2 .   ? -11.851 2.726   -6.468  1.00 23.03 ? 26   HOH A O   1 
HETATM 1356 O O   . HOH B 2 .   ? 2.244   11.738  12.287  1.00 24.79 ? 27   HOH A O   1 
HETATM 1357 O O   . HOH B 2 .   ? -8.436  -15.781 5.385   1.00 15.57 ? 28   HOH A O   1 
HETATM 1358 O O   . HOH B 2 .   ? -6.165  6.193   -12.751 1.00 20.62 ? 29   HOH A O   1 
HETATM 1359 O O   . HOH B 2 .   ? 6.468   -0.730  7.308   1.00 10.85 ? 30   HOH A O   1 
HETATM 1360 O O   . HOH B 2 .   ? -12.405 -12.946 -6.039  1.00 14.38 ? 31   HOH A O   1 
HETATM 1361 O O   . HOH B 2 .   ? -6.816  -13.424 20.598  1.00 15.24 ? 32   HOH A O   1 
HETATM 1362 O O   . HOH B 2 .   ? 8.306   12.820  -16.247 1.00 13.63 ? 33   HOH A O   1 
HETATM 1363 O O   . HOH B 2 .   ? 6.615   15.264  7.494   1.00 15.91 ? 34   HOH A O   1 
HETATM 1364 O O   . HOH B 2 .   ? 5.081   -5.227  6.070   1.00 11.72 ? 35   HOH A O   1 
HETATM 1365 O O   . HOH B 2 .   ? 0.264   16.108  -3.735  1.00 18.12 ? 36   HOH A O   1 
HETATM 1366 O O   . HOH B 2 .   ? -3.654  2.679   14.239  1.00 19.22 ? 37   HOH A O   1 
HETATM 1367 O O   . HOH B 2 .   ? 0.058   -13.693 6.688   1.00 16.80 ? 38   HOH A O   1 
HETATM 1368 O O   . HOH B 2 .   ? -12.662 7.408   3.342   1.00 12.56 ? 39   HOH A O   1 
HETATM 1369 O O   . HOH B 2 .   ? -3.458  8.973   13.162  1.00 26.95 ? 40   HOH A O   1 
HETATM 1370 O O   . HOH B 2 .   ? 3.314   0.880   5.344   1.00 18.29 ? 41   HOH A O   1 
HETATM 1371 O O   . HOH B 2 .   ? -13.932 11.988  4.061   1.00 18.26 ? 42   HOH A O   1 
HETATM 1372 O O   . HOH B 2 .   ? -2.073  5.472   13.112  1.00 18.74 ? 43   HOH A O   1 
HETATM 1373 O O   . HOH B 2 .   ? 5.403   13.744  12.118  1.00 33.05 ? 44   HOH A O   1 
HETATM 1374 O O   . HOH B 2 .   ? 0.162   -5.702  -6.361  1.00 18.89 ? 45   HOH A O   1 
HETATM 1375 O O   . HOH B 2 .   ? 12.205  -4.488  -7.337  1.00 23.43 ? 46   HOH A O   1 
HETATM 1376 O O   . HOH B 2 .   ? -3.261  -15.763 17.228  1.00 24.29 ? 48   HOH A O   1 
HETATM 1377 O O   . HOH B 2 .   ? 0.052   14.169  -14.266 1.00 13.42 ? 49   HOH A O   1 
HETATM 1378 O O   . HOH B 2 .   ? 10.324  -9.770  -2.644  1.00 26.84 ? 50   HOH A O   1 
HETATM 1379 O O   . HOH B 2 .   ? -0.205  -8.081  -5.217  1.00 13.25 ? 51   HOH A O   1 
HETATM 1380 O O   . HOH B 2 .   ? 0.460   18.969  2.066   1.00 22.55 ? 52   HOH A O   1 
HETATM 1381 O O   . HOH B 2 .   ? 3.104   -17.299 18.928  1.00 31.49 ? 53   HOH A O   1 
HETATM 1382 O O   . HOH B 2 .   ? 9.725   9.730   5.934   1.00 19.19 ? 54   HOH A O   1 
HETATM 1383 O O   . HOH B 2 .   ? 15.539  14.537  -7.240  1.00 26.36 ? 55   HOH A O   1 
HETATM 1384 O O   . HOH B 2 .   ? -11.102 6.368   5.685   1.00 23.61 ? 56   HOH A O   1 
HETATM 1385 O O   . HOH B 2 .   ? 1.911   -1.610  16.056  1.00 37.09 ? 57   HOH A O   1 
HETATM 1386 O O   . HOH B 2 .   ? -2.232  -17.877 7.952   1.00 29.19 ? 58   HOH A O   1 
HETATM 1387 O O   . HOH B 2 .   ? -9.173  -12.495 13.237  1.00 16.94 ? 59   HOH A O   1 
HETATM 1388 O O   . HOH B 2 .   ? 11.775  10.443  -1.236  1.00 2.67  ? 62   HOH A O   1 
HETATM 1389 O O   . HOH B 2 .   ? -3.681  9.228   -12.907 1.00 16.04 ? 63   HOH A O   1 
HETATM 1390 O O   . HOH B 2 .   ? -2.103  11.521  -13.036 1.00 12.64 ? 64   HOH A O   1 
HETATM 1391 O O   . HOH B 2 .   ? 13.929  -1.471  8.779   1.00 23.09 ? 65   HOH A O   1 
HETATM 1392 O O   . HOH B 2 .   ? 4.667   -4.148  13.091  1.00 26.29 ? 66   HOH A O   1 
HETATM 1393 O O   . HOH B 2 .   ? -0.345  -16.012 11.077  1.00 15.10 ? 67   HOH A O   1 
HETATM 1394 O O   . HOH B 2 .   ? 9.920   -5.109  -8.411  1.00 33.73 ? 68   HOH A O   1 
HETATM 1395 O O   . HOH B 2 .   ? 7.020   -8.128  -9.029  1.00 26.98 ? 69   HOH A O   1 
HETATM 1396 O O   . HOH B 2 .   ? 0.596   7.994   -12.192 1.00 18.16 ? 70   HOH A O   1 
HETATM 1397 O O   . HOH B 2 .   ? -1.345  16.791  -0.883  1.00 27.07 ? 71   HOH A O   1 
HETATM 1398 O O   . HOH B 2 .   ? -3.525  4.956   -13.180 1.00 29.37 ? 72   HOH A O   1 
HETATM 1399 O O   . HOH B 2 .   ? 6.047   10.498  -14.771 1.00 18.71 ? 73   HOH A O   1 
HETATM 1400 O O   . HOH B 2 .   ? 12.513  10.483  -25.446 1.00 23.12 ? 74   HOH A O   1 
HETATM 1401 O O   . HOH B 2 .   ? 11.341  7.445   4.489   1.00 14.72 ? 75   HOH A O   1 
HETATM 1402 O O   . HOH B 2 .   ? 12.867  -5.717  3.335   1.00 15.94 ? 76   HOH A O   1 
HETATM 1403 O O   . HOH B 2 .   ? -14.585 -10.603 -4.805  1.00 25.39 ? 77   HOH A O   1 
HETATM 1404 O O   . HOH B 2 .   ? -8.619  -12.320 -4.605  1.00 19.90 ? 78   HOH A O   1 
HETATM 1405 O O   . HOH B 2 .   ? -2.673  0.296   13.963  1.00 21.78 ? 79   HOH A O   1 
HETATM 1406 O O   . HOH B 2 .   ? 1.715   0.730   -15.816 1.00 31.84 ? 80   HOH A O   1 
HETATM 1407 O O   . HOH B 2 .   ? -3.981  2.332   -13.028 1.00 27.81 ? 81   HOH A O   1 
HETATM 1408 O O   . HOH B 2 .   ? -9.618  -19.658 -4.318  1.00 27.49 ? 82   HOH A O   1 
HETATM 1409 O O   . HOH B 2 .   ? -4.972  -19.306 4.382   1.00 25.73 ? 83   HOH A O   1 
HETATM 1410 O O   . HOH B 2 .   ? 4.613   -8.585  12.929  1.00 24.81 ? 84   HOH A O   1 
HETATM 1411 O O   . HOH B 2 .   ? 7.930   10.669  -17.109 1.00 30.51 ? 85   HOH A O   1 
HETATM 1412 O O   . HOH B 2 .   ? 0.774   16.442  -14.380 1.00 33.71 ? 86   HOH A O   1 
HETATM 1413 O O   . HOH B 2 .   ? -10.320 7.390   -8.389  1.00 26.47 ? 87   HOH A O   1 
HETATM 1414 O O   . HOH B 2 .   ? 10.229  4.735   9.915   1.00 31.38 ? 88   HOH A O   1 
HETATM 1415 O O   . HOH B 2 .   ? -8.176  4.272   -12.874 1.00 32.82 ? 89   HOH A O   1 
HETATM 1416 O O   . HOH B 2 .   ? 15.530  -6.708  -6.355  1.00 29.21 ? 90   HOH A O   1 
HETATM 1417 O O   . HOH B 2 .   ? -2.332  -12.175 -4.637  1.00 25.73 ? 92   HOH A O   1 
HETATM 1418 O O   . HOH B 2 .   ? 2.244   -5.720  -7.920  1.00 28.24 ? 93   HOH A O   1 
HETATM 1419 O O   . HOH B 2 .   ? -4.977  -15.695 2.004   1.00 18.43 ? 94   HOH A O   1 
HETATM 1420 O O   . HOH B 2 .   ? 2.471   2.423   15.470  1.00 23.38 ? 95   HOH A O   1 
HETATM 1421 O O   . HOH B 2 .   ? 1.558   10.236  -13.445 1.00 26.45 ? 96   HOH A O   1 
HETATM 1422 O O   . HOH B 2 .   ? 7.518   -4.018  5.483   1.00 22.51 ? 97   HOH A O   1 
HETATM 1423 O O   . HOH B 2 .   ? -7.144  -15.330 18.502  1.00 23.38 ? 98   HOH A O   1 
HETATM 1424 O O   . HOH B 2 .   ? -1.912  -18.641 25.546  1.00 31.17 ? 99   HOH A O   1 
HETATM 1425 O O   . HOH B 2 .   ? 4.396   1.542   7.685   1.00 26.32 ? 100  HOH A O   1 
HETATM 1426 O O   . HOH B 2 .   ? 9.591   -5.332  3.763   1.00 29.03 ? 101  HOH A O   1 
HETATM 1427 O O   . HOH B 2 .   ? 1.813   -5.173  17.197  1.00 25.30 ? 102  HOH A O   1 
HETATM 1428 O O   . HOH B 2 .   ? 4.168   9.066   -13.766 1.00 15.73 ? 103  HOH A O   1 
HETATM 1429 O O   . HOH B 2 .   ? -6.325  -11.594 18.883  1.00 15.28 ? 104  HOH A O   1 
HETATM 1430 O O   . HOH B 2 .   ? -5.170  -0.850  14.639  1.00 22.26 ? 105  HOH A O   1 
HETATM 1431 O O   . HOH B 2 .   ? -4.938  -1.602  17.394  1.00 39.57 ? 106  HOH A O   1 
HETATM 1432 O O   . HOH B 2 .   ? -6.754  1.330   14.728  1.00 26.26 ? 107  HOH A O   1 
HETATM 1433 O O   . HOH B 2 .   ? -4.532  -2.505  12.632  1.00 13.58 ? 108  HOH A O   1 
HETATM 1434 O O   . HOH B 2 .   ? -4.308  -5.930  19.092  1.00 25.51 ? 109  HOH A O   1 
HETATM 1435 O O   . HOH B 2 .   ? -13.926 -8.764  11.701  1.00 39.19 ? 110  HOH A O   1 
HETATM 1436 O O   . HOH B 2 .   ? -12.037 -8.338  9.646   1.00 15.71 ? 111  HOH A O   1 
HETATM 1437 O O   . HOH B 2 .   ? -16.113 -4.365  7.475   1.00 36.66 ? 112  HOH A O   1 
HETATM 1438 O O   . HOH B 2 .   ? -11.510 -1.528  11.579  1.00 37.50 ? 113  HOH A O   1 
HETATM 1439 O O   . HOH B 2 .   ? -10.495 11.887  9.317   1.00 30.08 ? 124  HOH A O   1 
HETATM 1440 O O   . HOH B 2 .   ? -10.203 8.644   11.112  1.00 36.84 ? 125  HOH A O   1 
HETATM 1441 O O   . HOH B 2 .   ? -16.160 7.687   -2.843  1.00 13.35 ? 126  HOH A O   1 
HETATM 1442 O O   . HOH B 2 .   ? -10.063 -15.011 9.594   1.00 18.67 ? 127  HOH A O   1 
HETATM 1443 O O   . HOH B 2 .   ? -12.077 -17.490 5.615   1.00 17.65 ? 128  HOH A O   1 
HETATM 1444 O O   . HOH B 2 .   ? -14.128 -7.928  7.945   1.00 19.64 ? 129  HOH A O   1 
HETATM 1445 O O   . HOH B 2 .   ? -12.926 1.361   -3.103  1.00 12.69 ? 130  HOH A O   1 
HETATM 1446 O O   . HOH B 2 .   ? -14.771 0.694   -4.959  1.00 17.47 ? 131  HOH A O   1 
HETATM 1447 O O   . HOH B 2 .   ? -2.631  -10.267 -7.069  1.00 44.57 ? 132  HOH A O   1 
HETATM 1448 O O   . HOH B 2 .   ? -10.075 1.075   -10.600 1.00 43.94 ? 133  HOH A O   1 
HETATM 1449 O O   . HOH B 2 .   ? -15.442 -5.227  -2.083  1.00 16.31 ? 134  HOH A O   1 
HETATM 1450 O O   . HOH B 2 .   ? -14.319 -11.280 2.159   1.00 23.87 ? 135  HOH A O   1 
HETATM 1451 O O   . HOH B 2 .   ? 5.640   -12.026 -2.426  1.00 30.43 ? 136  HOH A O   1 
HETATM 1452 O O   . HOH B 2 .   ? 8.715   14.553  5.660   1.00 31.14 ? 139  HOH A O   1 
HETATM 1453 O O   . HOH B 2 .   ? 5.095   0.029   9.364   1.00 26.96 ? 142  HOH A O   1 
HETATM 1454 O O   . HOH B 2 .   ? 0.558   14.235  12.691  1.00 34.67 ? 143  HOH A O   1 
HETATM 1455 O O   . HOH B 2 .   ? -13.962 0.053   9.617   1.00 34.35 ? 145  HOH A O   1 
HETATM 1456 O O   . HOH B 2 .   ? -14.813 4.347   7.464   1.00 29.34 ? 146  HOH A O   1 
HETATM 1457 O O   . HOH B 2 .   ? -15.712 -5.467  0.708   1.00 26.63 ? 147  HOH A O   1 
HETATM 1458 O O   . HOH B 2 .   ? 3.557   -12.649 -9.929  1.00 34.54 ? 148  HOH A O   1 
HETATM 1459 O O   . HOH B 2 .   ? -4.121  -17.537 -3.780  1.00 37.99 ? 150  HOH A O   1 
HETATM 1460 O O   . HOH B 2 .   ? 7.110   -7.148  2.538   1.00 32.34 ? 151  HOH A O   1 
HETATM 1461 O O   . HOH B 2 .   ? 7.423   6.124   -24.833 1.00 28.66 ? 152  HOH A O   1 
HETATM 1462 O O   . HOH B 2 .   ? 6.715   4.947   11.868  1.00 19.74 ? 153  HOH A O   1 
HETATM 1463 O O   . HOH B 2 .   ? -15.446 10.859  -5.762  1.00 30.74 ? 154  HOH A O   1 
HETATM 1464 O O   . HOH B 2 .   ? -11.974 -13.129 5.045   1.00 26.82 ? 155  HOH A O   1 
HETATM 1465 O O   . HOH B 2 .   ? -1.703  -16.273 15.332  1.00 23.41 ? 157  HOH A O   1 
HETATM 1466 O O   . HOH B 2 .   ? -6.255  -18.259 15.053  1.00 33.51 ? 158  HOH A O   1 
HETATM 1467 O O   . HOH B 2 .   ? -10.557 -10.572 9.224   1.00 23.91 ? 159  HOH A O   1 
HETATM 1468 O O   . HOH B 2 .   ? -10.961 -12.764 10.961  1.00 24.11 ? 160  HOH A O   1 
HETATM 1469 O O   . HOH B 2 .   ? -5.859  -16.518 4.525   1.00 24.38 ? 161  HOH A O   1 
HETATM 1470 O O   . HOH B 2 .   ? 1.117   9.591   12.801  1.00 31.55 ? 162  HOH A O   1 
HETATM 1471 O O   . HOH B 2 .   ? 6.140   17.853  6.954   1.00 27.74 ? 164  HOH A O   1 
HETATM 1472 O O   . HOH B 2 .   ? 0.160   -15.644 8.517   1.00 23.69 ? 166  HOH A O   1 
HETATM 1473 O O   . HOH B 2 .   ? -6.616  -10.351 -17.351 1.00 36.79 ? 167  HOH A O   1 
HETATM 1474 O O   . HOH B 2 .   ? 2.405   20.756  0.619   1.00 33.91 ? 168  HOH A O   1 
HETATM 1475 O O   . HOH B 2 .   ? -2.578  14.418  -15.526 1.00 29.06 ? 170  HOH A O   1 
HETATM 1476 O O   . HOH B 2 .   ? 15.146  -4.306  6.877   1.00 36.57 ? 171  HOH A O   1 
HETATM 1477 O O   . HOH B 2 .   ? 9.964   7.212   -29.188 1.00 43.09 ? 173  HOH A O   1 
HETATM 1478 O O   . HOH B 2 .   ? -17.400 -11.450 -4.967  1.00 31.59 ? 174  HOH A O   1 
HETATM 1479 O O   . HOH B 2 .   ? 12.178  2.973   10.043  1.00 33.82 ? 175  HOH A O   1 
HETATM 1480 O O   . HOH B 2 .   ? 4.285   -18.029 23.753  1.00 30.06 ? 176  HOH A O   1 
HETATM 1481 O O   . HOH B 2 .   ? -16.954 -2.148  9.663   1.00 35.16 ? 177  HOH A O   1 
HETATM 1482 O O   . HOH B 2 .   ? -12.849 -3.396  15.108  1.00 31.68 ? 178  HOH A O   1 
HETATM 1483 O O   . HOH B 2 .   ? -15.015 -14.771 2.977   1.00 24.03 ? 179  HOH A O   1 
HETATM 1484 O O   . HOH B 2 .   ? -4.613  -15.663 -2.695  1.00 26.44 ? 180  HOH A O   1 
HETATM 1485 O O   . HOH B 2 .   ? 5.258   -7.757  7.416   1.00 25.25 ? 181  HOH A O   1 
HETATM 1486 O O   . HOH B 2 .   ? -14.469 9.230   3.667   1.00 23.16 ? 182  HOH A O   1 
HETATM 1487 O O   . HOH B 2 .   ? 7.299   -10.314 -8.217  1.00 26.55 ? 183  HOH A O   1 
HETATM 1488 O O   . HOH B 2 .   ? 8.858   -4.381  -10.846 0.50 20.00 ? 184  HOH A O   1 
HETATM 1489 O O   . HOH B 2 .   ? -7.390  -17.499 22.400  1.00 20.00 ? 185  HOH A O   1 
HETATM 1490 O O   . HOH B 2 .   ? -4.593  14.251  7.027   1.00 20.00 ? 186  HOH A O   1 
HETATM 1491 O O   . HOH B 2 .   ? -12.667 -4.629  -9.368  1.00 20.00 ? 187  HOH A O   1 
HETATM 1492 O O   . HOH B 2 .   ? 7.770   -2.347  8.532   1.00 20.00 ? 189  HOH A O   1 
HETATM 1493 O O   . HOH B 2 .   ? 13.410  -5.760  6.668   1.00 20.00 ? 190  HOH A O   1 
HETATM 1494 O O   . HOH B 2 .   ? -9.998  4.540   -7.127  1.00 20.00 ? 191  HOH A O   1 
HETATM 1495 O O   . HOH B 2 .   ? -2.178  -15.495 3.165   1.00 20.00 ? 192  HOH A O   1 
HETATM 1496 O O   . HOH B 2 .   ? 0.409   18.791  9.375   1.00 20.00 ? 194  HOH A O   1 
HETATM 1497 O O   . HOH B 2 .   ? 16.928  21.499  -18.004 1.00 20.00 ? 196  HOH A O   1 
HETATM 1498 O O   . HOH B 2 .   ? 0.225   -21.304 0.196   1.00 20.00 ? 197  HOH A O   1 
HETATM 1499 O O   . HOH B 2 .   ? -8.569  -21.747 6.113   1.00 20.00 ? 198  HOH A O   1 
HETATM 1500 O O   . HOH B 2 .   ? -4.436  -21.593 8.803   1.00 20.00 ? 199  HOH A O   1 
HETATM 1501 O O   . HOH B 2 .   ? -1.548  -17.879 4.810   1.00 20.00 ? 200  HOH A O   1 
HETATM 1502 O O   . HOH B 2 .   ? -3.482  15.674  12.237  1.00 20.00 ? 201  HOH A O   1 
HETATM 1503 O O   . HOH B 2 .   ? 7.092   9.419   -28.271 1.00 20.00 ? 203  HOH A O   1 
HETATM 1504 O O   . HOH B 2 .   ? 13.578  -7.185  -3.107  1.00 20.00 ? 204  HOH A O   1 
HETATM 1505 O O   . HOH B 2 .   ? 8.528   10.387  11.068  1.00 20.00 ? 206  HOH A O   1 
HETATM 1506 O O   . HOH B 2 .   ? -9.499  -17.954 12.557  1.00 20.00 ? 208  HOH A O   1 
HETATM 1507 O O   . HOH B 2 .   ? 7.923   -15.405 3.400   1.00 20.00 ? 210  HOH A O   1 
# 
